data_8XX7
#
_entry.id   8XX7
#
loop_
_entity.id
_entity.type
_entity.pdbx_description
1 polymer 'C-X-C motif chemokine 5'
2 polymer 'C-X-C chemokine receptor type 2'
3 polymer 'Guanine nucleotide-binding protein G(o) subunit alpha'
4 polymer 'Guanine nucleotide-binding protein G(I)/G(S)/G(T) subunit beta-1'
5 polymer 'Guanine nucleotide-binding protein G(I)/G(S)/G(O) subunit gamma-2'
#
loop_
_entity_poly.entity_id
_entity_poly.type
_entity_poly.pdbx_seq_one_letter_code
_entity_poly.pdbx_strand_id
1 'polypeptide(L)' AGPAAAVLRELRCVCLQTTQGVHPKMISNLQVFAIGPQCSKVEVVASLKNGKEICLDPEAPFLKKVIQKILDGGNKEN D,B
2 'polypeptide(L)'
;MGKTIIALSYIFCLVFADYKDDDDAANFTPVNGSSGNQSVRLVTSSSLEVLFQGPGSEDFNMESDSFEDFWKGEDLSNYS
YSSTLPPFLLDAAPCEPESLEINKYFVVIIYALVFLLSLLGNSLVMLVILYSRVGRSVTDVYLLNLALADLLFALTLPIW
AASKVNGWIFGTFLCKVVSLLKEVNFYSGILLLACISVDRYLAIVHATRTLTQKRYLVKFICLSIWGLSLLLALPVLLFR
RTVYSSNVSPACYEDMGNNTANWRMLLRILPQSFGFIVPLLIMLFCYGFTLRTLFKAHMGQKHRAMRVIFAVVLIFLLCW
LPYNLVLLADTLMRTQVIQETCERRNHIDRALDATEILGILHSCLNPLIYAFIGQKFRHGLLKILAIHGLISKDSLPKDS
RPSFVGSSSGHTSTTL
;
R,C
3 'polypeptide(L)'
;MGHHHHHHENLYFQGTLSAEERAALERSKAIEKNLKEDGISAAKDVKLLLLGADNSGKSTIVKQMKIIHGGSGGSGGTTG
IVETHFTFKNLHFRLFDVGGQRSERKKWIHCFEDVTAIIFCVDLSDYNRMHESLMLFDSICNNKFFIDTSIILFLNKKDL
FGEKIKKSPLTICFPEYTGPNTYEDAAAYIQAQFESKNRSPNKEIYCHMTCATDTNNAQVIFDAVTDIIIANNLRGCGLY
;
A,F
4 'polypeptide(L)'
;MHHHHHHGSSGSELDQLRQEAEQLKNQIRDARKACADATLSQITNNIDPVGRIQMRTRRTLRGHLAKIYAMHWGTDSRLL
VSASQDGKLIIWDSYTTNKVHAIPLRSSWVMTCAYAPSGNYVACGGLDNICSIYNLKTREGNVRVSRELAGHTGYLSCCR
FLDDNQIVTSSGDTTCALWDIETGQQTTTFTGHTGDVMSLSLAPDTRLFVSGACDASAKLWDVREGMCRQTFTGHESDIN
AICFFPNGNAFATGSDDATCRLFDLRADQELMTYSHDNIICGITSVSFSKSGRLLLAGYDDFNCNVWDALKADRAGVLAG
HDNRVSCLGVTDDGMAVATGSWDSFLKIWN
;
E,H
5 'polypeptide(L)' MASNNTASIAQARKLVEQLKMEANIDRIKVSKAAADLMAYCEAHAKEDPLLTPVPASENPFREKKFFCAIL G,I
#
# COMPACT_ATOMS: atom_id res chain seq x y z
N GLU A 10 -27.37 -11.06 -4.37
CA GLU A 10 -28.75 -11.48 -4.12
C GLU A 10 -28.97 -11.81 -2.65
N LEU A 11 -30.03 -11.27 -2.08
CA LEU A 11 -30.36 -11.53 -0.69
C LEU A 11 -30.90 -12.95 -0.53
N ARG A 12 -30.51 -13.60 0.56
CA ARG A 12 -30.87 -14.98 0.81
C ARG A 12 -31.19 -15.16 2.28
N CYS A 13 -31.91 -16.25 2.58
CA CYS A 13 -32.22 -16.58 3.95
C CYS A 13 -30.94 -16.88 4.72
N VAL A 14 -30.99 -16.64 6.03
CA VAL A 14 -29.81 -16.79 6.88
C VAL A 14 -29.76 -18.14 7.57
N CYS A 15 -30.84 -18.91 7.55
CA CYS A 15 -30.93 -20.15 8.30
C CYS A 15 -31.40 -21.27 7.37
N LEU A 16 -30.48 -22.14 6.98
CA LEU A 16 -30.81 -23.27 6.13
C LEU A 16 -31.49 -24.41 6.89
N GLN A 17 -30.94 -24.79 8.04
CA GLN A 17 -31.52 -25.80 8.89
C GLN A 17 -31.65 -25.25 10.29
N THR A 18 -32.56 -25.83 11.07
CA THR A 18 -32.98 -25.26 12.33
C THR A 18 -32.81 -26.26 13.47
N THR A 19 -32.63 -25.71 14.67
CA THR A 19 -32.51 -26.48 15.89
C THR A 19 -33.56 -26.03 16.89
N GLN A 20 -34.02 -26.96 17.72
CA GLN A 20 -35.07 -26.67 18.70
C GLN A 20 -34.60 -26.80 20.14
N GLY A 21 -33.39 -27.31 20.37
CA GLY A 21 -32.94 -27.57 21.72
C GLY A 21 -31.63 -26.88 22.07
N VAL A 22 -31.70 -25.92 22.99
CA VAL A 22 -30.52 -25.23 23.50
C VAL A 22 -30.82 -24.75 24.91
N HIS A 23 -29.84 -24.87 25.80
CA HIS A 23 -30.05 -24.47 27.18
C HIS A 23 -30.12 -22.94 27.26
N PRO A 24 -31.15 -22.36 27.87
CA PRO A 24 -31.26 -20.90 27.89
C PRO A 24 -30.08 -20.21 28.53
N LYS A 25 -29.44 -20.82 29.53
CA LYS A 25 -28.36 -20.16 30.25
C LYS A 25 -27.16 -19.87 29.38
N MET A 26 -27.06 -20.50 28.21
CA MET A 26 -25.93 -20.30 27.31
C MET A 26 -26.18 -19.22 26.27
N ILE A 27 -27.38 -18.63 26.26
CA ILE A 27 -27.76 -17.69 25.22
C ILE A 27 -27.36 -16.28 25.65
N SER A 28 -26.74 -15.54 24.73
CA SER A 28 -26.39 -14.15 24.95
C SER A 28 -27.17 -13.19 24.07
N ASN A 29 -27.44 -13.55 22.82
CA ASN A 29 -28.17 -12.66 21.92
C ASN A 29 -29.21 -13.44 21.14
N LEU A 30 -30.35 -12.78 20.91
CA LEU A 30 -31.41 -13.29 20.04
C LEU A 30 -31.72 -12.22 19.00
N GLN A 31 -31.41 -12.50 17.75
CA GLN A 31 -31.68 -11.59 16.65
C GLN A 31 -32.82 -12.15 15.82
N VAL A 32 -33.88 -11.38 15.67
CA VAL A 32 -35.09 -11.82 14.98
C VAL A 32 -35.19 -11.08 13.66
N PHE A 33 -35.22 -11.83 12.56
CA PHE A 33 -35.49 -11.27 11.24
C PHE A 33 -36.92 -11.62 10.87
N ALA A 34 -37.71 -10.58 10.60
CA ALA A 34 -39.11 -10.72 10.24
C ALA A 34 -39.25 -10.98 8.74
N ILE A 35 -40.46 -11.33 8.34
CA ILE A 35 -40.71 -11.66 6.95
C ILE A 35 -40.46 -10.44 6.08
N GLY A 36 -39.71 -10.63 5.02
CA GLY A 36 -39.36 -9.54 4.13
C GLY A 36 -38.70 -10.04 2.86
N PRO A 37 -38.11 -9.11 2.10
CA PRO A 37 -37.43 -9.52 0.86
C PRO A 37 -36.33 -10.55 1.08
N GLN A 38 -35.63 -10.48 2.21
CA GLN A 38 -34.51 -11.39 2.44
C GLN A 38 -34.97 -12.84 2.43
N CYS A 39 -36.06 -13.13 3.13
CA CYS A 39 -36.56 -14.49 3.26
C CYS A 39 -38.07 -14.46 3.43
N SER A 40 -38.69 -15.60 3.13
CA SER A 40 -40.14 -15.74 3.22
C SER A 40 -40.61 -16.19 4.58
N LYS A 41 -39.70 -16.55 5.48
CA LYS A 41 -40.04 -17.06 6.79
C LYS A 41 -39.30 -16.28 7.87
N VAL A 42 -39.93 -16.13 9.03
CA VAL A 42 -39.26 -15.54 10.17
C VAL A 42 -38.07 -16.41 10.55
N GLU A 43 -37.00 -15.78 11.04
CA GLU A 43 -35.83 -16.55 11.44
C GLU A 43 -35.17 -15.91 12.65
N VAL A 44 -34.88 -16.72 13.66
CA VAL A 44 -34.28 -16.26 14.90
C VAL A 44 -32.90 -16.89 15.02
N VAL A 45 -31.90 -16.04 15.26
CA VAL A 45 -30.51 -16.45 15.40
C VAL A 45 -30.10 -16.23 16.84
N ALA A 46 -29.57 -17.28 17.45
CA ALA A 46 -29.11 -17.25 18.82
C ALA A 46 -27.59 -17.27 18.84
N SER A 47 -26.99 -16.24 19.41
CA SER A 47 -25.55 -16.17 19.59
C SER A 47 -25.23 -16.49 21.05
N LEU A 48 -24.40 -17.50 21.25
CA LEU A 48 -24.12 -18.06 22.57
C LEU A 48 -22.88 -17.43 23.16
N LYS A 49 -22.66 -17.72 24.45
CA LYS A 49 -21.45 -17.25 25.11
C LYS A 49 -20.20 -17.90 24.54
N ASN A 50 -20.32 -19.09 23.96
CA ASN A 50 -19.17 -19.77 23.39
C ASN A 50 -18.59 -19.02 22.19
N GLY A 51 -19.35 -18.09 21.62
CA GLY A 51 -18.95 -17.43 20.40
C GLY A 51 -19.53 -18.03 19.13
N LYS A 52 -20.32 -19.09 19.25
CA LYS A 52 -20.94 -19.75 18.11
C LYS A 52 -22.32 -19.16 17.87
N GLU A 53 -22.97 -19.64 16.80
CA GLU A 53 -24.28 -19.16 16.41
C GLU A 53 -25.15 -20.34 16.03
N ILE A 54 -26.44 -20.23 16.33
CA ILE A 54 -27.42 -21.26 16.01
C ILE A 54 -28.67 -20.59 15.45
N CYS A 55 -29.47 -21.37 14.74
CA CYS A 55 -30.73 -20.90 14.17
C CYS A 55 -31.86 -21.67 14.84
N LEU A 56 -32.66 -20.96 15.64
CA LEU A 56 -33.73 -21.63 16.37
C LEU A 56 -34.98 -21.77 15.51
N ASP A 57 -35.91 -22.57 15.98
CA ASP A 57 -37.18 -22.76 15.30
C ASP A 57 -38.15 -21.66 15.71
N PRO A 58 -38.60 -20.81 14.77
CA PRO A 58 -39.52 -19.74 15.17
C PRO A 58 -40.81 -20.23 15.78
N GLU A 59 -41.32 -21.37 15.31
CA GLU A 59 -42.65 -21.83 15.70
C GLU A 59 -42.64 -22.76 16.90
N ALA A 60 -41.48 -23.07 17.47
CA ALA A 60 -41.43 -23.96 18.61
C ALA A 60 -41.84 -23.21 19.88
N PRO A 61 -42.39 -23.91 20.87
CA PRO A 61 -42.69 -23.26 22.15
C PRO A 61 -41.45 -22.75 22.88
N PHE A 62 -40.28 -23.29 22.54
CA PHE A 62 -39.06 -22.98 23.27
C PHE A 62 -38.70 -21.51 23.15
N LEU A 63 -38.90 -20.94 21.96
CA LEU A 63 -38.47 -19.56 21.71
C LEU A 63 -39.21 -18.57 22.61
N LYS A 64 -40.52 -18.75 22.76
CA LYS A 64 -41.31 -17.80 23.55
C LYS A 64 -40.87 -17.81 25.01
N LYS A 65 -40.68 -19.00 25.57
CA LYS A 65 -40.23 -19.10 26.95
C LYS A 65 -38.85 -18.49 27.11
N VAL A 66 -37.97 -18.72 26.14
CA VAL A 66 -36.64 -18.14 26.21
C VAL A 66 -36.71 -16.63 26.24
N ILE A 67 -37.50 -16.05 25.33
CA ILE A 67 -37.61 -14.60 25.27
C ILE A 67 -38.18 -14.05 26.57
N GLN A 68 -39.22 -14.71 27.10
CA GLN A 68 -39.80 -14.22 28.35
C GLN A 68 -38.79 -14.26 29.48
N LYS A 69 -38.00 -15.32 29.56
CA LYS A 69 -36.98 -15.40 30.61
C LYS A 69 -35.94 -14.30 30.44
N ILE A 70 -35.49 -14.07 29.21
CA ILE A 70 -34.43 -13.09 29.00
C ILE A 70 -34.89 -11.68 29.36
N LEU A 71 -36.16 -11.37 29.18
CA LEU A 71 -36.69 -10.04 29.47
C LEU A 71 -37.11 -9.91 30.94
N ASP A 72 -36.88 -10.95 31.73
CA ASP A 72 -37.27 -10.93 33.13
C ASP A 72 -36.10 -11.47 33.97
N GLY A 73 -34.89 -11.04 33.64
CA GLY A 73 -33.73 -11.50 34.39
C GLY A 73 -33.81 -11.15 35.86
N GLY A 74 -34.28 -9.94 36.16
CA GLY A 74 -34.44 -9.51 37.54
C GLY A 74 -35.78 -9.93 38.12
N PRO B 87 -20.29 -30.29 19.01
CA PRO B 87 -21.45 -31.19 19.01
C PRO B 87 -22.13 -31.27 17.66
N PHE B 88 -23.38 -31.74 17.65
CA PHE B 88 -24.17 -31.83 16.44
C PHE B 88 -24.83 -30.51 16.06
N LEU B 89 -24.73 -29.49 16.92
CA LEU B 89 -25.33 -28.20 16.60
C LEU B 89 -24.64 -27.54 15.42
N LEU B 90 -23.41 -27.95 15.11
CA LEU B 90 -22.69 -27.36 13.99
C LEU B 90 -23.45 -27.57 12.68
N ASP B 91 -24.30 -28.60 12.61
CA ASP B 91 -25.13 -28.78 11.43
C ASP B 91 -26.04 -27.59 11.21
N ALA B 92 -26.61 -27.05 12.29
CA ALA B 92 -27.48 -25.89 12.23
C ALA B 92 -26.65 -24.66 12.57
N ALA B 93 -26.26 -23.91 11.54
CA ALA B 93 -25.50 -22.69 11.72
C ALA B 93 -25.74 -21.74 10.56
N PRO B 94 -25.78 -20.44 10.81
CA PRO B 94 -25.96 -19.48 9.73
C PRO B 94 -24.84 -19.58 8.70
N CYS B 95 -25.20 -19.36 7.44
CA CYS B 95 -24.24 -19.32 6.35
C CYS B 95 -23.82 -17.87 6.15
N GLU B 96 -22.62 -17.54 6.59
CA GLU B 96 -22.15 -16.16 6.53
C GLU B 96 -21.91 -15.76 5.08
N PRO B 97 -22.57 -14.72 4.57
CA PRO B 97 -22.23 -14.23 3.24
C PRO B 97 -20.82 -13.70 3.20
N GLU B 98 -20.17 -13.88 2.05
CA GLU B 98 -18.75 -13.56 1.89
C GLU B 98 -18.55 -12.63 0.70
N SER B 99 -17.71 -11.63 0.89
CA SER B 99 -17.32 -10.71 -0.17
C SER B 99 -15.90 -10.23 0.10
N LEU B 100 -15.19 -9.87 -0.97
CA LEU B 100 -13.80 -9.48 -0.91
C LEU B 100 -13.58 -8.15 -1.61
N GLU B 101 -12.60 -7.39 -1.13
CA GLU B 101 -12.33 -6.06 -1.67
C GLU B 101 -11.52 -6.14 -2.97
N ILE B 102 -10.75 -7.20 -3.17
CA ILE B 102 -10.03 -7.36 -4.42
C ILE B 102 -11.00 -7.47 -5.59
N ASN B 103 -12.07 -8.26 -5.41
CA ASN B 103 -13.11 -8.33 -6.42
C ASN B 103 -13.76 -6.96 -6.63
N LYS B 104 -13.93 -6.20 -5.55
CA LYS B 104 -14.47 -4.85 -5.68
C LYS B 104 -13.62 -4.00 -6.61
N TYR B 105 -12.31 -3.97 -6.36
CA TYR B 105 -11.41 -3.15 -7.15
C TYR B 105 -11.39 -3.60 -8.60
N PHE B 106 -11.32 -4.91 -8.82
CA PHE B 106 -11.32 -5.44 -10.18
C PHE B 106 -12.61 -5.08 -10.91
N VAL B 107 -13.74 -5.19 -10.20
CA VAL B 107 -15.04 -4.91 -10.79
C VAL B 107 -15.12 -3.45 -11.20
N VAL B 108 -14.64 -2.56 -10.33
CA VAL B 108 -14.68 -1.13 -10.66
C VAL B 108 -13.85 -0.86 -11.91
N ILE B 109 -12.65 -1.45 -11.97
CA ILE B 109 -11.79 -1.22 -13.13
C ILE B 109 -12.49 -1.69 -14.40
N ILE B 110 -13.04 -2.89 -14.36
CA ILE B 110 -13.69 -3.46 -15.55
C ILE B 110 -14.86 -2.58 -15.97
N TYR B 111 -15.68 -2.17 -15.00
CA TYR B 111 -16.87 -1.37 -15.33
C TYR B 111 -16.47 -0.05 -15.95
N ALA B 112 -15.45 0.61 -15.40
CA ALA B 112 -15.02 1.90 -15.96
C ALA B 112 -14.48 1.71 -17.38
N LEU B 113 -13.66 0.69 -17.60
CA LEU B 113 -13.13 0.45 -18.93
C LEU B 113 -14.25 0.20 -19.93
N VAL B 114 -15.22 -0.61 -19.54
CA VAL B 114 -16.35 -0.91 -20.41
C VAL B 114 -17.14 0.36 -20.70
N PHE B 115 -17.36 1.19 -19.68
CA PHE B 115 -18.05 2.46 -19.86
C PHE B 115 -17.37 3.27 -20.97
N LEU B 116 -16.06 3.45 -20.83
CA LEU B 116 -15.33 4.26 -21.79
C LEU B 116 -15.43 3.68 -23.19
N LEU B 117 -15.18 2.37 -23.32
CA LEU B 117 -15.17 1.75 -24.64
C LEU B 117 -16.55 1.82 -25.30
N SER B 118 -17.60 1.50 -24.56
CA SER B 118 -18.94 1.52 -25.11
C SER B 118 -19.33 2.93 -25.53
N LEU B 119 -19.03 3.91 -24.67
CA LEU B 119 -19.34 5.29 -25.01
C LEU B 119 -18.67 5.68 -26.32
N LEU B 120 -17.37 5.39 -26.43
CA LEU B 120 -16.62 5.75 -27.63
C LEU B 120 -17.23 5.10 -28.86
N GLY B 121 -17.44 3.78 -28.81
CA GLY B 121 -17.92 3.06 -29.98
C GLY B 121 -19.30 3.51 -30.41
N ASN B 122 -20.23 3.63 -29.45
CA ASN B 122 -21.58 4.03 -29.79
C ASN B 122 -21.61 5.45 -30.34
N SER B 123 -20.84 6.37 -29.74
CA SER B 123 -20.79 7.73 -30.25
C SER B 123 -20.25 7.76 -31.67
N LEU B 124 -19.20 6.99 -31.94
CA LEU B 124 -18.66 6.96 -33.30
C LEU B 124 -19.68 6.43 -34.29
N VAL B 125 -20.40 5.37 -33.91
CA VAL B 125 -21.38 4.79 -34.82
C VAL B 125 -22.47 5.81 -35.12
N MET B 126 -22.99 6.45 -34.07
CA MET B 126 -24.05 7.44 -34.27
C MET B 126 -23.57 8.59 -35.15
N LEU B 127 -22.34 9.06 -34.90
CA LEU B 127 -21.77 10.15 -35.69
C LEU B 127 -21.71 9.76 -37.16
N VAL B 128 -21.16 8.58 -37.44
CA VAL B 128 -20.99 8.16 -38.82
C VAL B 128 -22.35 8.06 -39.51
N ILE B 129 -23.32 7.47 -38.81
CA ILE B 129 -24.62 7.24 -39.44
C ILE B 129 -25.35 8.55 -39.69
N LEU B 130 -25.29 9.49 -38.75
CA LEU B 130 -26.09 10.70 -38.82
C LEU B 130 -25.41 11.84 -39.58
N TYR B 131 -24.09 11.81 -39.75
CA TYR B 131 -23.42 12.91 -40.41
C TYR B 131 -23.88 13.05 -41.87
N SER B 132 -24.02 11.92 -42.56
CA SER B 132 -24.45 11.89 -43.95
C SER B 132 -25.76 11.13 -44.05
N ARG B 133 -26.76 11.76 -44.66
CA ARG B 133 -28.06 11.14 -44.90
C ARG B 133 -28.07 10.33 -46.19
N VAL B 134 -26.94 10.26 -46.91
CA VAL B 134 -26.85 9.44 -48.10
C VAL B 134 -26.72 7.98 -47.70
N GLY B 135 -27.43 7.11 -48.42
CA GLY B 135 -27.38 5.69 -48.12
C GLY B 135 -27.94 5.35 -46.75
N ARG B 136 -29.05 5.98 -46.36
CA ARG B 136 -29.72 5.66 -45.11
C ARG B 136 -30.60 4.43 -45.36
N SER B 137 -30.07 3.26 -45.04
CA SER B 137 -30.76 2.00 -45.27
C SER B 137 -31.32 1.45 -43.97
N VAL B 138 -32.00 0.32 -44.08
CA VAL B 138 -32.64 -0.30 -42.92
C VAL B 138 -31.59 -0.66 -41.86
N THR B 139 -30.48 -1.24 -42.29
CA THR B 139 -29.44 -1.62 -41.35
C THR B 139 -28.94 -0.42 -40.58
N ASP B 140 -28.87 0.74 -41.23
CA ASP B 140 -28.44 1.96 -40.55
C ASP B 140 -29.38 2.30 -39.42
N VAL B 141 -30.69 2.20 -39.66
CA VAL B 141 -31.67 2.51 -38.63
C VAL B 141 -31.54 1.54 -37.46
N TYR B 142 -31.43 0.25 -37.77
CA TYR B 142 -31.31 -0.74 -36.70
C TYR B 142 -30.07 -0.48 -35.86
N LEU B 143 -28.95 -0.20 -36.52
CA LEU B 143 -27.71 0.08 -35.81
C LEU B 143 -27.83 1.35 -34.98
N LEU B 144 -28.55 2.35 -35.49
CA LEU B 144 -28.74 3.58 -34.74
C LEU B 144 -29.47 3.30 -33.43
N ASN B 145 -30.59 2.58 -33.50
CA ASN B 145 -31.33 2.28 -32.28
C ASN B 145 -30.49 1.43 -31.33
N LEU B 146 -29.77 0.44 -31.87
CA LEU B 146 -28.95 -0.42 -31.03
C LEU B 146 -27.87 0.37 -30.32
N ALA B 147 -27.21 1.28 -31.04
CA ALA B 147 -26.17 2.09 -30.44
C ALA B 147 -26.74 3.00 -29.36
N LEU B 148 -27.93 3.56 -29.60
CA LEU B 148 -28.56 4.37 -28.58
C LEU B 148 -28.80 3.58 -27.31
N ALA B 149 -29.31 2.36 -27.46
CA ALA B 149 -29.59 1.51 -26.31
C ALA B 149 -28.31 1.20 -25.54
N ASP B 150 -27.26 0.80 -26.26
CA ASP B 150 -26.01 0.48 -25.62
C ASP B 150 -25.41 1.69 -24.93
N LEU B 151 -25.56 2.86 -25.54
CA LEU B 151 -25.03 4.09 -24.94
C LEU B 151 -25.74 4.38 -23.63
N LEU B 152 -27.06 4.23 -23.59
CA LEU B 152 -27.78 4.45 -22.34
C LEU B 152 -27.35 3.44 -21.28
N PHE B 153 -27.19 2.18 -21.68
CA PHE B 153 -26.72 1.17 -20.73
C PHE B 153 -25.37 1.55 -20.14
N ALA B 154 -24.44 1.97 -20.98
CA ALA B 154 -23.13 2.37 -20.51
C ALA B 154 -23.24 3.59 -19.59
N LEU B 155 -24.09 4.54 -19.94
CA LEU B 155 -24.30 5.72 -19.10
C LEU B 155 -24.82 5.34 -17.73
N THR B 156 -25.63 4.29 -17.63
CA THR B 156 -26.12 3.84 -16.33
C THR B 156 -25.10 3.00 -15.56
N LEU B 157 -24.14 2.40 -16.25
CA LEU B 157 -23.20 1.48 -15.59
C LEU B 157 -22.53 2.03 -14.33
N PRO B 158 -21.98 3.25 -14.38
CA PRO B 158 -21.13 3.72 -13.27
C PRO B 158 -21.81 3.68 -11.91
N ILE B 159 -23.08 4.05 -11.87
CA ILE B 159 -23.82 4.02 -10.60
C ILE B 159 -23.95 2.60 -10.11
N TRP B 160 -24.16 1.65 -11.03
CA TRP B 160 -24.19 0.24 -10.65
C TRP B 160 -22.85 -0.18 -10.07
N ALA B 161 -21.75 0.28 -10.67
CA ALA B 161 -20.44 -0.06 -10.13
C ALA B 161 -20.26 0.49 -8.71
N ALA B 162 -20.66 1.75 -8.49
CA ALA B 162 -20.54 2.32 -7.17
C ALA B 162 -21.40 1.56 -6.16
N SER B 163 -22.59 1.14 -6.58
CA SER B 163 -23.45 0.34 -5.70
C SER B 163 -22.77 -0.98 -5.34
N LYS B 164 -22.19 -1.64 -6.33
CA LYS B 164 -21.44 -2.87 -6.05
C LYS B 164 -20.30 -2.60 -5.09
N VAL B 165 -19.70 -1.41 -5.17
CA VAL B 165 -18.63 -1.04 -4.25
C VAL B 165 -19.14 -0.94 -2.83
N ASN B 166 -20.07 -0.02 -2.57
CA ASN B 166 -20.48 0.29 -1.21
C ASN B 166 -21.98 0.18 -0.96
N GLY B 167 -22.75 -0.33 -1.91
CA GLY B 167 -24.17 -0.44 -1.77
C GLY B 167 -24.90 0.80 -2.27
N TRP B 168 -26.22 0.71 -2.25
CA TRP B 168 -27.08 1.78 -2.77
C TRP B 168 -27.28 2.82 -1.67
N ILE B 169 -26.52 3.90 -1.76
CA ILE B 169 -26.64 5.03 -0.84
C ILE B 169 -27.29 6.22 -1.54
N PHE B 170 -27.67 6.06 -2.80
CA PHE B 170 -28.13 7.18 -3.62
C PHE B 170 -29.63 7.43 -3.52
N GLY B 171 -30.37 6.55 -2.86
CA GLY B 171 -31.78 6.77 -2.64
C GLY B 171 -32.66 5.84 -3.47
N THR B 172 -33.95 5.86 -3.15
CA THR B 172 -34.91 4.97 -3.80
C THR B 172 -35.22 5.44 -5.22
N PHE B 173 -35.38 6.74 -5.42
CA PHE B 173 -35.78 7.26 -6.73
C PHE B 173 -34.77 6.89 -7.79
N LEU B 174 -33.48 7.08 -7.50
CA LEU B 174 -32.44 6.73 -8.45
C LEU B 174 -32.41 5.22 -8.69
N CYS B 175 -32.62 4.43 -7.64
CA CYS B 175 -32.70 2.97 -7.84
C CYS B 175 -33.76 2.65 -8.86
N LYS B 176 -34.97 3.19 -8.69
CA LYS B 176 -36.06 2.92 -9.62
C LYS B 176 -35.68 3.34 -11.04
N VAL B 177 -35.24 4.59 -11.20
CA VAL B 177 -35.01 5.14 -12.54
C VAL B 177 -33.90 4.38 -13.24
N VAL B 178 -32.78 4.16 -12.54
CA VAL B 178 -31.64 3.50 -13.16
C VAL B 178 -31.98 2.06 -13.53
N SER B 179 -32.67 1.34 -12.64
CA SER B 179 -33.04 -0.03 -12.97
C SER B 179 -33.96 -0.06 -14.18
N LEU B 180 -34.93 0.86 -14.24
CA LEU B 180 -35.80 0.93 -15.40
C LEU B 180 -35.01 1.13 -16.67
N LEU B 181 -34.13 2.13 -16.68
CA LEU B 181 -33.38 2.45 -17.88
C LEU B 181 -32.52 1.28 -18.32
N LYS B 182 -31.82 0.66 -17.37
CA LYS B 182 -30.93 -0.45 -17.69
C LYS B 182 -31.71 -1.61 -18.29
N GLU B 183 -32.81 -2.01 -17.64
CA GLU B 183 -33.55 -3.17 -18.12
C GLU B 183 -34.18 -2.88 -19.48
N VAL B 184 -34.71 -1.66 -19.66
CA VAL B 184 -35.28 -1.30 -20.95
C VAL B 184 -34.24 -1.42 -22.05
N ASN B 185 -33.06 -0.86 -21.82
CA ASN B 185 -32.04 -0.88 -22.86
C ASN B 185 -31.55 -2.30 -23.15
N PHE B 186 -31.44 -3.13 -22.12
CA PHE B 186 -31.03 -4.51 -22.33
C PHE B 186 -32.05 -5.26 -23.21
N TYR B 187 -33.33 -5.16 -22.85
CA TYR B 187 -34.36 -5.80 -23.66
C TYR B 187 -34.34 -5.27 -25.09
N SER B 188 -34.20 -3.96 -25.24
CA SER B 188 -34.21 -3.37 -26.58
C SER B 188 -33.04 -3.87 -27.41
N GLY B 189 -31.86 -3.95 -26.81
CA GLY B 189 -30.71 -4.45 -27.55
C GLY B 189 -30.91 -5.87 -28.03
N ILE B 190 -31.41 -6.73 -27.14
CA ILE B 190 -31.64 -8.12 -27.54
C ILE B 190 -32.64 -8.20 -28.68
N LEU B 191 -33.78 -7.51 -28.53
CA LEU B 191 -34.81 -7.62 -29.54
C LEU B 191 -34.36 -7.01 -30.86
N LEU B 192 -33.52 -5.98 -30.81
CA LEU B 192 -33.01 -5.40 -32.04
C LEU B 192 -32.04 -6.35 -32.73
N LEU B 193 -31.25 -7.10 -31.96
CA LEU B 193 -30.42 -8.13 -32.57
C LEU B 193 -31.28 -9.16 -33.29
N ALA B 194 -32.36 -9.59 -32.66
CA ALA B 194 -33.25 -10.55 -33.30
C ALA B 194 -33.84 -9.97 -34.57
N CYS B 195 -34.28 -8.71 -34.54
CA CYS B 195 -34.87 -8.09 -35.71
C CYS B 195 -33.84 -7.94 -36.83
N ILE B 196 -32.59 -7.67 -36.49
CA ILE B 196 -31.54 -7.61 -37.51
C ILE B 196 -31.38 -8.97 -38.17
N SER B 197 -31.40 -10.03 -37.36
CA SER B 197 -31.31 -11.37 -37.93
C SER B 197 -32.46 -11.61 -38.89
N VAL B 198 -33.68 -11.20 -38.50
CA VAL B 198 -34.83 -11.37 -39.37
C VAL B 198 -34.65 -10.60 -40.67
N ASP B 199 -34.13 -9.37 -40.58
CA ASP B 199 -33.92 -8.58 -41.79
C ASP B 199 -32.95 -9.28 -42.73
N ARG B 200 -31.86 -9.82 -42.19
CA ARG B 200 -30.90 -10.50 -43.05
C ARG B 200 -31.51 -11.74 -43.68
N TYR B 201 -32.29 -12.50 -42.90
CA TYR B 201 -32.97 -13.66 -43.46
C TYR B 201 -33.88 -13.27 -44.60
N LEU B 202 -34.66 -12.21 -44.42
CA LEU B 202 -35.56 -11.77 -45.47
C LEU B 202 -34.80 -11.30 -46.69
N ALA B 203 -33.64 -10.67 -46.47
CA ALA B 203 -32.91 -10.06 -47.57
C ALA B 203 -32.20 -11.12 -48.41
N ILE B 204 -31.77 -12.21 -47.80
CA ILE B 204 -30.99 -13.22 -48.49
C ILE B 204 -31.87 -14.37 -49.01
N VAL B 205 -32.52 -15.09 -48.11
CA VAL B 205 -33.27 -16.27 -48.52
C VAL B 205 -34.43 -15.87 -49.42
N HIS B 206 -35.20 -14.87 -49.01
CA HIS B 206 -36.37 -14.41 -49.74
C HIS B 206 -36.06 -13.18 -50.59
N ALA B 207 -34.84 -13.12 -51.12
CA ALA B 207 -34.44 -11.95 -51.90
C ALA B 207 -35.30 -11.80 -53.15
N THR B 208 -35.52 -12.89 -53.87
CA THR B 208 -36.23 -12.87 -55.14
C THR B 208 -37.73 -12.90 -54.96
N ARG B 209 -38.23 -13.15 -53.75
CA ARG B 209 -39.65 -13.29 -53.51
C ARG B 209 -40.26 -11.93 -53.23
N THR B 210 -41.56 -11.90 -52.93
CA THR B 210 -42.26 -10.67 -52.62
C THR B 210 -42.27 -10.33 -51.14
N LEU B 211 -41.78 -11.23 -50.29
CA LEU B 211 -41.76 -10.98 -48.85
C LEU B 211 -40.71 -9.96 -48.45
N THR B 212 -39.64 -9.82 -49.25
CA THR B 212 -38.57 -8.89 -48.91
C THR B 212 -39.01 -7.44 -48.91
N GLN B 213 -40.19 -7.13 -49.46
CA GLN B 213 -40.73 -5.79 -49.42
C GLN B 213 -41.32 -5.44 -48.07
N LYS B 214 -41.37 -6.41 -47.15
CA LYS B 214 -41.84 -6.15 -45.79
C LYS B 214 -40.71 -5.76 -44.84
N ARG B 215 -39.50 -5.55 -45.35
CA ARG B 215 -38.37 -5.11 -44.54
C ARG B 215 -38.16 -3.60 -44.62
N TYR B 216 -39.10 -2.87 -45.19
CA TYR B 216 -39.06 -1.41 -45.21
C TYR B 216 -39.85 -0.79 -44.06
N LEU B 217 -40.29 -1.62 -43.09
CA LEU B 217 -41.05 -1.17 -41.93
C LEU B 217 -40.17 -1.00 -40.71
N VAL B 218 -38.92 -0.56 -40.89
CA VAL B 218 -37.98 -0.50 -39.78
C VAL B 218 -38.50 0.44 -38.70
N LYS B 219 -39.05 1.59 -39.10
CA LYS B 219 -39.46 2.59 -38.13
C LYS B 219 -40.52 2.04 -37.19
N PHE B 220 -41.58 1.45 -37.74
CA PHE B 220 -42.65 0.90 -36.92
C PHE B 220 -42.15 -0.24 -36.06
N ILE B 221 -41.30 -1.10 -36.62
CA ILE B 221 -40.80 -2.25 -35.88
C ILE B 221 -39.98 -1.79 -34.68
N CYS B 222 -39.07 -0.84 -34.91
CA CYS B 222 -38.25 -0.34 -33.81
C CYS B 222 -39.09 0.36 -32.76
N LEU B 223 -40.09 1.13 -33.19
CA LEU B 223 -40.97 1.77 -32.22
C LEU B 223 -41.71 0.74 -31.37
N SER B 224 -42.21 -0.32 -32.01
CA SER B 224 -42.90 -1.36 -31.27
C SER B 224 -41.94 -2.07 -30.31
N ILE B 225 -40.70 -2.28 -30.74
CA ILE B 225 -39.71 -2.92 -29.88
C ILE B 225 -39.45 -2.07 -28.64
N TRP B 226 -39.27 -0.77 -28.84
CA TRP B 226 -39.04 0.12 -27.71
C TRP B 226 -40.24 0.11 -26.77
N GLY B 227 -41.45 0.15 -27.32
CA GLY B 227 -42.64 0.11 -26.49
C GLY B 227 -42.73 -1.17 -25.68
N LEU B 228 -42.44 -2.30 -26.33
CA LEU B 228 -42.49 -3.57 -25.63
C LEU B 228 -41.44 -3.64 -24.53
N SER B 229 -40.24 -3.13 -24.81
CA SER B 229 -39.21 -3.08 -23.78
C SER B 229 -39.66 -2.24 -22.60
N LEU B 230 -40.28 -1.10 -22.87
CA LEU B 230 -40.80 -0.27 -21.79
C LEU B 230 -41.86 -1.03 -21.00
N LEU B 231 -42.73 -1.76 -21.70
CA LEU B 231 -43.79 -2.49 -21.02
C LEU B 231 -43.22 -3.57 -20.11
N LEU B 232 -42.17 -4.25 -20.57
CA LEU B 232 -41.62 -5.37 -19.81
C LEU B 232 -40.78 -4.94 -18.62
N ALA B 233 -40.46 -3.65 -18.49
CA ALA B 233 -39.62 -3.16 -17.40
C ALA B 233 -40.40 -2.39 -16.35
N LEU B 234 -41.72 -2.30 -16.49
CA LEU B 234 -42.54 -1.64 -15.49
C LEU B 234 -42.38 -2.29 -14.13
N PRO B 235 -42.36 -3.63 -14.04
CA PRO B 235 -42.25 -4.26 -12.72
C PRO B 235 -41.05 -3.78 -11.94
N VAL B 236 -39.94 -3.53 -12.61
CA VAL B 236 -38.75 -3.01 -11.94
C VAL B 236 -39.03 -1.65 -11.32
N LEU B 237 -39.65 -0.75 -12.08
CA LEU B 237 -39.93 0.58 -11.56
C LEU B 237 -40.91 0.52 -10.40
N LEU B 238 -41.92 -0.33 -10.51
CA LEU B 238 -42.99 -0.35 -9.52
C LEU B 238 -42.54 -1.00 -8.22
N PHE B 239 -41.81 -2.11 -8.31
CA PHE B 239 -41.60 -2.99 -7.17
C PHE B 239 -40.17 -2.97 -6.64
N ARG B 240 -39.42 -1.91 -6.91
CA ARG B 240 -38.05 -1.80 -6.41
C ARG B 240 -37.94 -0.67 -5.39
N ARG B 241 -36.97 -0.83 -4.50
CA ARG B 241 -36.70 0.16 -3.46
C ARG B 241 -35.34 -0.16 -2.85
N THR B 242 -35.01 0.53 -1.77
CA THR B 242 -33.79 0.30 -1.02
C THR B 242 -34.08 -0.71 0.09
N VAL B 243 -33.24 -1.72 0.19
CA VAL B 243 -33.37 -2.74 1.22
C VAL B 243 -32.14 -2.67 2.10
N TYR B 244 -32.36 -2.54 3.40
CA TYR B 244 -31.31 -2.46 4.41
C TYR B 244 -31.29 -3.77 5.19
N SER B 245 -30.17 -4.48 5.11
CA SER B 245 -29.97 -5.72 5.86
C SER B 245 -28.85 -5.53 6.87
N SER B 246 -28.61 -6.56 7.68
CA SER B 246 -27.56 -6.53 8.69
C SER B 246 -26.27 -7.18 8.22
N ASN B 247 -26.37 -8.38 7.64
CA ASN B 247 -25.17 -9.06 7.17
C ASN B 247 -24.53 -8.31 6.01
N VAL B 248 -25.33 -7.71 5.14
CA VAL B 248 -24.86 -7.16 3.88
C VAL B 248 -25.29 -5.70 3.79
N SER B 249 -24.58 -4.96 2.94
CA SER B 249 -24.84 -3.55 2.70
C SER B 249 -26.18 -3.35 2.02
N PRO B 250 -26.65 -2.11 1.89
CA PRO B 250 -27.96 -1.88 1.27
C PRO B 250 -27.97 -2.27 -0.20
N ALA B 251 -29.17 -2.56 -0.72
CA ALA B 251 -29.30 -2.98 -2.10
C ALA B 251 -30.51 -2.33 -2.74
N CYS B 252 -30.46 -2.24 -4.08
CA CYS B 252 -31.58 -1.77 -4.91
C CYS B 252 -32.36 -3.01 -5.33
N TYR B 253 -33.08 -3.59 -4.38
CA TYR B 253 -33.79 -4.84 -4.54
C TYR B 253 -35.27 -4.59 -4.76
N GLU B 254 -36.05 -5.67 -4.76
CA GLU B 254 -37.49 -5.62 -5.02
C GLU B 254 -38.25 -5.90 -3.73
N ASP B 255 -39.35 -5.19 -3.53
CA ASP B 255 -40.21 -5.35 -2.36
C ASP B 255 -41.64 -5.50 -2.85
N MET B 256 -42.03 -6.74 -3.15
CA MET B 256 -43.37 -7.04 -3.64
C MET B 256 -44.31 -7.50 -2.54
N GLY B 257 -43.82 -7.71 -1.32
CA GLY B 257 -44.65 -8.08 -0.20
C GLY B 257 -44.05 -9.24 0.57
N ASN B 258 -44.92 -9.94 1.30
CA ASN B 258 -44.46 -11.02 2.18
C ASN B 258 -43.82 -12.14 1.38
N ASN B 259 -44.36 -12.48 0.21
CA ASN B 259 -43.88 -13.60 -0.59
C ASN B 259 -42.98 -13.10 -1.72
N THR B 260 -42.13 -12.13 -1.41
CA THR B 260 -41.34 -11.45 -2.44
C THR B 260 -40.45 -12.42 -3.19
N ALA B 261 -39.93 -13.44 -2.52
CA ALA B 261 -38.97 -14.34 -3.16
C ALA B 261 -39.59 -15.04 -4.36
N ASN B 262 -40.77 -15.65 -4.16
CA ASN B 262 -41.38 -16.40 -5.24
C ASN B 262 -41.84 -15.49 -6.37
N TRP B 263 -42.34 -14.30 -6.04
CA TRP B 263 -42.72 -13.36 -7.08
C TRP B 263 -41.51 -12.95 -7.91
N ARG B 264 -40.36 -12.74 -7.25
CA ARG B 264 -39.14 -12.42 -7.96
C ARG B 264 -38.73 -13.57 -8.87
N MET B 265 -38.86 -14.80 -8.37
CA MET B 265 -38.56 -15.97 -9.19
C MET B 265 -39.43 -15.99 -10.45
N LEU B 266 -40.73 -15.72 -10.29
CA LEU B 266 -41.62 -15.71 -11.45
C LEU B 266 -41.24 -14.59 -12.41
N LEU B 267 -40.98 -13.39 -11.89
CA LEU B 267 -40.61 -12.27 -12.74
C LEU B 267 -39.34 -12.58 -13.52
N ARG B 268 -38.47 -13.41 -12.96
CA ARG B 268 -37.25 -13.77 -13.66
C ARG B 268 -37.53 -14.53 -14.95
N ILE B 269 -38.75 -15.03 -15.13
CA ILE B 269 -39.08 -15.78 -16.34
C ILE B 269 -39.04 -14.87 -17.55
N LEU B 270 -39.43 -13.60 -17.41
CA LEU B 270 -39.49 -12.72 -18.57
C LEU B 270 -38.13 -12.53 -19.20
N PRO B 271 -37.07 -12.13 -18.49
CA PRO B 271 -35.76 -11.99 -19.14
C PRO B 271 -35.23 -13.27 -19.75
N GLN B 272 -35.57 -14.43 -19.19
CA GLN B 272 -35.09 -15.69 -19.71
C GLN B 272 -35.95 -16.24 -20.83
N SER B 273 -37.08 -15.60 -21.13
CA SER B 273 -37.95 -16.00 -22.23
C SER B 273 -37.93 -14.98 -23.36
N PHE B 274 -38.15 -13.70 -23.06
CA PHE B 274 -38.10 -12.64 -24.04
C PHE B 274 -36.70 -12.04 -24.18
N GLY B 275 -35.73 -12.57 -23.44
CA GLY B 275 -34.38 -12.04 -23.48
C GLY B 275 -33.33 -13.04 -23.90
N PHE B 276 -33.59 -14.33 -23.71
CA PHE B 276 -32.64 -15.35 -24.11
C PHE B 276 -33.22 -16.34 -25.12
N ILE B 277 -34.33 -16.98 -24.75
CA ILE B 277 -34.78 -18.15 -25.50
C ILE B 277 -35.37 -17.74 -26.84
N VAL B 278 -36.34 -16.84 -26.84
CA VAL B 278 -37.04 -16.45 -28.05
C VAL B 278 -36.05 -15.84 -29.04
N PRO B 279 -35.27 -14.84 -28.65
CA PRO B 279 -34.27 -14.29 -29.58
C PRO B 279 -33.27 -15.31 -30.06
N LEU B 280 -32.82 -16.20 -29.17
CA LEU B 280 -31.83 -17.20 -29.57
C LEU B 280 -32.39 -18.13 -30.63
N LEU B 281 -33.63 -18.59 -30.42
CA LEU B 281 -34.25 -19.49 -31.40
C LEU B 281 -34.44 -18.77 -32.73
N ILE B 282 -34.91 -17.53 -32.68
CA ILE B 282 -35.12 -16.78 -33.92
C ILE B 282 -33.80 -16.61 -34.67
N MET B 283 -32.75 -16.23 -33.94
CA MET B 283 -31.45 -16.03 -34.55
C MET B 283 -30.93 -17.31 -35.16
N LEU B 284 -31.05 -18.42 -34.42
CA LEU B 284 -30.55 -19.69 -34.93
C LEU B 284 -31.29 -20.10 -36.19
N PHE B 285 -32.61 -20.02 -36.19
CA PHE B 285 -33.40 -20.37 -37.37
C PHE B 285 -32.98 -19.54 -38.57
N CYS B 286 -32.99 -18.21 -38.39
CA CYS B 286 -32.73 -17.31 -39.50
C CYS B 286 -31.32 -17.50 -40.04
N TYR B 287 -30.32 -17.52 -39.15
CA TYR B 287 -28.94 -17.66 -39.58
C TYR B 287 -28.66 -19.03 -40.16
N GLY B 288 -29.31 -20.08 -39.67
CA GLY B 288 -29.10 -21.40 -40.26
C GLY B 288 -29.62 -21.48 -41.67
N PHE B 289 -30.83 -20.97 -41.91
CA PHE B 289 -31.33 -20.96 -43.28
C PHE B 289 -30.50 -20.04 -44.17
N THR B 290 -30.03 -18.93 -43.62
CA THR B 290 -29.13 -18.06 -44.36
C THR B 290 -27.85 -18.80 -44.77
N LEU B 291 -27.25 -19.53 -43.84
CA LEU B 291 -26.05 -20.28 -44.15
C LEU B 291 -26.32 -21.37 -45.17
N ARG B 292 -27.48 -22.01 -45.08
CA ARG B 292 -27.82 -23.03 -46.06
C ARG B 292 -27.91 -22.44 -47.46
N THR B 293 -28.52 -21.27 -47.59
CA THR B 293 -28.55 -20.61 -48.89
C THR B 293 -27.15 -20.21 -49.35
N LEU B 294 -26.34 -19.69 -48.44
CA LEU B 294 -25.01 -19.20 -48.79
C LEU B 294 -24.03 -20.31 -49.15
N PHE B 295 -24.25 -21.53 -48.67
CA PHE B 295 -23.38 -22.65 -49.05
C PHE B 295 -23.66 -23.13 -50.46
N LYS B 296 -24.86 -22.89 -50.96
CA LYS B 296 -25.28 -23.32 -52.29
C LYS B 296 -24.92 -22.33 -53.39
N ALA B 297 -24.45 -21.14 -53.04
CA ALA B 297 -24.17 -20.10 -54.00
C ALA B 297 -22.69 -20.09 -54.39
N HIS B 298 -22.40 -19.38 -55.47
CA HIS B 298 -21.06 -19.33 -56.05
C HIS B 298 -20.36 -18.00 -55.81
N MET B 299 -20.87 -17.18 -54.89
CA MET B 299 -20.26 -15.89 -54.61
C MET B 299 -18.89 -16.08 -53.98
N GLY B 300 -17.95 -15.22 -54.35
CA GLY B 300 -16.61 -15.30 -53.78
C GLY B 300 -16.58 -14.97 -52.30
N GLN B 301 -17.42 -14.02 -51.87
CA GLN B 301 -17.40 -13.51 -50.51
C GLN B 301 -18.33 -14.27 -49.58
N LYS B 302 -18.73 -15.48 -49.94
CA LYS B 302 -19.60 -16.27 -49.07
C LYS B 302 -18.89 -16.63 -47.77
N HIS B 303 -17.60 -16.97 -47.83
CA HIS B 303 -16.91 -17.47 -46.66
C HIS B 303 -16.87 -16.44 -45.55
N ARG B 304 -16.59 -15.18 -45.88
CA ARG B 304 -16.52 -14.15 -44.86
C ARG B 304 -17.88 -13.94 -44.21
N ALA B 305 -18.96 -14.04 -44.98
CA ALA B 305 -20.30 -13.94 -44.42
C ALA B 305 -20.57 -15.08 -43.45
N MET B 306 -20.19 -16.30 -43.84
CA MET B 306 -20.33 -17.43 -42.92
C MET B 306 -19.58 -17.18 -41.63
N ARG B 307 -18.35 -16.68 -41.73
CA ARG B 307 -17.54 -16.44 -40.55
C ARG B 307 -18.18 -15.39 -39.66
N VAL B 308 -18.71 -14.33 -40.27
CA VAL B 308 -19.32 -13.25 -39.49
C VAL B 308 -20.55 -13.77 -38.76
N ILE B 309 -21.38 -14.55 -39.44
CA ILE B 309 -22.59 -15.06 -38.81
C ILE B 309 -22.23 -15.97 -37.63
N PHE B 310 -21.27 -16.87 -37.85
CA PHE B 310 -20.83 -17.73 -36.75
C PHE B 310 -20.29 -16.91 -35.60
N ALA B 311 -19.52 -15.87 -35.91
CA ALA B 311 -18.96 -15.03 -34.86
C ALA B 311 -20.06 -14.35 -34.06
N VAL B 312 -21.09 -13.85 -34.75
CA VAL B 312 -22.18 -13.18 -34.06
C VAL B 312 -22.87 -14.15 -33.10
N VAL B 313 -23.19 -15.34 -33.61
CA VAL B 313 -23.89 -16.31 -32.76
C VAL B 313 -23.03 -16.69 -31.56
N LEU B 314 -21.75 -16.95 -31.80
CA LEU B 314 -20.88 -17.36 -30.70
C LEU B 314 -20.72 -16.25 -29.68
N ILE B 315 -20.62 -15.00 -30.13
CA ILE B 315 -20.50 -13.88 -29.21
C ILE B 315 -21.74 -13.77 -28.35
N PHE B 316 -22.92 -13.87 -28.98
CA PHE B 316 -24.16 -13.79 -28.22
C PHE B 316 -24.22 -14.89 -27.17
N LEU B 317 -23.88 -16.12 -27.58
CA LEU B 317 -23.91 -17.23 -26.64
C LEU B 317 -22.95 -16.99 -25.49
N LEU B 318 -21.69 -16.69 -25.81
CA LEU B 318 -20.68 -16.49 -24.76
C LEU B 318 -21.12 -15.39 -23.81
N CYS B 319 -21.78 -14.35 -24.32
CA CYS B 319 -22.14 -13.22 -23.48
C CYS B 319 -23.31 -13.57 -22.55
N TRP B 320 -24.31 -14.28 -23.05
CA TRP B 320 -25.58 -14.38 -22.33
C TRP B 320 -25.85 -15.75 -21.73
N LEU B 321 -25.40 -16.84 -22.34
CA LEU B 321 -25.73 -18.17 -21.83
C LEU B 321 -25.28 -18.39 -20.40
N PRO B 322 -24.04 -18.06 -20.01
CA PRO B 322 -23.63 -18.33 -18.63
C PRO B 322 -24.50 -17.67 -17.58
N TYR B 323 -24.91 -16.41 -17.83
CA TYR B 323 -25.70 -15.69 -16.85
C TYR B 323 -27.05 -16.38 -16.64
N ASN B 324 -27.68 -16.80 -17.74
CA ASN B 324 -28.97 -17.48 -17.61
C ASN B 324 -28.81 -18.86 -17.00
N LEU B 325 -27.72 -19.57 -17.28
CA LEU B 325 -27.51 -20.86 -16.64
C LEU B 325 -27.34 -20.69 -15.13
N VAL B 326 -26.58 -19.70 -14.72
CA VAL B 326 -26.39 -19.45 -13.29
C VAL B 326 -27.71 -19.05 -12.66
N LEU B 327 -28.49 -18.23 -13.36
CA LEU B 327 -29.80 -17.83 -12.84
C LEU B 327 -30.72 -19.02 -12.69
N LEU B 328 -30.71 -19.93 -13.65
CA LEU B 328 -31.52 -21.14 -13.56
C LEU B 328 -31.07 -22.01 -12.39
N ALA B 329 -29.76 -22.11 -12.18
CA ALA B 329 -29.25 -22.88 -11.05
C ALA B 329 -29.70 -22.27 -9.74
N ASP B 330 -29.66 -20.95 -9.64
CA ASP B 330 -30.12 -20.28 -8.43
C ASP B 330 -31.61 -20.54 -8.20
N THR B 331 -32.40 -20.47 -9.28
CA THR B 331 -33.82 -20.72 -9.15
C THR B 331 -34.08 -22.14 -8.66
N LEU B 332 -33.37 -23.11 -9.23
CA LEU B 332 -33.52 -24.50 -8.81
C LEU B 332 -33.12 -24.66 -7.34
N MET B 333 -32.02 -24.04 -6.95
CA MET B 333 -31.53 -24.16 -5.58
C MET B 333 -32.55 -23.58 -4.60
N ARG B 334 -33.16 -22.45 -4.95
CA ARG B 334 -34.22 -21.89 -4.12
C ARG B 334 -35.45 -22.78 -4.09
N THR B 335 -35.70 -23.51 -5.18
CA THR B 335 -36.87 -24.37 -5.28
C THR B 335 -36.61 -25.78 -4.73
N GLN B 336 -35.42 -26.03 -4.20
CA GLN B 336 -35.02 -27.27 -3.54
C GLN B 336 -34.84 -28.43 -4.52
N VAL B 337 -34.89 -28.19 -5.83
CA VAL B 337 -34.54 -29.24 -6.78
C VAL B 337 -33.09 -29.65 -6.60
N ILE B 338 -32.21 -28.67 -6.43
CA ILE B 338 -30.81 -28.90 -6.08
C ILE B 338 -30.64 -28.63 -4.59
N GLN B 339 -29.93 -29.52 -3.91
CA GLN B 339 -29.71 -29.35 -2.49
C GLN B 339 -28.99 -28.03 -2.22
N GLU B 340 -29.38 -27.38 -1.13
CA GLU B 340 -28.90 -26.05 -0.79
C GLU B 340 -27.80 -26.14 0.28
N THR B 341 -26.68 -25.46 0.04
CA THR B 341 -25.59 -25.41 0.99
C THR B 341 -24.90 -24.06 0.86
N CYS B 342 -24.15 -23.70 1.91
CA CYS B 342 -23.50 -22.40 1.93
C CYS B 342 -22.46 -22.29 0.82
N GLU B 343 -21.70 -23.36 0.58
CA GLU B 343 -20.69 -23.32 -0.46
C GLU B 343 -21.32 -23.06 -1.82
N ARG B 344 -22.44 -23.74 -2.11
CA ARG B 344 -23.14 -23.49 -3.36
C ARG B 344 -23.62 -22.06 -3.45
N ARG B 345 -24.11 -21.52 -2.33
CA ARG B 345 -24.57 -20.13 -2.31
C ARG B 345 -23.44 -19.19 -2.70
N ASN B 346 -22.29 -19.34 -2.07
CA ASN B 346 -21.16 -18.45 -2.37
C ASN B 346 -20.72 -18.61 -3.82
N HIS B 347 -20.65 -19.86 -4.29
CA HIS B 347 -20.24 -20.11 -5.67
C HIS B 347 -21.20 -19.44 -6.64
N ILE B 348 -22.50 -19.55 -6.37
CA ILE B 348 -23.49 -18.97 -7.28
C ILE B 348 -23.44 -17.46 -7.26
N ASP B 349 -23.21 -16.87 -6.08
CA ASP B 349 -23.10 -15.42 -6.02
C ASP B 349 -21.91 -14.93 -6.82
N ARG B 350 -20.75 -15.58 -6.66
CA ARG B 350 -19.58 -15.20 -7.44
C ARG B 350 -19.83 -15.38 -8.92
N ALA B 351 -20.49 -16.48 -9.30
CA ALA B 351 -20.77 -16.73 -10.71
C ALA B 351 -21.72 -15.67 -11.26
N LEU B 352 -22.71 -15.26 -10.48
CA LEU B 352 -23.61 -14.20 -10.92
C LEU B 352 -22.85 -12.92 -11.18
N ASP B 353 -21.96 -12.55 -10.26
CA ASP B 353 -21.17 -11.34 -10.47
C ASP B 353 -20.34 -11.45 -11.75
N ALA B 354 -19.64 -12.57 -11.91
CA ALA B 354 -18.77 -12.73 -13.07
C ALA B 354 -19.55 -12.73 -14.37
N THR B 355 -20.70 -13.42 -14.40
CA THR B 355 -21.47 -13.50 -15.63
C THR B 355 -22.16 -12.18 -15.95
N GLU B 356 -22.57 -11.42 -14.93
CA GLU B 356 -23.07 -10.08 -15.21
C GLU B 356 -21.98 -9.22 -15.83
N ILE B 357 -20.76 -9.30 -15.29
CA ILE B 357 -19.64 -8.59 -15.88
C ILE B 357 -19.45 -9.01 -17.32
N LEU B 358 -19.49 -10.31 -17.58
CA LEU B 358 -19.25 -10.82 -18.94
C LEU B 358 -20.34 -10.36 -19.89
N GLY B 359 -21.60 -10.40 -19.45
CA GLY B 359 -22.69 -9.98 -20.31
C GLY B 359 -22.65 -8.48 -20.61
N ILE B 360 -22.20 -7.70 -19.63
CA ILE B 360 -22.09 -6.25 -19.83
C ILE B 360 -21.19 -5.90 -21.00
N LEU B 361 -20.38 -6.83 -21.48
CA LEU B 361 -19.50 -6.58 -22.61
C LEU B 361 -20.23 -6.45 -23.94
N HIS B 362 -21.53 -6.68 -23.98
CA HIS B 362 -22.27 -6.58 -25.23
C HIS B 362 -22.38 -5.14 -25.72
N SER B 363 -22.18 -4.17 -24.84
CA SER B 363 -22.25 -2.77 -25.25
C SER B 363 -20.97 -2.29 -25.91
N CYS B 364 -19.87 -3.05 -25.77
CA CYS B 364 -18.60 -2.68 -26.37
C CYS B 364 -18.30 -3.44 -27.66
N LEU B 365 -18.83 -4.65 -27.82
CA LEU B 365 -18.51 -5.48 -28.96
C LEU B 365 -19.51 -5.36 -30.09
N ASN B 366 -20.74 -4.95 -29.82
CA ASN B 366 -21.74 -4.80 -30.87
C ASN B 366 -21.28 -3.86 -31.98
N PRO B 367 -20.73 -2.68 -31.71
CA PRO B 367 -20.27 -1.82 -32.80
C PRO B 367 -19.23 -2.49 -33.68
N LEU B 368 -18.36 -3.30 -33.09
CA LEU B 368 -17.35 -3.99 -33.88
C LEU B 368 -17.96 -5.11 -34.72
N ILE B 369 -18.85 -5.90 -34.11
CA ILE B 369 -19.37 -7.08 -34.78
C ILE B 369 -20.35 -6.70 -35.89
N TYR B 370 -21.30 -5.82 -35.58
CA TYR B 370 -22.41 -5.56 -36.49
C TYR B 370 -22.15 -4.43 -37.47
N ALA B 371 -21.41 -3.40 -37.08
CA ALA B 371 -21.27 -2.20 -37.89
C ALA B 371 -19.87 -2.03 -38.45
N PHE B 372 -18.84 -1.99 -37.60
CA PHE B 372 -17.51 -1.66 -38.06
C PHE B 372 -16.90 -2.73 -38.96
N ILE B 373 -17.51 -3.92 -39.05
CA ILE B 373 -16.97 -4.98 -39.88
C ILE B 373 -17.45 -4.81 -41.30
N GLY B 374 -18.21 -3.76 -41.56
CA GLY B 374 -18.70 -3.44 -42.89
C GLY B 374 -17.85 -2.36 -43.53
N GLN B 375 -17.58 -2.54 -44.83
CA GLN B 375 -16.71 -1.61 -45.53
C GLN B 375 -17.33 -0.21 -45.58
N LYS B 376 -18.66 -0.15 -45.71
CA LYS B 376 -19.32 1.14 -45.83
C LYS B 376 -19.07 2.01 -44.61
N PHE B 377 -19.21 1.42 -43.42
CA PHE B 377 -19.02 2.19 -42.19
C PHE B 377 -17.59 2.68 -42.06
N ARG B 378 -16.61 1.82 -42.36
CA ARG B 378 -15.22 2.23 -42.25
C ARG B 378 -14.90 3.35 -43.24
N HIS B 379 -15.38 3.23 -44.47
CA HIS B 379 -15.17 4.29 -45.45
C HIS B 379 -15.80 5.60 -44.99
N GLY B 380 -17.02 5.52 -44.45
CA GLY B 380 -17.68 6.71 -43.97
C GLY B 380 -16.91 7.35 -42.83
N LEU B 381 -16.39 6.53 -41.92
CA LEU B 381 -15.63 7.06 -40.80
C LEU B 381 -14.37 7.77 -41.29
N LEU B 382 -13.65 7.13 -42.21
CA LEU B 382 -12.44 7.76 -42.75
C LEU B 382 -12.78 9.08 -43.43
N LYS B 383 -13.89 9.12 -44.17
CA LYS B 383 -14.30 10.37 -44.79
C LYS B 383 -14.61 11.43 -43.76
N ILE B 384 -15.32 11.05 -42.68
CA ILE B 384 -15.71 12.02 -41.66
C ILE B 384 -14.49 12.58 -40.95
N LEU B 385 -13.45 11.75 -40.77
CA LEU B 385 -12.26 12.24 -40.08
C LEU B 385 -11.63 13.41 -40.81
N ALA B 386 -11.97 13.59 -42.09
CA ALA B 386 -11.50 14.73 -42.86
C ALA B 386 -12.03 16.03 -42.26
N GLU C 10 -13.00 -1.23 26.84
CA GLU C 10 -13.96 -1.53 27.89
C GLU C 10 -15.36 -1.69 27.32
N LEU C 11 -16.03 -2.77 27.73
CA LEU C 11 -17.39 -3.01 27.26
C LEU C 11 -18.37 -2.06 27.95
N ARG C 12 -19.35 -1.60 27.18
CA ARG C 12 -20.31 -0.60 27.66
C ARG C 12 -21.68 -0.94 27.15
N CYS C 13 -22.69 -0.39 27.81
CA CYS C 13 -24.07 -0.56 27.38
C CYS C 13 -24.26 0.07 26.01
N VAL C 14 -25.22 -0.49 25.25
CA VAL C 14 -25.45 -0.04 23.88
C VAL C 14 -26.56 0.98 23.78
N CYS C 15 -27.34 1.18 24.83
CA CYS C 15 -28.52 2.04 24.79
C CYS C 15 -28.47 3.02 25.95
N LEU C 16 -28.14 4.28 25.65
CA LEU C 16 -28.10 5.33 26.66
C LEU C 16 -29.48 5.83 27.05
N GLN C 17 -30.33 6.12 26.06
CA GLN C 17 -31.69 6.55 26.30
C GLN C 17 -32.62 5.67 25.48
N THR C 18 -33.88 5.60 25.91
CA THR C 18 -34.81 4.60 25.40
C THR C 18 -36.07 5.27 24.88
N THR C 19 -36.71 4.59 23.93
CA THR C 19 -37.96 5.02 23.34
C THR C 19 -39.01 3.92 23.50
N GLN C 20 -40.27 4.31 23.63
CA GLN C 20 -41.36 3.38 23.85
C GLN C 20 -42.36 3.35 22.70
N GLY C 21 -42.26 4.27 21.74
CA GLY C 21 -43.24 4.35 20.68
C GLY C 21 -42.67 4.24 19.29
N VAL C 22 -43.01 3.16 18.59
CA VAL C 22 -42.61 2.94 17.20
C VAL C 22 -43.65 2.06 16.54
N HIS C 23 -43.99 2.38 15.30
CA HIS C 23 -45.00 1.60 14.60
C HIS C 23 -44.43 0.23 14.23
N PRO C 24 -45.11 -0.87 14.58
CA PRO C 24 -44.53 -2.20 14.29
C PRO C 24 -44.23 -2.44 12.83
N LYS C 25 -45.02 -1.87 11.92
CA LYS C 25 -44.85 -2.16 10.50
C LYS C 25 -43.52 -1.67 9.95
N MET C 26 -42.83 -0.80 10.68
CA MET C 26 -41.55 -0.26 10.25
C MET C 26 -40.36 -1.06 10.77
N ILE C 27 -40.59 -2.08 11.58
CA ILE C 27 -39.52 -2.82 12.22
C ILE C 27 -39.08 -3.96 11.33
N SER C 28 -37.77 -4.11 11.17
CA SER C 28 -37.19 -5.23 10.44
C SER C 28 -36.41 -6.19 11.32
N ASN C 29 -35.68 -5.69 12.32
CA ASN C 29 -34.89 -6.56 13.18
C ASN C 29 -35.05 -6.14 14.63
N LEU C 30 -35.07 -7.15 15.51
CA LEU C 30 -35.06 -6.96 16.96
C LEU C 30 -33.90 -7.78 17.53
N GLN C 31 -32.90 -7.09 18.05
CA GLN C 31 -31.74 -7.73 18.65
C GLN C 31 -31.81 -7.54 20.16
N VAL C 32 -31.81 -8.64 20.89
CA VAL C 32 -31.97 -8.61 22.35
C VAL C 32 -30.64 -8.98 22.98
N PHE C 33 -30.09 -8.08 23.79
CA PHE C 33 -28.93 -8.36 24.62
C PHE C 33 -29.40 -8.59 26.05
N ALA C 34 -29.07 -9.76 26.57
CA ALA C 34 -29.44 -10.17 27.92
C ALA C 34 -28.42 -9.63 28.93
N ILE C 35 -28.78 -9.76 30.20
CA ILE C 35 -27.92 -9.24 31.26
C ILE C 35 -26.60 -9.99 31.24
N GLY C 36 -25.50 -9.25 31.28
CA GLY C 36 -24.19 -9.82 31.24
C GLY C 36 -23.11 -8.80 31.54
N PRO C 37 -21.86 -9.16 31.28
CA PRO C 37 -20.76 -8.21 31.53
C PRO C 37 -20.92 -6.90 30.78
N GLN C 38 -21.48 -6.92 29.58
CA GLN C 38 -21.58 -5.71 28.78
C GLN C 38 -22.40 -4.64 29.50
N CYS C 39 -23.55 -5.03 30.05
CA CYS C 39 -24.45 -4.10 30.70
C CYS C 39 -25.21 -4.82 31.80
N SER C 40 -25.74 -4.04 32.72
CA SER C 40 -26.49 -4.57 33.86
C SER C 40 -27.97 -4.71 33.59
N LYS C 41 -28.45 -4.21 32.45
CA LYS C 41 -29.86 -4.25 32.11
C LYS C 41 -30.05 -4.85 30.73
N VAL C 42 -31.18 -5.54 30.56
CA VAL C 42 -31.55 -6.04 29.24
C VAL C 42 -31.71 -4.86 28.29
N GLU C 43 -31.37 -5.05 27.02
CA GLU C 43 -31.53 -3.98 26.05
C GLU C 43 -31.93 -4.54 24.69
N VAL C 44 -32.96 -3.95 24.10
CA VAL C 44 -33.49 -4.39 22.82
C VAL C 44 -33.27 -3.28 21.80
N VAL C 45 -32.66 -3.63 20.68
CA VAL C 45 -32.36 -2.71 19.60
C VAL C 45 -33.23 -3.06 18.41
N ALA C 46 -33.95 -2.07 17.90
CA ALA C 46 -34.83 -2.23 16.76
C ALA C 46 -34.21 -1.55 15.55
N SER C 47 -33.96 -2.34 14.51
CA SER C 47 -33.46 -1.81 13.25
C SER C 47 -34.62 -1.75 12.27
N LEU C 48 -34.86 -0.56 11.73
CA LEU C 48 -36.03 -0.26 10.92
C LEU C 48 -35.71 -0.42 9.44
N LYS C 49 -36.75 -0.38 8.62
CA LYS C 49 -36.56 -0.43 7.18
C LYS C 49 -35.87 0.82 6.65
N ASN C 50 -35.96 1.94 7.37
CA ASN C 50 -35.32 3.17 6.94
C ASN C 50 -33.81 3.06 6.97
N GLY C 51 -33.26 2.07 7.66
CA GLY C 51 -31.84 1.95 7.87
C GLY C 51 -31.35 2.53 9.18
N LYS C 52 -32.23 3.09 10.00
CA LYS C 52 -31.87 3.66 11.28
C LYS C 52 -32.01 2.61 12.37
N GLU C 53 -31.65 2.99 13.60
CA GLU C 53 -31.69 2.11 14.75
C GLU C 53 -32.27 2.85 15.93
N ILE C 54 -33.01 2.12 16.77
CA ILE C 54 -33.63 2.67 17.97
C ILE C 54 -33.43 1.67 19.10
N CYS C 55 -33.53 2.17 20.33
CA CYS C 55 -33.41 1.36 21.53
C CYS C 55 -34.77 1.37 22.24
N LEU C 56 -35.43 0.21 22.26
CA LEU C 56 -36.76 0.14 22.86
C LEU C 56 -36.66 -0.07 24.36
N ASP C 57 -37.79 0.11 25.04
CA ASP C 57 -37.87 -0.10 26.48
C ASP C 57 -38.12 -1.58 26.76
N PRO C 58 -37.21 -2.29 27.42
CA PRO C 58 -37.44 -3.72 27.66
C PRO C 58 -38.69 -3.99 28.48
N GLU C 59 -39.03 -3.12 29.41
CA GLU C 59 -40.10 -3.38 30.37
C GLU C 59 -41.46 -2.86 29.91
N ALA C 60 -41.55 -2.23 28.75
CA ALA C 60 -42.82 -1.72 28.28
C ALA C 60 -43.68 -2.85 27.72
N PRO C 61 -45.00 -2.72 27.77
CA PRO C 61 -45.87 -3.73 27.14
C PRO C 61 -45.70 -3.80 25.63
N PHE C 62 -45.17 -2.74 25.02
CA PHE C 62 -45.09 -2.65 23.57
C PHE C 62 -44.20 -3.76 22.99
N LEU C 63 -43.09 -4.05 23.67
CA LEU C 63 -42.12 -4.99 23.14
C LEU C 63 -42.71 -6.39 22.99
N LYS C 64 -43.46 -6.85 23.99
CA LYS C 64 -44.01 -8.20 23.94
C LYS C 64 -44.99 -8.35 22.78
N LYS C 65 -45.88 -7.38 22.61
CA LYS C 65 -46.82 -7.43 21.50
C LYS C 65 -46.09 -7.39 20.17
N VAL C 66 -45.04 -6.58 20.08
CA VAL C 66 -44.29 -6.51 18.83
C VAL C 66 -43.68 -7.86 18.51
N ILE C 67 -43.05 -8.50 19.50
CA ILE C 67 -42.42 -9.80 19.27
C ILE C 67 -43.45 -10.83 18.87
N GLN C 68 -44.60 -10.84 19.55
CA GLN C 68 -45.63 -11.80 19.21
C GLN C 68 -46.11 -11.61 17.77
N LYS C 69 -46.30 -10.36 17.36
CA LYS C 69 -46.73 -10.10 15.99
C LYS C 69 -45.68 -10.58 14.99
N ILE C 70 -44.41 -10.28 15.26
CA ILE C 70 -43.37 -10.62 14.30
C ILE C 70 -43.23 -12.13 14.12
N LEU C 71 -43.49 -12.91 15.16
CA LEU C 71 -43.38 -14.35 15.09
C LEU C 71 -44.66 -15.01 14.58
N ASP C 72 -45.64 -14.21 14.21
CA ASP C 72 -46.92 -14.72 13.72
C ASP C 72 -47.32 -13.95 12.46
N GLY C 73 -46.36 -13.71 11.58
CA GLY C 73 -46.66 -12.99 10.35
C GLY C 73 -47.70 -13.69 9.51
N GLY C 74 -47.62 -15.01 9.43
CA GLY C 74 -48.60 -15.79 8.68
C GLY C 74 -49.81 -16.16 9.51
N PRO D 87 -36.89 12.87 12.81
CA PRO D 87 -37.78 13.14 13.94
C PRO D 87 -37.04 13.24 15.27
N PHE D 88 -37.76 13.11 16.38
CA PHE D 88 -37.18 13.14 17.71
C PHE D 88 -36.58 11.80 18.11
N LEU D 89 -36.78 10.75 17.32
CA LEU D 89 -36.22 9.45 17.66
C LEU D 89 -34.70 9.46 17.61
N LEU D 90 -34.11 10.42 16.90
CA LEU D 90 -32.65 10.49 16.82
C LEU D 90 -32.03 10.66 18.20
N ASP D 91 -32.78 11.20 19.16
CA ASP D 91 -32.28 11.30 20.52
C ASP D 91 -31.98 9.91 21.09
N ALA D 92 -32.84 8.94 20.79
CA ALA D 92 -32.66 7.57 21.25
C ALA D 92 -32.05 6.78 20.10
N ALA D 93 -30.73 6.53 20.18
CA ALA D 93 -30.03 5.78 19.18
C ALA D 93 -28.79 5.12 19.79
N PRO D 94 -28.45 3.92 19.36
CA PRO D 94 -27.24 3.28 19.88
C PRO D 94 -25.99 4.09 19.59
N CYS D 95 -25.05 4.05 20.52
CA CYS D 95 -23.76 4.70 20.37
C CYS D 95 -22.79 3.67 19.80
N GLU D 96 -22.48 3.79 18.52
CA GLU D 96 -21.64 2.82 17.84
C GLU D 96 -20.21 2.92 18.36
N PRO D 97 -19.64 1.86 18.92
CA PRO D 97 -18.22 1.90 19.28
C PRO D 97 -17.36 2.07 18.04
N GLU D 98 -16.24 2.78 18.22
CA GLU D 98 -15.38 3.16 17.11
C GLU D 98 -13.95 2.74 17.38
N SER D 99 -13.31 2.19 16.36
CA SER D 99 -11.90 1.82 16.43
C SER D 99 -11.29 1.95 15.04
N LEU D 100 -9.99 2.20 14.99
CA LEU D 100 -9.28 2.46 13.75
C LEU D 100 -8.05 1.55 13.65
N GLU D 101 -7.68 1.22 12.41
CA GLU D 101 -6.56 0.32 12.18
C GLU D 101 -5.22 1.05 12.28
N ILE D 102 -5.20 2.36 12.04
CA ILE D 102 -3.96 3.11 12.20
C ILE D 102 -3.50 3.06 13.66
N ASN D 103 -4.44 3.24 14.59
CA ASN D 103 -4.10 3.09 16.00
C ASN D 103 -3.63 1.68 16.30
N LYS D 104 -4.22 0.67 15.66
CA LYS D 104 -3.77 -0.70 15.83
C LYS D 104 -2.29 -0.84 15.46
N TYR D 105 -1.93 -0.36 14.28
CA TYR D 105 -0.56 -0.49 13.80
C TYR D 105 0.41 0.26 14.72
N PHE D 106 0.04 1.49 15.09
CA PHE D 106 0.89 2.27 15.98
C PHE D 106 1.07 1.58 17.32
N VAL D 107 -0.02 1.02 17.85
CA VAL D 107 0.02 0.35 19.15
C VAL D 107 0.95 -0.85 19.08
N VAL D 108 0.85 -1.63 18.01
CA VAL D 108 1.71 -2.81 17.87
C VAL D 108 3.17 -2.38 17.84
N ILE D 109 3.48 -1.34 17.08
CA ILE D 109 4.86 -0.88 16.98
C ILE D 109 5.38 -0.46 18.35
N ILE D 110 4.57 0.33 19.07
CA ILE D 110 5.00 0.82 20.38
C ILE D 110 5.21 -0.35 21.33
N TYR D 111 4.28 -1.30 21.35
CA TYR D 111 4.39 -2.42 22.27
C TYR D 111 5.62 -3.25 21.98
N ALA D 112 5.91 -3.51 20.70
CA ALA D 112 7.09 -4.29 20.38
C ALA D 112 8.37 -3.57 20.77
N LEU D 113 8.44 -2.27 20.50
CA LEU D 113 9.63 -1.51 20.87
C LEU D 113 9.83 -1.53 22.38
N VAL D 114 8.75 -1.35 23.13
CA VAL D 114 8.84 -1.37 24.59
C VAL D 114 9.28 -2.74 25.07
N PHE D 115 8.74 -3.81 24.47
CA PHE D 115 9.15 -5.16 24.82
C PHE D 115 10.66 -5.30 24.69
N LEU D 116 11.19 -4.92 23.53
CA LEU D 116 12.62 -5.07 23.29
C LEU D 116 13.43 -4.28 24.30
N LEU D 117 13.07 -3.00 24.50
CA LEU D 117 13.86 -2.14 25.37
C LEU D 117 13.83 -2.64 26.81
N SER D 118 12.64 -3.00 27.31
CA SER D 118 12.52 -3.47 28.68
C SER D 118 13.30 -4.76 28.88
N LEU D 119 13.18 -5.69 27.93
CA LEU D 119 13.91 -6.94 28.03
C LEU D 119 15.41 -6.66 28.13
N LEU D 120 15.92 -5.82 27.23
CA LEU D 120 17.34 -5.52 27.23
C LEU D 120 17.78 -4.92 28.55
N GLY D 121 17.07 -3.88 29.01
CA GLY D 121 17.49 -3.18 30.21
C GLY D 121 17.44 -4.07 31.43
N ASN D 122 16.34 -4.81 31.61
CA ASN D 122 16.21 -5.67 32.77
C ASN D 122 17.25 -6.77 32.76
N SER D 123 17.50 -7.37 31.59
CA SER D 123 18.51 -8.42 31.52
C SER D 123 19.88 -7.86 31.87
N LEU D 124 20.21 -6.67 31.37
CA LEU D 124 21.51 -6.08 31.71
C LEU D 124 21.63 -5.83 33.20
N VAL D 125 20.56 -5.31 33.81
CA VAL D 125 20.61 -5.02 35.24
C VAL D 125 20.83 -6.30 36.04
N MET D 126 20.06 -7.34 35.71
CA MET D 126 20.20 -8.61 36.41
C MET D 126 21.59 -9.18 36.24
N LEU D 127 22.12 -9.11 35.02
CA LEU D 127 23.46 -9.62 34.75
C LEU D 127 24.49 -8.90 35.60
N VAL D 128 24.44 -7.57 35.61
CA VAL D 128 25.42 -6.79 36.37
C VAL D 128 25.34 -7.14 37.83
N ILE D 129 24.12 -7.22 38.37
CA ILE D 129 23.95 -7.43 39.80
C ILE D 129 24.42 -8.82 40.20
N LEU D 130 24.11 -9.84 39.40
CA LEU D 130 24.35 -11.22 39.78
C LEU D 130 25.74 -11.73 39.39
N TYR D 131 26.41 -11.09 38.45
CA TYR D 131 27.72 -11.60 38.03
C TYR D 131 28.73 -11.56 39.16
N SER D 132 28.72 -10.47 39.94
CA SER D 132 29.63 -10.30 41.06
C SER D 132 28.83 -10.19 42.35
N ARG D 133 29.16 -11.02 43.32
CA ARG D 133 28.53 -10.98 44.63
C ARG D 133 29.20 -9.97 45.56
N VAL D 134 30.22 -9.25 45.08
CA VAL D 134 30.85 -8.21 45.87
C VAL D 134 29.95 -6.98 45.90
N GLY D 135 29.84 -6.37 47.07
CA GLY D 135 29.00 -5.19 47.21
C GLY D 135 27.54 -5.46 46.97
N ARG D 136 27.02 -6.58 47.48
CA ARG D 136 25.60 -6.91 47.41
C ARG D 136 24.90 -6.17 48.53
N SER D 137 24.37 -4.99 48.22
CA SER D 137 23.71 -4.14 49.20
C SER D 137 22.19 -4.23 49.05
N VAL D 138 21.50 -3.51 49.92
CA VAL D 138 20.04 -3.53 49.93
C VAL D 138 19.49 -3.03 48.60
N THR D 139 20.05 -1.93 48.09
CA THR D 139 19.58 -1.37 46.84
C THR D 139 19.70 -2.39 45.71
N ASP D 140 20.76 -3.21 45.75
CA ASP D 140 20.93 -4.23 44.73
C ASP D 140 19.78 -5.23 44.76
N VAL D 141 19.36 -5.64 45.96
CA VAL D 141 18.26 -6.58 46.09
C VAL D 141 16.97 -5.97 45.57
N TYR D 142 16.70 -4.73 45.96
CA TYR D 142 15.48 -4.08 45.52
C TYR D 142 15.45 -3.96 44.00
N LEU D 143 16.58 -3.56 43.41
CA LEU D 143 16.65 -3.44 41.96
C LEU D 143 16.49 -4.79 41.29
N LEU D 144 17.03 -5.85 41.90
CA LEU D 144 16.88 -7.18 41.34
C LEU D 144 15.42 -7.57 41.24
N ASN D 145 14.68 -7.43 42.34
CA ASN D 145 13.27 -7.77 42.33
C ASN D 145 12.50 -6.90 41.34
N LEU D 146 12.81 -5.60 41.32
CA LEU D 146 12.12 -4.70 40.40
C LEU D 146 12.35 -5.09 38.96
N ALA D 147 13.59 -5.43 38.61
CA ALA D 147 13.91 -5.81 37.25
C ALA D 147 13.22 -7.12 36.88
N LEU D 148 13.15 -8.05 37.82
CA LEU D 148 12.42 -9.30 37.57
C LEU D 148 10.97 -9.00 37.23
N ALA D 149 10.33 -8.14 38.03
CA ALA D 149 8.93 -7.80 37.80
C ALA D 149 8.73 -7.16 36.43
N ASP D 150 9.58 -6.18 36.11
CA ASP D 150 9.46 -5.51 34.82
C ASP D 150 9.70 -6.47 33.67
N LEU D 151 10.63 -7.40 33.84
CA LEU D 151 10.91 -8.38 32.80
C LEU D 151 9.70 -9.26 32.55
N LEU D 152 9.04 -9.72 33.62
CA LEU D 152 7.84 -10.52 33.44
C LEU D 152 6.73 -9.72 32.76
N PHE D 153 6.57 -8.46 33.14
CA PHE D 153 5.58 -7.61 32.50
C PHE D 153 5.84 -7.49 31.00
N ALA D 154 7.11 -7.24 30.64
CA ALA D 154 7.46 -7.14 29.22
C ALA D 154 7.21 -8.46 28.51
N LEU D 155 7.54 -9.58 29.16
CA LEU D 155 7.30 -10.89 28.56
C LEU D 155 5.82 -11.12 28.29
N THR D 156 4.94 -10.59 29.15
CA THR D 156 3.50 -10.72 28.92
C THR D 156 2.96 -9.74 27.89
N LEU D 157 3.65 -8.63 27.65
CA LEU D 157 3.13 -7.58 26.76
C LEU D 157 2.67 -8.08 25.39
N PRO D 158 3.47 -8.88 24.67
CA PRO D 158 3.15 -9.18 23.27
C PRO D 158 1.76 -9.78 23.07
N ILE D 159 1.35 -10.67 23.97
CA ILE D 159 0.03 -11.27 23.84
C ILE D 159 -1.05 -10.20 24.02
N TRP D 160 -0.82 -9.26 24.94
CA TRP D 160 -1.74 -8.14 25.08
C TRP D 160 -1.83 -7.33 23.79
N ALA D 161 -0.68 -7.11 23.14
CA ALA D 161 -0.69 -6.38 21.89
C ALA D 161 -1.49 -7.11 20.82
N ALA D 162 -1.30 -8.43 20.72
CA ALA D 162 -2.06 -9.20 19.74
C ALA D 162 -3.55 -9.15 20.05
N SER D 163 -3.91 -9.21 21.32
CA SER D 163 -5.31 -9.10 21.70
C SER D 163 -5.88 -7.75 21.29
N LYS D 164 -5.14 -6.68 21.54
CA LYS D 164 -5.58 -5.36 21.09
C LYS D 164 -5.75 -5.32 19.58
N VAL D 165 -4.90 -6.08 18.87
CA VAL D 165 -5.01 -6.15 17.42
C VAL D 165 -6.32 -6.81 16.99
N ASN D 166 -6.52 -8.08 17.37
CA ASN D 166 -7.64 -8.85 16.85
C ASN D 166 -8.51 -9.46 17.94
N GLY D 167 -8.30 -9.13 19.20
CA GLY D 167 -9.08 -9.69 20.28
C GLY D 167 -8.46 -10.96 20.83
N TRP D 168 -9.07 -11.46 21.90
CA TRP D 168 -8.56 -12.63 22.61
C TRP D 168 -9.07 -13.88 21.90
N ILE D 169 -8.19 -14.48 21.09
CA ILE D 169 -8.48 -15.72 20.39
C ILE D 169 -7.70 -16.88 21.02
N PHE D 170 -6.93 -16.61 22.06
CA PHE D 170 -5.99 -17.57 22.61
C PHE D 170 -6.59 -18.46 23.69
N GLY D 171 -7.81 -18.18 24.12
CA GLY D 171 -8.50 -19.04 25.06
C GLY D 171 -8.62 -18.41 26.44
N THR D 172 -9.42 -19.07 27.29
CA THR D 172 -9.68 -18.55 28.63
C THR D 172 -8.48 -18.75 29.55
N PHE D 173 -7.83 -19.90 29.46
CA PHE D 173 -6.75 -20.22 30.39
C PHE D 173 -5.62 -19.20 30.27
N LEU D 174 -5.23 -18.88 29.04
CA LEU D 174 -4.19 -17.88 28.84
C LEU D 174 -4.63 -16.51 29.30
N CYS D 175 -5.90 -16.15 29.07
CA CYS D 175 -6.41 -14.89 29.60
C CYS D 175 -6.19 -14.82 31.11
N LYS D 176 -6.60 -15.85 31.83
CA LYS D 176 -6.44 -15.86 33.28
C LYS D 176 -4.98 -15.72 33.66
N VAL D 177 -4.12 -16.58 33.10
CA VAL D 177 -2.73 -16.63 33.53
C VAL D 177 -2.02 -15.31 33.23
N VAL D 178 -2.20 -14.81 32.01
CA VAL D 178 -1.51 -13.59 31.60
C VAL D 178 -1.99 -12.41 32.43
N SER D 179 -3.30 -12.30 32.65
CA SER D 179 -3.79 -11.19 33.46
C SER D 179 -3.23 -11.26 34.87
N LEU D 180 -3.20 -12.47 35.45
CA LEU D 180 -2.63 -12.63 36.78
C LEU D 180 -1.18 -12.16 36.81
N LEU D 181 -0.36 -12.64 35.88
CA LEU D 181 1.05 -12.30 35.88
C LEU D 181 1.25 -10.80 35.73
N LYS D 182 0.53 -10.19 34.78
CA LYS D 182 0.66 -8.77 34.53
C LYS D 182 0.31 -7.95 35.77
N GLU D 183 -0.84 -8.24 36.36
CA GLU D 183 -1.29 -7.44 37.51
C GLU D 183 -0.34 -7.63 38.69
N VAL D 184 0.11 -8.87 38.92
CA VAL D 184 1.04 -9.13 40.01
C VAL D 184 2.30 -8.31 39.83
N ASN D 185 2.87 -8.33 38.62
CA ASN D 185 4.12 -7.62 38.40
C ASN D 185 3.94 -6.11 38.52
N PHE D 186 2.79 -5.59 38.05
CA PHE D 186 2.54 -4.16 38.18
C PHE D 186 2.49 -3.75 39.66
N TYR D 187 1.71 -4.47 40.46
CA TYR D 187 1.63 -4.17 41.88
C TYR D 187 2.99 -4.27 42.54
N SER D 188 3.76 -5.31 42.19
CA SER D 188 5.07 -5.50 42.80
C SER D 188 6.01 -4.36 42.45
N GLY D 189 6.00 -3.92 41.20
CA GLY D 189 6.85 -2.81 40.82
C GLY D 189 6.53 -1.55 41.61
N ILE D 190 5.24 -1.24 41.72
CA ILE D 190 4.85 -0.03 42.45
C ILE D 190 5.29 -0.12 43.90
N LEU D 191 5.00 -1.25 44.54
CA LEU D 191 5.31 -1.38 45.97
C LEU D 191 6.82 -1.37 46.19
N LEU D 192 7.58 -1.92 45.25
CA LEU D 192 9.03 -1.90 45.38
C LEU D 192 9.57 -0.49 45.24
N LEU D 193 8.97 0.32 44.36
CA LEU D 193 9.36 1.72 44.28
C LEU D 193 9.13 2.41 45.62
N ALA D 194 7.96 2.17 46.23
CA ALA D 194 7.69 2.76 47.53
C ALA D 194 8.69 2.31 48.58
N CYS D 195 9.03 1.03 48.58
CA CYS D 195 9.98 0.51 49.56
C CYS D 195 11.37 1.09 49.35
N ILE D 196 11.76 1.33 48.09
CA ILE D 196 13.02 1.98 47.81
C ILE D 196 13.03 3.39 48.38
N SER D 197 11.92 4.10 48.20
CA SER D 197 11.83 5.44 48.77
C SER D 197 11.99 5.38 50.29
N VAL D 198 11.35 4.41 50.92
CA VAL D 198 11.48 4.26 52.37
C VAL D 198 12.92 3.99 52.76
N ASP D 199 13.60 3.13 52.01
CA ASP D 199 14.99 2.82 52.32
C ASP D 199 15.85 4.07 52.25
N ARG D 200 15.65 4.89 51.21
CA ARG D 200 16.44 6.10 51.09
C ARG D 200 16.14 7.07 52.22
N TYR D 201 14.87 7.20 52.60
CA TYR D 201 14.50 8.05 53.73
C TYR D 201 15.20 7.59 54.99
N LEU D 202 15.18 6.29 55.26
CA LEU D 202 15.82 5.76 56.46
C LEU D 202 17.33 5.98 56.41
N ALA D 203 17.92 5.87 55.22
CA ALA D 203 19.37 5.95 55.11
C ALA D 203 19.88 7.38 55.27
N ILE D 204 19.10 8.36 54.84
CA ILE D 204 19.55 9.74 54.86
C ILE D 204 19.08 10.47 56.11
N VAL D 205 17.78 10.61 56.30
CA VAL D 205 17.27 11.40 57.42
C VAL D 205 17.66 10.78 58.75
N HIS D 206 17.45 9.46 58.88
CA HIS D 206 17.73 8.74 60.11
C HIS D 206 19.06 8.02 60.05
N ALA D 207 20.04 8.62 59.37
CA ALA D 207 21.34 7.97 59.20
C ALA D 207 22.02 7.77 60.53
N THR D 208 22.03 8.79 61.37
CA THR D 208 22.74 8.77 62.64
C THR D 208 21.95 8.10 63.75
N ARG D 209 20.67 7.81 63.53
CA ARG D 209 19.81 7.26 64.55
C ARG D 209 19.92 5.74 64.55
N THR D 210 19.14 5.08 65.41
CA THR D 210 19.14 3.62 65.50
C THR D 210 18.10 2.98 64.58
N LEU D 211 17.25 3.76 63.94
CA LEU D 211 16.22 3.20 63.07
C LEU D 211 16.80 2.68 61.76
N THR D 212 17.94 3.21 61.32
CA THR D 212 18.53 2.79 60.06
C THR D 212 18.97 1.34 60.06
N GLN D 213 19.04 0.70 61.22
CA GLN D 213 19.36 -0.71 61.32
C GLN D 213 18.19 -1.59 60.94
N LYS D 214 17.02 -1.00 60.69
CA LYS D 214 15.85 -1.76 60.24
C LYS D 214 15.76 -1.84 58.73
N ARG D 215 16.77 -1.37 58.01
CA ARG D 215 16.79 -1.46 56.55
C ARG D 215 17.59 -2.66 56.06
N TYR D 216 17.98 -3.57 56.95
CA TYR D 216 18.64 -4.81 56.58
C TYR D 216 17.64 -5.97 56.42
N LEU D 217 16.35 -5.67 56.42
CA LEU D 217 15.30 -6.67 56.27
C LEU D 217 14.77 -6.73 54.84
N VAL D 218 15.64 -6.53 53.85
CA VAL D 218 15.18 -6.44 52.47
C VAL D 218 14.51 -7.74 52.04
N LYS D 219 15.10 -8.88 52.44
CA LYS D 219 14.59 -10.16 51.98
C LYS D 219 13.15 -10.37 52.42
N PHE D 220 12.88 -10.20 53.72
CA PHE D 220 11.53 -10.39 54.23
C PHE D 220 10.57 -9.37 53.63
N ILE D 221 11.00 -8.13 53.49
CA ILE D 221 10.12 -7.10 52.96
C ILE D 221 9.73 -7.42 51.53
N CYS D 222 10.69 -7.79 50.70
CA CYS D 222 10.40 -8.13 49.30
C CYS D 222 9.51 -9.36 49.22
N LEU D 223 9.76 -10.36 50.08
CA LEU D 223 8.91 -11.54 50.07
C LEU D 223 7.47 -11.17 50.43
N SER D 224 7.30 -10.32 51.45
CA SER D 224 5.96 -9.89 51.83
C SER D 224 5.30 -9.10 50.70
N ILE D 225 6.08 -8.27 50.00
CA ILE D 225 5.54 -7.49 48.90
C ILE D 225 5.04 -8.41 47.80
N TRP D 226 5.84 -9.41 47.45
CA TRP D 226 5.41 -10.36 46.43
C TRP D 226 4.16 -11.11 46.85
N GLY D 227 4.10 -11.52 48.12
CA GLY D 227 2.92 -12.22 48.60
C GLY D 227 1.69 -11.33 48.53
N LEU D 228 1.83 -10.07 48.92
CA LEU D 228 0.70 -9.15 48.90
C LEU D 228 0.24 -8.90 47.47
N SER D 229 1.19 -8.77 46.54
CA SER D 229 0.84 -8.60 45.13
C SER D 229 0.07 -9.82 44.63
N LEU D 230 0.52 -11.02 45.00
CA LEU D 230 -0.19 -12.22 44.61
C LEU D 230 -1.60 -12.22 45.18
N LEU D 231 -1.74 -11.80 46.45
CA LEU D 231 -3.05 -11.78 47.08
C LEU D 231 -4.00 -10.81 46.39
N LEU D 232 -3.49 -9.66 45.97
CA LEU D 232 -4.33 -8.64 45.39
C LEU D 232 -4.73 -8.93 43.94
N ALA D 233 -4.14 -9.94 43.31
CA ALA D 233 -4.44 -10.26 41.91
C ALA D 233 -5.27 -11.52 41.77
N LEU D 234 -5.67 -12.13 42.88
CA LEU D 234 -6.53 -13.31 42.81
C LEU D 234 -7.83 -13.00 42.08
N PRO D 235 -8.47 -11.87 42.34
CA PRO D 235 -9.74 -11.57 41.66
C PRO D 235 -9.65 -11.67 40.15
N VAL D 236 -8.53 -11.23 39.58
CA VAL D 236 -8.34 -11.33 38.15
C VAL D 236 -8.35 -12.78 37.70
N LEU D 237 -7.62 -13.65 38.39
CA LEU D 237 -7.57 -15.05 38.00
C LEU D 237 -8.94 -15.70 38.14
N LEU D 238 -9.65 -15.38 39.22
CA LEU D 238 -10.90 -16.08 39.51
C LEU D 238 -12.03 -15.62 38.59
N PHE D 239 -12.12 -14.32 38.33
CA PHE D 239 -13.32 -13.74 37.74
C PHE D 239 -13.13 -13.27 36.31
N ARG D 240 -12.13 -13.80 35.59
CA ARG D 240 -11.89 -13.41 34.21
C ARG D 240 -12.17 -14.59 33.28
N ARG D 241 -12.53 -14.25 32.05
CA ARG D 241 -12.82 -15.24 31.02
C ARG D 241 -12.86 -14.52 29.68
N THR D 242 -13.27 -15.25 28.65
CA THR D 242 -13.45 -14.69 27.31
C THR D 242 -14.89 -14.22 27.17
N VAL D 243 -15.06 -12.99 26.69
CA VAL D 243 -16.37 -12.41 26.46
C VAL D 243 -16.52 -12.15 24.98
N TYR D 244 -17.59 -12.67 24.40
CA TYR D 244 -17.90 -12.53 22.99
C TYR D 244 -19.08 -11.58 22.84
N SER D 245 -18.85 -10.45 22.18
CA SER D 245 -19.90 -9.47 21.91
C SER D 245 -20.14 -9.40 20.40
N SER D 246 -21.13 -8.60 20.00
CA SER D 246 -21.48 -8.41 18.60
C SER D 246 -20.83 -7.17 18.00
N ASN D 247 -20.93 -6.04 18.68
CA ASN D 247 -20.34 -4.81 18.17
C ASN D 247 -18.83 -4.89 18.11
N VAL D 248 -18.22 -5.56 19.10
CA VAL D 248 -16.78 -5.53 19.30
C VAL D 248 -16.25 -6.95 19.34
N SER D 249 -14.96 -7.09 19.07
CA SER D 249 -14.25 -8.36 19.06
C SER D 249 -14.20 -8.95 20.46
N PRO D 250 -13.76 -10.20 20.61
CA PRO D 250 -13.73 -10.82 21.94
C PRO D 250 -12.74 -10.13 22.86
N ALA D 251 -12.97 -10.28 24.17
CA ALA D 251 -12.11 -9.63 25.14
C ALA D 251 -11.82 -10.56 26.31
N CYS D 252 -10.72 -10.30 26.99
CA CYS D 252 -10.33 -10.98 28.22
C CYS D 252 -10.85 -10.15 29.38
N TYR D 253 -12.17 -10.20 29.57
CA TYR D 253 -12.89 -9.38 30.52
C TYR D 253 -13.23 -10.19 31.76
N GLU D 254 -14.04 -9.60 32.64
CA GLU D 254 -14.43 -10.19 33.91
C GLU D 254 -15.89 -10.60 33.85
N ASP D 255 -16.21 -11.74 34.46
CA ASP D 255 -17.57 -12.25 34.52
C ASP D 255 -17.87 -12.63 35.97
N MET D 256 -18.32 -11.65 36.75
CA MET D 256 -18.63 -11.86 38.15
C MET D 256 -20.12 -12.12 38.40
N GLY D 257 -20.97 -12.02 37.38
CA GLY D 257 -22.36 -12.33 37.51
C GLY D 257 -23.23 -11.27 36.88
N ASN D 258 -24.48 -11.20 37.33
CA ASN D 258 -25.45 -10.29 36.74
C ASN D 258 -25.03 -8.83 36.94
N ASN D 259 -24.49 -8.50 38.11
CA ASN D 259 -24.12 -7.13 38.45
C ASN D 259 -22.64 -6.88 38.23
N THR D 260 -22.08 -7.44 37.15
CA THR D 260 -20.65 -7.43 36.94
C THR D 260 -20.08 -6.02 36.88
N ALA D 261 -20.85 -5.08 36.34
CA ALA D 261 -20.32 -3.73 36.16
C ALA D 261 -19.94 -3.10 37.49
N ASN D 262 -20.86 -3.13 38.46
CA ASN D 262 -20.59 -2.48 39.74
C ASN D 262 -19.50 -3.20 40.51
N TRP D 263 -19.45 -4.53 40.43
CA TRP D 263 -18.37 -5.26 41.09
C TRP D 263 -17.03 -4.89 40.48
N ARG D 264 -16.97 -4.73 39.16
CA ARG D 264 -15.74 -4.30 38.51
C ARG D 264 -15.35 -2.90 38.97
N MET D 265 -16.34 -2.01 39.09
CA MET D 265 -16.07 -0.68 39.60
C MET D 265 -15.45 -0.74 40.99
N LEU D 266 -16.00 -1.57 41.87
CA LEU D 266 -15.45 -1.68 43.22
C LEU D 266 -14.05 -2.26 43.19
N LEU D 267 -13.84 -3.31 42.40
CA LEU D 267 -12.51 -3.92 42.31
C LEU D 267 -11.48 -2.91 41.81
N ARG D 268 -11.93 -1.94 41.00
CA ARG D 268 -11.00 -0.93 40.52
C ARG D 268 -10.43 -0.09 41.65
N ILE D 269 -11.03 -0.14 42.84
CA ILE D 269 -10.53 0.65 43.95
C ILE D 269 -9.15 0.19 44.38
N LEU D 270 -8.89 -1.11 44.30
CA LEU D 270 -7.60 -1.63 44.78
C LEU D 270 -6.43 -1.04 44.01
N PRO D 271 -6.38 -1.10 42.68
CA PRO D 271 -5.25 -0.50 41.96
C PRO D 271 -5.09 0.98 42.19
N GLN D 272 -6.19 1.71 42.43
CA GLN D 272 -6.12 3.15 42.64
C GLN D 272 -5.83 3.52 44.09
N SER D 273 -5.79 2.54 44.99
CA SER D 273 -5.46 2.77 46.39
C SER D 273 -4.12 2.17 46.77
N PHE D 274 -3.90 0.89 46.46
CA PHE D 274 -2.63 0.23 46.70
C PHE D 274 -1.68 0.35 45.53
N GLY D 275 -2.07 1.06 44.47
CA GLY D 275 -1.24 1.18 43.30
C GLY D 275 -0.89 2.61 42.95
N PHE D 276 -1.72 3.57 43.36
CA PHE D 276 -1.44 4.97 43.08
C PHE D 276 -1.31 5.81 44.34
N ILE D 277 -2.35 5.81 45.17
CA ILE D 277 -2.45 6.81 46.23
C ILE D 277 -1.46 6.52 47.34
N VAL D 278 -1.50 5.31 47.89
CA VAL D 278 -0.66 4.97 49.04
C VAL D 278 0.82 5.11 48.66
N PRO D 279 1.27 4.49 47.57
CA PRO D 279 2.67 4.67 47.17
C PRO D 279 3.03 6.10 46.88
N LEU D 280 2.14 6.86 46.24
CA LEU D 280 2.45 8.25 45.92
C LEU D 280 2.63 9.07 47.19
N LEU D 281 1.74 8.89 48.16
CA LEU D 281 1.87 9.62 49.41
C LEU D 281 3.14 9.25 50.14
N ILE D 282 3.46 7.95 50.19
CA ILE D 282 4.68 7.51 50.86
C ILE D 282 5.89 8.12 50.19
N MET D 283 5.93 8.06 48.86
CA MET D 283 7.06 8.61 48.13
C MET D 283 7.20 10.09 48.36
N LEU D 284 6.09 10.82 48.32
CA LEU D 284 6.14 12.26 48.51
C LEU D 284 6.66 12.61 49.90
N PHE D 285 6.13 11.96 50.93
CA PHE D 285 6.57 12.21 52.29
C PHE D 285 8.08 11.95 52.42
N CYS D 286 8.51 10.75 52.01
CA CYS D 286 9.89 10.36 52.21
C CYS D 286 10.84 11.27 51.43
N TYR D 287 10.54 11.50 50.16
CA TYR D 287 11.42 12.33 49.34
C TYR D 287 11.40 13.78 49.76
N GLY D 288 10.27 14.29 50.27
CA GLY D 288 10.26 15.66 50.74
C GLY D 288 11.12 15.85 51.97
N PHE D 289 11.02 14.94 52.93
CA PHE D 289 11.90 15.05 54.09
C PHE D 289 13.36 14.83 53.71
N THR D 290 13.61 13.94 52.75
CA THR D 290 14.96 13.75 52.25
C THR D 290 15.50 15.04 51.65
N LEU D 291 14.70 15.71 50.82
CA LEU D 291 15.14 16.96 50.22
C LEU D 291 15.36 18.04 51.27
N ARG D 292 14.52 18.07 52.30
CA ARG D 292 14.69 19.04 53.36
C ARG D 292 16.03 18.83 54.07
N THR D 293 16.38 17.57 54.34
CA THR D 293 17.69 17.31 54.94
C THR D 293 18.81 17.68 53.98
N LEU D 294 18.66 17.36 52.70
CA LEU D 294 19.73 17.60 51.74
C LEU D 294 19.94 19.07 51.42
N PHE D 295 18.95 19.93 51.62
CA PHE D 295 19.13 21.35 51.41
C PHE D 295 19.92 22.00 52.54
N LYS D 296 19.92 21.39 53.72
CA LYS D 296 20.60 21.91 54.88
C LYS D 296 22.05 21.46 54.98
N ALA D 297 22.49 20.56 54.12
CA ALA D 297 23.83 20.01 54.18
C ALA D 297 24.76 20.74 53.23
N HIS D 298 26.07 20.51 53.43
CA HIS D 298 27.12 21.18 52.68
C HIS D 298 27.79 20.28 51.66
N MET D 299 27.21 19.12 51.37
CA MET D 299 27.81 18.20 50.41
C MET D 299 27.80 18.80 49.01
N GLY D 300 28.87 18.57 48.26
CA GLY D 300 28.95 19.07 46.90
C GLY D 300 27.94 18.43 45.97
N GLN D 301 27.65 17.16 46.17
CA GLN D 301 26.81 16.39 45.27
C GLN D 301 25.34 16.41 45.67
N LYS D 302 24.93 17.38 46.49
CA LYS D 302 23.53 17.49 46.88
C LYS D 302 22.63 17.78 45.68
N HIS D 303 23.09 18.65 44.77
CA HIS D 303 22.24 19.11 43.69
C HIS D 303 21.82 17.96 42.79
N ARG D 304 22.76 17.07 42.44
CA ARG D 304 22.42 15.96 41.57
C ARG D 304 21.40 15.03 42.24
N ALA D 305 21.53 14.84 43.55
CA ALA D 305 20.56 14.03 44.28
C ALA D 305 19.17 14.67 44.22
N MET D 306 19.11 15.98 44.43
CA MET D 306 17.84 16.68 44.31
C MET D 306 17.23 16.47 42.94
N ARG D 307 18.05 16.60 41.89
CA ARG D 307 17.56 16.46 40.53
C ARG D 307 17.05 15.06 40.28
N VAL D 308 17.77 14.06 40.79
CA VAL D 308 17.35 12.67 40.58
C VAL D 308 16.03 12.40 41.27
N ILE D 309 15.87 12.88 42.50
CA ILE D 309 14.63 12.65 43.23
C ILE D 309 13.45 13.31 42.51
N PHE D 310 13.65 14.56 42.08
CA PHE D 310 12.60 15.23 41.34
C PHE D 310 12.26 14.48 40.06
N ALA D 311 13.28 13.98 39.38
CA ALA D 311 13.06 13.24 38.14
C ALA D 311 12.25 11.98 38.41
N VAL D 312 12.58 11.27 39.48
CA VAL D 312 11.85 10.04 39.80
C VAL D 312 10.38 10.35 40.04
N VAL D 313 10.12 11.37 40.87
CA VAL D 313 8.74 11.70 41.20
C VAL D 313 7.98 12.11 39.94
N LEU D 314 8.60 12.96 39.11
CA LEU D 314 7.92 13.43 37.91
C LEU D 314 7.66 12.27 36.94
N ILE D 315 8.62 11.35 36.81
CA ILE D 315 8.42 10.21 35.92
C ILE D 315 7.26 9.37 36.41
N PHE D 316 7.21 9.09 37.71
CA PHE D 316 6.11 8.30 38.26
C PHE D 316 4.78 8.98 37.99
N LEU D 317 4.71 10.29 38.25
CA LEU D 317 3.47 11.02 38.01
C LEU D 317 3.07 10.94 36.55
N LEU D 318 3.98 11.30 35.65
CA LEU D 318 3.68 11.31 34.23
C LEU D 318 3.22 9.95 33.76
N CYS D 319 3.78 8.88 34.33
CA CYS D 319 3.45 7.54 33.87
C CYS D 319 2.07 7.11 34.36
N TRP D 320 1.74 7.41 35.62
CA TRP D 320 0.59 6.77 36.23
C TRP D 320 -0.61 7.69 36.46
N LEU D 321 -0.41 8.98 36.70
CA LEU D 321 -1.53 9.87 37.01
C LEU D 321 -2.57 9.91 35.90
N PRO D 322 -2.21 10.07 34.62
CA PRO D 322 -3.25 10.15 33.58
C PRO D 322 -4.16 8.93 33.54
N TYR D 323 -3.59 7.74 33.69
CA TYR D 323 -4.39 6.53 33.60
C TYR D 323 -5.43 6.49 34.72
N ASN D 324 -5.01 6.83 35.93
CA ASN D 324 -5.96 6.84 37.05
C ASN D 324 -6.98 7.96 36.92
N LEU D 325 -6.59 9.12 36.38
CA LEU D 325 -7.57 10.17 36.16
C LEU D 325 -8.63 9.74 35.16
N VAL D 326 -8.20 9.11 34.07
CA VAL D 326 -9.14 8.62 33.07
C VAL D 326 -10.03 7.54 33.66
N LEU D 327 -9.46 6.68 34.48
CA LEU D 327 -10.25 5.63 35.13
C LEU D 327 -11.29 6.23 36.06
N LEU D 328 -10.91 7.26 36.81
CA LEU D 328 -11.85 7.93 37.70
C LEU D 328 -12.96 8.60 36.90
N ALA D 329 -12.61 9.21 35.77
CA ALA D 329 -13.63 9.81 34.92
C ALA D 329 -14.60 8.78 34.40
N ASP D 330 -14.08 7.62 33.98
CA ASP D 330 -14.95 6.55 33.52
C ASP D 330 -15.88 6.06 34.63
N THR D 331 -15.33 5.92 35.83
CA THR D 331 -16.15 5.50 36.97
C THR D 331 -17.26 6.51 37.24
N LEU D 332 -16.93 7.79 37.23
CA LEU D 332 -17.94 8.82 37.44
C LEU D 332 -18.99 8.78 36.35
N MET D 333 -18.57 8.62 35.10
CA MET D 333 -19.50 8.60 33.98
C MET D 333 -20.46 7.43 34.11
N ARG D 334 -19.95 6.26 34.51
CA ARG D 334 -20.82 5.13 34.75
C ARG D 334 -21.75 5.36 35.93
N THR D 335 -21.31 6.14 36.92
CA THR D 335 -22.10 6.41 38.11
C THR D 335 -23.03 7.61 37.93
N GLN D 336 -23.06 8.21 36.75
CA GLN D 336 -23.95 9.31 36.37
C GLN D 336 -23.61 10.62 37.05
N VAL D 337 -22.48 10.71 37.76
CA VAL D 337 -22.05 12.01 38.27
C VAL D 337 -21.74 12.95 37.12
N ILE D 338 -21.08 12.45 36.08
CA ILE D 338 -20.85 13.17 34.84
C ILE D 338 -21.84 12.63 33.81
N GLN D 339 -22.47 13.55 33.07
CA GLN D 339 -23.43 13.15 32.07
C GLN D 339 -22.77 12.26 31.02
N GLU D 340 -23.51 11.26 30.56
CA GLU D 340 -23.01 10.24 29.67
C GLU D 340 -23.43 10.54 28.24
N THR D 341 -22.46 10.49 27.32
CA THR D 341 -22.74 10.69 25.90
C THR D 341 -21.75 9.86 25.10
N CYS D 342 -22.10 9.61 23.84
CA CYS D 342 -21.27 8.76 22.99
C CYS D 342 -19.90 9.39 22.76
N GLU D 343 -19.86 10.70 22.54
CA GLU D 343 -18.58 11.37 22.32
C GLU D 343 -17.66 11.19 23.51
N ARG D 344 -18.20 11.35 24.73
CA ARG D 344 -17.39 11.15 25.92
C ARG D 344 -16.91 9.71 26.00
N ARG D 345 -17.77 8.76 25.63
CA ARG D 345 -17.38 7.35 25.67
C ARG D 345 -16.17 7.11 24.76
N ASN D 346 -16.25 7.60 23.53
CA ASN D 346 -15.16 7.39 22.59
C ASN D 346 -13.89 8.08 23.07
N HIS D 347 -14.02 9.30 23.59
CA HIS D 347 -12.87 10.03 24.09
C HIS D 347 -12.21 9.27 25.23
N ILE D 348 -13.02 8.73 26.14
CA ILE D 348 -12.47 8.02 27.29
C ILE D 348 -11.81 6.72 26.88
N ASP D 349 -12.39 6.03 25.89
CA ASP D 349 -11.76 4.80 25.43
C ASP D 349 -10.40 5.09 24.79
N ARG D 350 -10.32 6.12 23.96
CA ARG D 350 -9.05 6.49 23.36
C ARG D 350 -8.05 6.89 24.44
N ALA D 351 -8.51 7.64 25.44
CA ALA D 351 -7.62 8.09 26.51
C ALA D 351 -7.12 6.89 27.32
N LEU D 352 -7.99 5.91 27.56
CA LEU D 352 -7.57 4.71 28.26
C LEU D 352 -6.47 4.00 27.50
N ASP D 353 -6.66 3.84 26.19
CA ASP D 353 -5.63 3.18 25.39
C ASP D 353 -4.32 3.94 25.47
N ALA D 354 -4.38 5.26 25.28
CA ALA D 354 -3.16 6.06 25.26
C ALA D 354 -2.46 6.03 26.61
N THR D 355 -3.22 6.14 27.71
CA THR D 355 -2.61 6.17 29.03
C THR D 355 -2.08 4.80 29.43
N GLU D 356 -2.72 3.72 29.01
CA GLU D 356 -2.14 2.41 29.23
C GLU D 356 -0.81 2.29 28.50
N ILE D 357 -0.76 2.76 27.26
CA ILE D 357 0.51 2.76 26.52
C ILE D 357 1.56 3.56 27.29
N LEU D 358 1.17 4.74 27.77
CA LEU D 358 2.12 5.61 28.46
C LEU D 358 2.62 4.97 29.75
N GLY D 359 1.72 4.35 30.52
CA GLY D 359 2.13 3.72 31.76
C GLY D 359 3.02 2.51 31.53
N ILE D 360 2.79 1.78 30.44
CA ILE D 360 3.61 0.63 30.11
C ILE D 360 5.08 0.99 29.97
N LEU D 361 5.40 2.27 29.83
CA LEU D 361 6.79 2.71 29.68
C LEU D 361 7.58 2.60 30.97
N HIS D 362 6.95 2.25 32.09
CA HIS D 362 7.68 2.14 33.35
C HIS D 362 8.64 0.97 33.36
N SER D 363 8.46 0.00 32.48
CA SER D 363 9.35 -1.15 32.42
C SER D 363 10.64 -0.84 31.65
N CYS D 364 10.67 0.25 30.89
CA CYS D 364 11.85 0.64 30.14
C CYS D 364 12.66 1.73 30.79
N LEU D 365 12.04 2.59 31.60
CA LEU D 365 12.72 3.73 32.18
C LEU D 365 13.25 3.46 33.58
N ASN D 366 12.68 2.50 34.30
CA ASN D 366 13.16 2.20 35.64
C ASN D 366 14.64 1.84 35.68
N PRO D 367 15.17 0.99 34.80
CA PRO D 367 16.61 0.72 34.84
C PRO D 367 17.46 1.96 34.67
N LEU D 368 17.00 2.90 33.84
CA LEU D 368 17.77 4.13 33.64
C LEU D 368 17.68 5.04 34.87
N ILE D 369 16.48 5.19 35.44
CA ILE D 369 16.28 6.15 36.50
C ILE D 369 16.91 5.66 37.80
N TYR D 370 16.64 4.41 38.17
CA TYR D 370 17.00 3.93 39.50
C TYR D 370 18.38 3.29 39.57
N ALA D 371 18.82 2.62 38.51
CA ALA D 371 20.05 1.84 38.56
C ALA D 371 21.17 2.43 37.72
N PHE D 372 20.95 2.64 36.43
CA PHE D 372 22.03 3.06 35.54
C PHE D 372 22.53 4.47 35.83
N ILE D 373 21.84 5.24 36.64
CA ILE D 373 22.26 6.61 36.93
C ILE D 373 23.26 6.59 38.06
N GLY D 374 23.60 5.41 38.56
CA GLY D 374 24.58 5.25 39.61
C GLY D 374 25.92 4.84 39.03
N GLN D 375 26.99 5.42 39.58
CA GLN D 375 28.32 5.16 39.07
C GLN D 375 28.69 3.69 39.25
N LYS D 376 28.27 3.09 40.35
CA LYS D 376 28.64 1.71 40.64
C LYS D 376 28.16 0.77 39.55
N PHE D 377 26.90 0.93 39.13
CA PHE D 377 26.34 0.05 38.12
C PHE D 377 27.06 0.22 36.78
N ARG D 378 27.33 1.46 36.40
CA ARG D 378 28.02 1.69 35.12
C ARG D 378 29.42 1.09 35.15
N HIS D 379 30.15 1.28 36.26
CA HIS D 379 31.48 0.70 36.37
C HIS D 379 31.41 -0.83 36.30
N GLY D 380 30.43 -1.42 36.99
CA GLY D 380 30.29 -2.86 36.95
C GLY D 380 29.98 -3.36 35.54
N LEU D 381 29.13 -2.64 34.83
CA LEU D 381 28.80 -3.04 33.46
C LEU D 381 30.03 -2.98 32.57
N LEU D 382 30.79 -1.90 32.67
CA LEU D 382 32.00 -1.79 31.85
C LEU D 382 32.97 -2.90 32.18
N LYS D 383 33.10 -3.24 33.47
CA LYS D 383 33.96 -4.36 33.84
C LYS D 383 33.46 -5.67 33.25
N ILE D 384 32.16 -5.90 33.31
CA ILE D 384 31.60 -7.17 32.81
C ILE D 384 31.80 -7.29 31.31
N LEU D 385 31.73 -6.17 30.59
CA LEU D 385 31.89 -6.25 29.13
C LEU D 385 33.26 -6.80 28.76
N ALA D 386 34.21 -6.79 29.71
CA ALA D 386 35.52 -7.40 29.48
C ALA D 386 35.38 -8.90 29.26
N THR E 16 23.39 -33.44 65.13
CA THR E 16 22.46 -33.03 66.17
C THR E 16 21.53 -34.18 66.56
N LEU E 17 21.97 -35.41 66.29
CA LEU E 17 21.18 -36.60 66.61
C LEU E 17 21.34 -37.01 68.07
N SER E 18 22.59 -37.08 68.54
CA SER E 18 22.85 -37.52 69.90
C SER E 18 22.38 -36.49 70.92
N ALA E 19 22.18 -36.95 72.15
CA ALA E 19 21.75 -36.05 73.23
C ALA E 19 22.82 -35.02 73.54
N GLU E 20 24.09 -35.43 73.56
CA GLU E 20 25.18 -34.48 73.81
C GLU E 20 25.32 -33.50 72.67
N GLU E 21 25.16 -33.96 71.42
CA GLU E 21 25.29 -33.06 70.27
C GLU E 21 24.11 -32.10 70.18
N ARG E 22 22.96 -32.47 70.73
CA ARG E 22 21.83 -31.53 70.77
C ARG E 22 22.14 -30.35 71.68
N ALA E 23 22.78 -30.60 72.82
CA ALA E 23 23.15 -29.51 73.71
C ALA E 23 24.30 -28.69 73.15
N ALA E 24 25.20 -29.32 72.38
CA ALA E 24 26.27 -28.57 71.73
C ALA E 24 25.70 -27.58 70.70
N LEU E 25 24.68 -28.00 69.95
CA LEU E 25 24.01 -27.09 69.04
C LEU E 25 23.30 -25.98 69.79
N GLU E 26 22.73 -26.29 70.96
CA GLU E 26 22.10 -25.25 71.77
C GLU E 26 23.13 -24.26 72.28
N ARG E 27 24.33 -24.74 72.64
CA ARG E 27 25.40 -23.84 73.06
C ARG E 27 25.81 -22.92 71.92
N SER E 28 25.93 -23.45 70.70
CA SER E 28 26.32 -22.64 69.55
C SER E 28 25.29 -21.56 69.26
N LYS E 29 24.00 -21.90 69.34
CA LYS E 29 22.96 -20.91 69.09
C LYS E 29 22.93 -19.84 70.17
N ALA E 30 23.24 -20.21 71.42
CA ALA E 30 23.32 -19.22 72.48
C ALA E 30 24.49 -18.29 72.28
N ILE E 31 25.61 -18.81 71.77
CA ILE E 31 26.77 -17.97 71.47
C ILE E 31 26.43 -16.99 70.34
N GLU E 32 25.73 -17.46 69.31
CA GLU E 32 25.40 -16.61 68.19
C GLU E 32 24.49 -15.45 68.60
N LYS E 33 23.59 -15.68 69.56
CA LYS E 33 22.71 -14.61 70.00
C LYS E 33 23.50 -13.46 70.63
N ASN E 34 24.50 -13.79 71.45
CA ASN E 34 25.34 -12.75 72.04
C ASN E 34 26.23 -12.08 71.00
N LEU E 35 26.66 -12.84 69.98
CA LEU E 35 27.47 -12.27 68.92
C LEU E 35 26.68 -11.22 68.13
N LYS E 36 25.42 -11.54 67.81
CA LYS E 36 24.57 -10.58 67.11
C LYS E 36 24.20 -9.42 68.02
N GLU E 37 23.95 -9.69 69.30
CA GLU E 37 23.60 -8.62 70.23
C GLU E 37 24.73 -7.63 70.40
N ASP E 38 25.98 -8.13 70.49
CA ASP E 38 27.12 -7.24 70.62
C ASP E 38 27.31 -6.40 69.37
N GLY E 39 27.01 -6.97 68.18
CA GLY E 39 27.10 -6.20 66.96
C GLY E 39 26.10 -5.06 66.91
N ILE E 40 24.91 -5.27 67.47
CA ILE E 40 23.91 -4.21 67.52
C ILE E 40 24.41 -3.05 68.38
N SER E 41 24.99 -3.36 69.54
CA SER E 41 25.54 -2.33 70.41
C SER E 41 26.80 -1.69 69.85
N ALA E 42 27.37 -2.24 68.78
CA ALA E 42 28.57 -1.69 68.16
C ALA E 42 28.26 -0.90 66.90
N ALA E 43 26.99 -0.54 66.68
CA ALA E 43 26.60 0.25 65.52
C ALA E 43 26.23 1.68 65.86
N LYS E 44 26.11 2.01 67.15
CA LYS E 44 25.77 3.36 67.59
C LYS E 44 27.00 4.24 67.83
N ASP E 45 28.19 3.72 67.55
CA ASP E 45 29.43 4.45 67.81
C ASP E 45 30.06 4.89 66.50
N VAL E 46 30.71 6.05 66.53
CA VAL E 46 31.39 6.62 65.37
C VAL E 46 32.89 6.46 65.59
N LYS E 47 33.56 5.83 64.63
CA LYS E 47 34.98 5.54 64.72
C LYS E 47 35.74 6.59 63.92
N LEU E 48 36.49 7.44 64.61
CA LEU E 48 37.27 8.49 64.00
C LEU E 48 38.75 8.26 64.24
N LEU E 49 39.57 8.83 63.35
CA LEU E 49 41.01 8.61 63.36
C LEU E 49 41.71 9.94 63.62
N LEU E 50 42.56 9.99 64.63
CA LEU E 50 43.31 11.19 64.96
C LEU E 50 44.70 11.15 64.35
N LEU E 51 45.07 12.22 63.64
CA LEU E 51 46.38 12.32 63.01
C LEU E 51 46.90 13.73 63.18
N GLY E 52 48.18 13.91 62.84
CA GLY E 52 48.80 15.21 62.95
C GLY E 52 50.19 15.16 63.55
N ALA E 53 50.95 16.24 63.42
CA ALA E 53 52.30 16.31 63.95
C ALA E 53 52.25 16.40 65.48
N ASP E 54 53.42 16.20 66.09
CA ASP E 54 53.53 16.28 67.54
C ASP E 54 53.33 17.71 68.02
N ASN E 55 52.81 17.83 69.24
CA ASN E 55 52.56 19.13 69.89
C ASN E 55 51.61 20.00 69.07
N SER E 56 50.69 19.36 68.35
CA SER E 56 49.72 20.07 67.52
C SER E 56 48.32 20.05 68.11
N GLY E 57 48.16 19.64 69.37
CA GLY E 57 46.85 19.56 69.97
C GLY E 57 46.05 18.33 69.62
N LYS E 58 46.70 17.28 69.09
CA LYS E 58 46.00 16.07 68.70
C LYS E 58 45.51 15.26 69.89
N SER E 59 45.89 15.62 71.12
CA SER E 59 45.43 14.93 72.31
C SER E 59 44.55 15.81 73.19
N THR E 60 44.36 17.09 72.82
CA THR E 60 43.58 18.01 73.63
C THR E 60 42.58 18.79 72.76
N ILE E 61 41.84 18.08 71.91
CA ILE E 61 40.83 18.73 71.09
C ILE E 61 39.58 19.04 71.91
N VAL E 62 38.99 18.01 72.49
CA VAL E 62 37.79 18.13 73.31
C VAL E 62 38.18 18.01 74.78
N LYS E 63 37.69 18.95 75.61
CA LYS E 63 37.99 18.92 77.03
C LYS E 63 37.22 17.83 77.77
N GLN E 64 36.22 17.21 77.12
CA GLN E 64 35.49 16.09 77.69
C GLN E 64 36.17 14.82 77.17
N MET E 65 37.26 14.44 77.84
CA MET E 65 38.12 13.38 77.28
C MET E 65 37.55 12.00 77.57
N LYS E 66 37.51 11.61 78.84
CA LYS E 66 37.13 10.25 79.25
C LYS E 66 37.87 9.21 78.41
N ILE E 67 39.20 9.20 78.59
CA ILE E 67 40.08 8.42 77.71
C ILE E 67 39.66 6.96 77.65
N ILE E 68 39.66 6.28 78.80
CA ILE E 68 39.28 4.87 78.84
C ILE E 68 39.05 4.42 80.28
N THR E 79 52.22 2.76 75.85
CA THR E 79 52.69 3.03 74.49
C THR E 79 52.00 2.10 73.50
N GLY E 80 51.40 2.68 72.47
CA GLY E 80 50.66 1.92 71.48
C GLY E 80 49.54 2.72 70.86
N ILE E 81 48.33 2.17 70.87
CA ILE E 81 47.15 2.84 70.35
C ILE E 81 46.34 3.38 71.53
N VAL E 82 45.86 4.61 71.40
CA VAL E 82 45.13 5.30 72.46
C VAL E 82 43.71 5.57 71.98
N GLU E 83 42.73 5.23 72.82
CA GLU E 83 41.34 5.42 72.49
C GLU E 83 40.72 6.51 73.36
N THR E 84 39.68 7.14 72.82
CA THR E 84 38.93 8.17 73.53
C THR E 84 37.47 8.04 73.11
N HIS E 85 36.57 7.95 74.09
CA HIS E 85 35.20 7.54 73.83
C HIS E 85 34.21 8.55 74.41
N PHE E 86 34.42 9.83 74.13
CA PHE E 86 33.46 10.84 74.53
C PHE E 86 32.18 10.70 73.72
N THR E 87 31.06 11.10 74.34
CA THR E 87 29.75 11.01 73.73
C THR E 87 29.14 12.40 73.61
N PHE E 88 28.26 12.57 72.61
CA PHE E 88 27.66 13.87 72.35
C PHE E 88 26.37 13.67 71.55
N LYS E 89 25.27 14.23 72.05
CA LYS E 89 23.97 14.20 71.38
C LYS E 89 23.53 12.77 71.07
N ASN E 90 23.58 11.92 72.10
CA ASN E 90 23.14 10.53 72.01
C ASN E 90 23.92 9.76 70.94
N LEU E 91 25.17 10.15 70.72
CA LEU E 91 26.03 9.49 69.75
C LEU E 91 27.41 9.28 70.37
N HIS E 92 27.97 8.10 70.15
CA HIS E 92 29.23 7.72 70.76
C HIS E 92 30.36 7.94 69.75
N PHE E 93 31.34 8.75 70.13
CA PHE E 93 32.49 9.07 69.28
C PHE E 93 33.72 8.39 69.85
N ARG E 94 34.36 7.54 69.05
CA ARG E 94 35.56 6.82 69.46
C ARG E 94 36.74 7.36 68.64
N LEU E 95 37.67 8.01 69.32
CA LEU E 95 38.85 8.59 68.69
C LEU E 95 40.05 7.69 68.92
N PHE E 96 40.71 7.30 67.83
CA PHE E 96 41.88 6.44 67.88
C PHE E 96 43.12 7.25 67.53
N ASP E 97 44.03 7.38 68.48
CA ASP E 97 45.29 8.09 68.27
C ASP E 97 46.35 7.06 67.92
N VAL E 98 46.91 7.18 66.71
CA VAL E 98 47.90 6.23 66.21
C VAL E 98 49.32 6.68 66.47
N GLY E 99 49.51 7.83 67.12
CA GLY E 99 50.86 8.29 67.42
C GLY E 99 51.53 7.39 68.45
N GLY E 100 52.87 7.34 68.37
CA GLY E 100 53.66 6.54 69.26
C GLY E 100 54.02 5.16 68.74
N GLN E 101 53.37 4.71 67.67
CA GLN E 101 53.74 3.42 67.08
C GLN E 101 55.16 3.44 66.54
N ARG E 102 55.53 4.52 65.85
CA ARG E 102 56.88 4.70 65.30
C ARG E 102 57.28 3.54 64.39
N SER E 103 56.32 3.04 63.63
CA SER E 103 56.58 1.96 62.68
C SER E 103 56.15 2.37 61.28
N GLU E 104 56.22 1.44 60.32
CA GLU E 104 55.79 1.73 58.96
C GLU E 104 54.27 1.73 58.90
N ARG E 105 53.69 2.87 58.50
CA ARG E 105 52.24 3.01 58.48
C ARG E 105 51.57 2.09 57.47
N LYS E 106 52.30 1.69 56.42
CA LYS E 106 51.69 0.91 55.34
C LYS E 106 51.18 -0.45 55.80
N LYS E 107 51.62 -0.93 56.96
CA LYS E 107 51.29 -2.28 57.40
C LYS E 107 50.10 -2.34 58.35
N TRP E 108 49.80 -1.26 59.06
CA TRP E 108 48.69 -1.26 60.00
C TRP E 108 47.66 -0.15 59.77
N ILE E 109 47.86 0.70 58.77
CA ILE E 109 46.89 1.75 58.50
C ILE E 109 45.64 1.21 57.82
N HIS E 110 45.72 -0.01 57.26
CA HIS E 110 44.54 -0.62 56.66
C HIS E 110 43.56 -1.15 57.69
N CYS E 111 43.95 -1.23 58.96
CA CYS E 111 43.02 -1.60 60.02
C CYS E 111 41.93 -0.54 60.17
N PHE E 112 42.29 0.73 60.00
CA PHE E 112 41.36 1.84 60.11
C PHE E 112 40.71 2.20 58.77
N GLU E 113 40.59 1.22 57.86
CA GLU E 113 39.99 1.50 56.56
C GLU E 113 38.51 1.84 56.67
N ASP E 114 37.85 1.44 57.76
CA ASP E 114 36.42 1.62 57.91
C ASP E 114 36.05 2.77 58.84
N VAL E 115 37.01 3.63 59.18
CA VAL E 115 36.68 4.76 60.05
C VAL E 115 35.75 5.72 59.30
N THR E 116 34.93 6.42 60.08
CA THR E 116 33.97 7.36 59.50
C THR E 116 34.67 8.57 58.88
N ALA E 117 35.67 9.11 59.56
CA ALA E 117 36.35 10.30 59.08
C ALA E 117 37.77 10.33 59.64
N ILE E 118 38.54 11.31 59.19
CA ILE E 118 39.90 11.53 59.65
C ILE E 118 39.97 12.92 60.27
N ILE E 119 40.46 13.00 61.50
CA ILE E 119 40.64 14.27 62.19
C ILE E 119 42.12 14.63 62.14
N PHE E 120 42.43 15.75 61.47
CA PHE E 120 43.80 16.21 61.32
C PHE E 120 44.00 17.49 62.10
N CYS E 121 45.05 17.55 62.90
CA CYS E 121 45.37 18.71 63.72
C CYS E 121 46.65 19.37 63.20
N VAL E 122 46.57 20.68 62.98
CA VAL E 122 47.68 21.46 62.47
C VAL E 122 47.93 22.64 63.40
N ASP E 123 49.18 22.85 63.77
CA ASP E 123 49.57 23.95 64.65
C ASP E 123 50.09 25.10 63.78
N LEU E 124 49.38 26.23 63.80
CA LEU E 124 49.73 27.37 62.95
C LEU E 124 50.93 28.15 63.49
N SER E 125 51.28 27.99 64.77
CA SER E 125 52.39 28.72 65.35
C SER E 125 53.75 28.06 65.09
N ASP E 126 53.76 26.83 64.57
CA ASP E 126 54.99 26.10 64.28
C ASP E 126 55.31 26.28 62.80
N TYR E 127 56.27 27.16 62.50
CA TYR E 127 56.66 27.39 61.12
C TYR E 127 57.63 26.35 60.59
N ASN E 128 58.23 25.55 61.46
CA ASN E 128 59.16 24.51 61.04
C ASN E 128 58.47 23.18 60.77
N ARG E 129 57.45 22.84 61.56
CA ARG E 129 56.71 21.60 61.36
C ARG E 129 55.57 21.76 60.35
N MET E 130 55.36 22.96 59.82
CA MET E 130 54.29 23.16 58.85
C MET E 130 54.54 22.35 57.58
N HIS E 131 55.78 22.31 57.11
CA HIS E 131 56.10 21.48 55.95
C HIS E 131 56.02 20.00 56.29
N GLU E 132 56.37 19.64 57.53
CA GLU E 132 56.21 18.26 57.97
C GLU E 132 54.74 17.87 58.02
N SER E 133 53.87 18.77 58.48
CA SER E 133 52.45 18.49 58.51
C SER E 133 51.88 18.32 57.11
N LEU E 134 52.36 19.13 56.16
CA LEU E 134 51.85 19.04 54.79
C LEU E 134 52.19 17.69 54.17
N MET E 135 53.38 17.16 54.45
CA MET E 135 53.74 15.83 53.97
C MET E 135 52.81 14.76 54.55
N LEU E 136 52.47 14.89 55.83
CA LEU E 136 51.56 13.94 56.46
C LEU E 136 50.18 14.01 55.82
N PHE E 137 49.67 15.23 55.59
CA PHE E 137 48.37 15.38 54.98
C PHE E 137 48.35 14.85 53.54
N ASP E 138 49.42 15.12 52.80
CA ASP E 138 49.49 14.66 51.41
C ASP E 138 49.48 13.15 51.33
N SER E 139 50.22 12.48 52.22
CA SER E 139 50.30 11.02 52.19
C SER E 139 48.96 10.40 52.60
N ILE E 140 48.35 10.93 53.66
CA ILE E 140 47.13 10.32 54.18
C ILE E 140 45.96 10.55 53.22
N CYS E 141 45.84 11.76 52.67
CA CYS E 141 44.70 12.08 51.82
C CYS E 141 44.69 11.23 50.55
N ASN E 142 45.85 11.00 49.96
CA ASN E 142 45.96 10.26 48.71
C ASN E 142 46.26 8.78 48.92
N ASN E 143 46.17 8.30 50.15
CA ASN E 143 46.36 6.87 50.40
C ASN E 143 45.25 6.07 49.74
N LYS E 144 45.59 4.84 49.32
CA LYS E 144 44.61 4.02 48.60
C LYS E 144 43.46 3.58 49.49
N PHE E 145 43.72 3.38 50.78
CA PHE E 145 42.66 2.98 51.70
C PHE E 145 41.76 4.15 52.09
N PHE E 146 42.30 5.36 52.15
CA PHE E 146 41.56 6.54 52.54
C PHE E 146 41.17 7.41 51.36
N ILE E 147 40.86 6.80 50.21
CA ILE E 147 40.49 7.56 49.02
C ILE E 147 39.09 8.14 49.10
N ASP E 148 38.26 7.67 50.02
CA ASP E 148 36.89 8.15 50.14
C ASP E 148 36.53 8.66 51.53
N THR E 149 37.44 8.57 52.50
CA THR E 149 37.17 9.02 53.86
C THR E 149 37.36 10.53 53.94
N SER E 150 36.30 11.24 54.29
CA SER E 150 36.37 12.69 54.44
C SER E 150 37.27 13.05 55.62
N ILE E 151 37.88 14.22 55.53
CA ILE E 151 38.86 14.69 56.51
C ILE E 151 38.30 15.91 57.22
N ILE E 152 38.34 15.89 58.55
CA ILE E 152 37.98 17.03 59.38
C ILE E 152 39.29 17.67 59.84
N LEU E 153 39.67 18.78 59.19
CA LEU E 153 40.94 19.42 59.43
C LEU E 153 40.77 20.53 60.46
N PHE E 154 41.59 20.50 61.50
CA PHE E 154 41.52 21.47 62.59
C PHE E 154 42.78 22.33 62.56
N LEU E 155 42.58 23.65 62.50
CA LEU E 155 43.69 24.62 62.53
C LEU E 155 43.69 25.26 63.92
N ASN E 156 44.69 24.91 64.72
CA ASN E 156 44.70 25.26 66.13
C ASN E 156 45.48 26.55 66.39
N LYS E 157 45.23 27.13 67.57
CA LYS E 157 46.00 28.25 68.12
C LYS E 157 45.96 29.47 67.18
N LYS E 158 44.75 30.00 67.04
CA LYS E 158 44.58 31.25 66.29
C LYS E 158 45.33 32.40 66.97
N ASP E 159 45.21 32.50 68.29
CA ASP E 159 45.80 33.63 69.01
C ASP E 159 47.33 33.58 68.93
N LEU E 160 47.91 32.39 69.10
CA LEU E 160 49.36 32.26 69.01
C LEU E 160 49.87 32.61 67.62
N PHE E 161 49.14 32.16 66.58
CA PHE E 161 49.50 32.52 65.22
C PHE E 161 49.33 34.02 64.97
N GLY E 162 48.28 34.60 65.56
CA GLY E 162 48.04 36.03 65.36
C GLY E 162 49.15 36.89 65.92
N GLU E 163 49.70 36.49 67.07
CA GLU E 163 50.82 37.23 67.64
C GLU E 163 52.14 36.91 66.94
N LYS E 164 52.30 35.68 66.45
CA LYS E 164 53.56 35.28 65.84
C LYS E 164 53.79 35.98 64.51
N ILE E 165 52.73 36.18 63.72
CA ILE E 165 52.89 36.74 62.38
C ILE E 165 53.43 38.16 62.44
N LYS E 166 53.01 38.94 63.44
CA LYS E 166 53.51 40.30 63.57
C LYS E 166 55.02 40.34 63.80
N LYS E 167 55.51 39.44 64.65
CA LYS E 167 56.95 39.41 64.92
C LYS E 167 57.73 38.88 63.73
N SER E 168 57.24 37.82 63.10
CA SER E 168 57.90 37.22 61.94
C SER E 168 56.86 37.03 60.84
N PRO E 169 57.05 37.62 59.67
CA PRO E 169 56.05 37.48 58.60
C PRO E 169 56.03 36.06 58.05
N LEU E 170 54.88 35.71 57.46
CA LEU E 170 54.69 34.37 56.89
C LEU E 170 55.38 34.26 55.52
N THR E 171 56.71 34.31 55.57
CA THR E 171 57.54 34.14 54.39
C THR E 171 58.70 33.18 54.56
N ILE E 172 59.16 32.94 55.80
CA ILE E 172 60.24 31.97 56.00
C ILE E 172 59.74 30.55 55.75
N CYS E 173 58.49 30.26 56.15
CA CYS E 173 57.94 28.94 55.94
C CYS E 173 57.42 28.77 54.51
N PHE E 174 56.75 29.80 53.98
CA PHE E 174 56.19 29.77 52.63
C PHE E 174 56.77 30.93 51.84
N PRO E 175 57.87 30.71 51.11
CA PRO E 175 58.44 31.80 50.30
C PRO E 175 57.56 32.24 49.14
N GLU E 176 56.57 31.43 48.75
CA GLU E 176 55.71 31.78 47.63
C GLU E 176 54.57 32.70 48.00
N TYR E 177 54.43 33.07 49.28
CA TYR E 177 53.35 33.95 49.70
C TYR E 177 53.54 35.33 49.09
N THR E 178 52.43 35.92 48.62
CA THR E 178 52.46 37.22 47.97
C THR E 178 51.41 38.19 48.48
N GLY E 179 50.33 37.71 49.09
CA GLY E 179 49.25 38.57 49.52
C GLY E 179 49.58 39.39 50.75
N PRO E 180 48.59 40.10 51.27
CA PRO E 180 48.83 40.96 52.44
C PRO E 180 49.22 40.15 53.66
N ASN E 181 49.98 40.79 54.55
CA ASN E 181 50.45 40.16 55.78
C ASN E 181 49.40 40.15 56.89
N THR E 182 48.13 40.37 56.56
CA THR E 182 47.08 40.35 57.55
C THR E 182 46.76 38.92 57.98
N TYR E 183 46.10 38.80 59.14
CA TYR E 183 45.77 37.49 59.68
C TYR E 183 44.79 36.74 58.78
N GLU E 184 43.79 37.45 58.25
CA GLU E 184 42.75 36.80 57.47
C GLU E 184 43.32 36.17 56.20
N ASP E 185 44.19 36.89 55.49
CA ASP E 185 44.76 36.34 54.27
C ASP E 185 45.80 35.27 54.55
N ALA E 186 46.61 35.45 55.59
CA ALA E 186 47.63 34.47 55.92
C ALA E 186 47.01 33.15 56.36
N ALA E 187 46.00 33.21 57.24
CA ALA E 187 45.36 31.99 57.71
C ALA E 187 44.64 31.27 56.58
N ALA E 188 43.99 32.04 55.69
CA ALA E 188 43.32 31.42 54.55
C ALA E 188 44.32 30.85 53.56
N TYR E 189 45.50 31.46 53.45
CA TYR E 189 46.53 30.93 52.55
C TYR E 189 47.00 29.56 53.02
N ILE E 190 47.17 29.38 54.33
CA ILE E 190 47.56 28.07 54.85
C ILE E 190 46.46 27.05 54.57
N GLN E 191 45.20 27.45 54.71
CA GLN E 191 44.09 26.54 54.46
C GLN E 191 44.05 26.10 53.00
N ALA E 192 44.34 27.02 52.08
CA ALA E 192 44.32 26.68 50.66
C ALA E 192 45.37 25.62 50.32
N GLN E 193 46.54 25.70 50.94
CA GLN E 193 47.59 24.72 50.66
C GLN E 193 47.16 23.31 51.07
N PHE E 194 46.50 23.19 52.23
CA PHE E 194 46.09 21.86 52.69
C PHE E 194 45.02 21.27 51.79
N GLU E 195 44.08 22.09 51.33
CA GLU E 195 43.04 21.59 50.43
C GLU E 195 43.53 21.40 49.00
N SER E 196 44.70 21.97 48.66
CA SER E 196 45.28 21.74 47.34
C SER E 196 45.81 20.32 47.19
N LYS E 197 45.94 19.57 48.29
CA LYS E 197 46.39 18.19 48.26
C LYS E 197 45.24 17.19 48.19
N ASN E 198 44.00 17.66 48.10
CA ASN E 198 42.86 16.74 48.02
C ASN E 198 42.94 15.88 46.77
N ARG E 199 42.84 16.51 45.59
CA ARG E 199 43.09 15.87 44.31
C ARG E 199 42.22 14.65 44.08
N SER E 200 41.05 14.59 44.73
CA SER E 200 40.18 13.42 44.63
C SER E 200 38.72 13.85 44.71
N PRO E 201 37.83 13.14 44.04
CA PRO E 201 36.40 13.37 44.20
C PRO E 201 35.82 12.49 45.31
N ASN E 202 34.56 12.74 45.62
CA ASN E 202 33.80 12.07 46.67
C ASN E 202 34.38 12.31 48.06
N LYS E 203 35.32 13.23 48.20
CA LYS E 203 35.96 13.53 49.49
C LYS E 203 35.85 15.03 49.75
N GLU E 204 35.39 15.38 50.95
CA GLU E 204 35.24 16.76 51.36
C GLU E 204 36.05 17.02 52.61
N ILE E 205 36.75 18.15 52.65
CA ILE E 205 37.59 18.53 53.77
C ILE E 205 36.87 19.62 54.53
N TYR E 206 36.47 19.33 55.77
CA TYR E 206 35.77 20.28 56.62
C TYR E 206 36.78 20.95 57.54
N CYS E 207 37.10 22.21 57.24
CA CYS E 207 38.06 22.96 58.01
C CYS E 207 37.39 23.74 59.13
N HIS E 208 38.18 24.12 60.13
CA HIS E 208 37.70 24.94 61.23
C HIS E 208 38.92 25.49 61.97
N MET E 209 38.81 26.75 62.38
CA MET E 209 39.88 27.43 63.11
C MET E 209 39.58 27.35 64.61
N THR E 210 40.52 26.77 65.36
CA THR E 210 40.33 26.56 66.79
C THR E 210 41.43 27.25 67.58
N CYS E 211 41.13 27.51 68.84
CA CYS E 211 42.08 28.09 69.78
C CYS E 211 42.14 27.21 71.02
N ALA E 212 43.04 27.58 71.95
CA ALA E 212 43.18 26.82 73.18
C ALA E 212 41.90 26.87 74.02
N THR E 213 41.30 28.05 74.13
CA THR E 213 40.09 28.24 74.95
C THR E 213 38.82 28.10 74.12
N ASP E 214 38.69 26.97 73.43
CA ASP E 214 37.49 26.66 72.64
C ASP E 214 36.87 25.39 73.20
N THR E 215 35.59 25.47 73.58
CA THR E 215 34.88 24.34 74.18
C THR E 215 33.98 23.62 73.18
N ASN E 216 33.60 24.28 72.08
CA ASN E 216 32.64 23.72 71.13
C ASN E 216 33.30 22.89 70.05
N ASN E 217 34.47 22.29 70.35
CA ASN E 217 35.10 21.40 69.38
C ASN E 217 34.26 20.14 69.15
N ALA E 218 33.58 19.67 70.20
CA ALA E 218 32.71 18.50 70.03
C ALA E 218 31.55 18.81 69.11
N GLN E 219 30.99 20.03 69.19
CA GLN E 219 29.91 20.41 68.29
C GLN E 219 30.38 20.44 66.84
N VAL E 220 31.59 20.95 66.61
CA VAL E 220 32.11 21.01 65.24
C VAL E 220 32.32 19.61 64.68
N ILE E 221 32.82 18.68 65.49
CA ILE E 221 32.99 17.31 65.03
C ILE E 221 31.64 16.67 64.74
N PHE E 222 30.64 16.94 65.58
CA PHE E 222 29.34 16.29 65.44
C PHE E 222 28.67 16.65 64.12
N ASP E 223 28.67 17.94 63.77
CA ASP E 223 28.00 18.35 62.54
C ASP E 223 28.73 17.86 61.30
N ALA E 224 30.07 17.79 61.37
CA ALA E 224 30.84 17.26 60.24
C ALA E 224 30.57 15.78 60.04
N VAL E 225 30.52 15.00 61.13
CA VAL E 225 30.26 13.58 61.02
C VAL E 225 28.88 13.31 60.45
N THR E 226 27.87 14.05 60.92
CA THR E 226 26.53 13.92 60.38
C THR E 226 26.51 14.28 58.90
N ASP E 227 27.27 15.31 58.51
CA ASP E 227 27.33 15.69 57.11
C ASP E 227 28.01 14.63 56.27
N ILE E 228 29.01 13.95 56.83
CA ILE E 228 29.71 12.90 56.09
C ILE E 228 28.80 11.69 55.88
N ILE E 229 27.99 11.36 56.88
CA ILE E 229 27.11 10.20 56.77
C ILE E 229 26.08 10.39 55.67
N ILE E 230 25.58 11.61 55.51
CA ILE E 230 24.61 11.89 54.45
C ILE E 230 25.23 11.65 53.09
N ALA E 231 26.47 12.08 52.88
CA ALA E 231 27.14 11.90 51.60
C ALA E 231 27.29 10.42 51.26
N ASN E 232 27.69 9.61 52.24
CA ASN E 232 27.79 8.17 52.00
C ASN E 232 26.42 7.54 51.79
N ASN E 233 25.42 8.00 52.54
CA ASN E 233 24.07 7.49 52.36
C ASN E 233 23.50 7.87 51.00
N LEU E 234 23.83 9.08 50.53
CA LEU E 234 23.36 9.51 49.21
C LEU E 234 23.89 8.61 48.11
N ARG E 235 25.18 8.26 48.18
CA ARG E 235 25.76 7.37 47.20
C ARG E 235 25.15 5.98 47.27
N GLY E 236 24.92 5.48 48.49
CA GLY E 236 24.31 4.16 48.63
C GLY E 236 22.88 4.10 48.11
N CYS E 237 22.10 5.15 48.38
CA CYS E 237 20.72 5.20 47.91
C CYS E 237 20.61 5.37 46.40
N GLY E 238 21.69 5.72 45.72
CA GLY E 238 21.66 5.91 44.29
C GLY E 238 21.24 7.29 43.83
N LEU E 239 20.95 8.21 44.76
CA LEU E 239 20.56 9.56 44.37
C LEU E 239 21.68 10.26 43.62
N TYR E 240 22.91 10.10 44.08
CA TYR E 240 24.07 10.66 43.38
C TYR E 240 24.82 9.57 42.63
N ASP F 15 85.37 2.50 58.20
CA ASP F 15 85.60 2.55 56.75
C ASP F 15 86.28 1.28 56.24
N GLN F 16 87.29 0.81 56.99
CA GLN F 16 87.97 -0.43 56.62
C GLN F 16 87.03 -1.62 56.75
N LEU F 17 86.21 -1.64 57.81
CA LEU F 17 85.27 -2.74 57.99
C LEU F 17 84.20 -2.75 56.90
N ARG F 18 83.89 -1.58 56.34
CA ARG F 18 82.92 -1.51 55.24
C ARG F 18 83.43 -2.28 54.03
N GLN F 19 84.72 -2.15 53.72
CA GLN F 19 85.30 -2.97 52.65
C GLN F 19 85.25 -4.44 53.00
N GLU F 20 85.49 -4.79 54.27
CA GLU F 20 85.39 -6.17 54.70
C GLU F 20 83.96 -6.71 54.54
N ALA F 21 82.97 -5.86 54.81
CA ALA F 21 81.59 -6.26 54.64
C ALA F 21 81.27 -6.56 53.17
N GLU F 22 81.80 -5.73 52.27
CA GLU F 22 81.50 -5.89 50.85
C GLU F 22 82.13 -7.17 50.29
N GLN F 23 83.38 -7.43 50.63
CA GLN F 23 84.05 -8.61 50.10
C GLN F 23 83.43 -9.90 50.62
N LEU F 24 82.90 -9.87 51.85
CA LEU F 24 82.21 -11.06 52.38
C LEU F 24 80.95 -11.37 51.56
N LYS F 25 80.23 -10.32 51.14
CA LYS F 25 79.06 -10.53 50.28
C LYS F 25 79.48 -11.13 48.94
N ASN F 26 80.60 -10.65 48.38
CA ASN F 26 81.07 -11.17 47.11
C ASN F 26 81.46 -12.64 47.22
N GLN F 27 82.10 -13.01 48.33
CA GLN F 27 82.46 -14.42 48.55
C GLN F 27 81.21 -15.30 48.64
N ILE F 28 80.18 -14.82 49.34
CA ILE F 28 78.94 -15.59 49.46
C ILE F 28 78.28 -15.73 48.09
N ARG F 29 78.20 -14.63 47.34
CA ARG F 29 77.53 -14.66 46.04
C ARG F 29 78.24 -15.60 45.07
N ASP F 30 79.58 -15.54 45.04
CA ASP F 30 80.33 -16.42 44.15
C ASP F 30 80.18 -17.88 44.56
N ALA F 31 80.25 -18.16 45.87
CA ALA F 31 80.05 -19.52 46.34
C ALA F 31 78.61 -19.98 46.08
N ARG F 32 77.63 -19.10 46.30
CA ARG F 32 76.25 -19.45 46.04
C ARG F 32 76.02 -19.75 44.57
N LYS F 33 76.62 -18.96 43.68
CA LYS F 33 76.47 -19.18 42.25
C LYS F 33 77.20 -20.43 41.76
N ALA F 34 78.30 -20.80 42.42
CA ALA F 34 79.05 -21.97 41.98
C ALA F 34 78.30 -23.26 42.30
N CYS F 35 77.47 -23.26 43.35
CA CYS F 35 76.70 -24.46 43.69
C CYS F 35 75.59 -24.71 42.70
N ALA F 36 75.11 -23.67 42.01
CA ALA F 36 74.02 -23.83 41.06
C ALA F 36 74.49 -24.55 39.81
N ASP F 37 73.92 -25.73 39.56
CA ASP F 37 74.18 -26.49 38.36
C ASP F 37 72.98 -26.60 37.44
N ALA F 38 71.78 -26.75 37.99
CA ALA F 38 70.56 -26.84 37.19
C ALA F 38 69.40 -26.35 38.02
N THR F 39 68.53 -25.57 37.39
CA THR F 39 67.36 -25.04 38.08
C THR F 39 66.37 -26.15 38.42
N LEU F 40 65.51 -25.86 39.40
CA LEU F 40 64.50 -26.84 39.80
C LEU F 40 63.55 -27.15 38.65
N SER F 41 63.13 -26.13 37.90
CA SER F 41 62.22 -26.30 36.78
C SER F 41 62.86 -27.02 35.60
N GLN F 42 64.18 -27.23 35.63
CA GLN F 42 64.90 -27.95 34.59
C GLN F 42 65.09 -29.43 34.90
N ILE F 43 65.15 -29.81 36.17
CA ILE F 43 65.32 -31.20 36.56
C ILE F 43 64.02 -31.99 36.55
N THR F 44 62.93 -31.40 37.01
CA THR F 44 61.64 -32.09 37.14
C THR F 44 60.77 -31.82 35.91
N ASN F 45 61.40 -31.64 34.76
CA ASN F 45 60.68 -31.41 33.51
C ASN F 45 60.06 -32.68 32.95
N ASN F 46 60.41 -33.85 33.49
CA ASN F 46 59.83 -35.11 33.06
C ASN F 46 58.72 -35.61 33.96
N ILE F 47 58.45 -34.94 35.07
CA ILE F 47 57.37 -35.33 35.97
C ILE F 47 56.04 -34.87 35.38
N ASP F 48 55.07 -35.79 35.33
CA ASP F 48 53.79 -35.48 34.73
C ASP F 48 53.05 -34.42 35.55
N PRO F 49 52.31 -33.51 34.91
CA PRO F 49 51.57 -32.49 35.66
C PRO F 49 50.46 -33.10 36.50
N VAL F 50 50.07 -32.36 37.55
CA VAL F 50 49.02 -32.81 38.45
C VAL F 50 47.64 -32.49 37.93
N GLY F 51 47.52 -31.93 36.73
CA GLY F 51 46.23 -31.61 36.15
C GLY F 51 45.58 -30.38 36.76
N ARG F 52 44.25 -30.41 36.89
CA ARG F 52 43.49 -29.31 37.45
C ARG F 52 42.97 -29.72 38.83
N ILE F 53 43.32 -28.93 39.84
CA ILE F 53 42.87 -29.19 41.21
C ILE F 53 41.63 -28.33 41.43
N GLN F 54 40.46 -28.90 41.13
CA GLN F 54 39.18 -28.22 41.33
C GLN F 54 38.71 -28.50 42.76
N MET F 55 38.68 -27.46 43.58
CA MET F 55 38.31 -27.58 44.99
C MET F 55 37.01 -26.85 45.24
N ARG F 56 36.10 -27.51 45.94
CA ARG F 56 34.73 -27.03 46.14
C ARG F 56 34.53 -26.62 47.60
N THR F 57 33.78 -25.54 47.80
CA THR F 57 33.51 -25.06 49.15
C THR F 57 32.60 -26.04 49.87
N ARG F 58 33.10 -26.61 50.97
CA ARG F 58 32.34 -27.57 51.76
C ARG F 58 31.62 -26.92 52.94
N ARG F 59 32.25 -25.95 53.59
CA ARG F 59 31.65 -25.26 54.73
C ARG F 59 31.82 -23.75 54.55
N THR F 60 30.91 -23.00 55.16
CA THR F 60 30.99 -21.54 55.21
C THR F 60 30.75 -21.11 56.66
N LEU F 61 31.80 -20.63 57.31
CA LEU F 61 31.73 -20.27 58.72
C LEU F 61 31.42 -18.79 58.84
N ARG F 62 30.23 -18.48 59.38
CA ARG F 62 29.78 -17.11 59.53
C ARG F 62 29.52 -16.82 61.01
N GLY F 63 29.59 -15.54 61.36
CA GLY F 63 29.41 -15.12 62.74
C GLY F 63 30.30 -13.94 63.10
N HIS F 64 31.36 -13.74 62.33
CA HIS F 64 32.22 -12.57 62.51
C HIS F 64 31.57 -11.35 61.89
N LEU F 65 31.72 -10.20 62.54
CA LEU F 65 31.10 -8.96 62.11
C LEU F 65 32.14 -7.91 61.72
N ALA F 66 33.32 -8.36 61.29
CA ALA F 66 34.39 -7.45 60.89
C ALA F 66 35.41 -8.25 60.08
N LYS F 67 36.48 -7.57 59.67
CA LYS F 67 37.51 -8.21 58.87
C LYS F 67 38.21 -9.30 59.67
N ILE F 68 38.52 -10.41 59.00
CA ILE F 68 39.24 -11.53 59.59
C ILE F 68 40.71 -11.37 59.26
N TYR F 69 41.56 -11.34 60.29
CA TYR F 69 42.98 -11.08 60.11
C TYR F 69 43.87 -12.28 60.35
N ALA F 70 43.39 -13.31 61.05
CA ALA F 70 44.22 -14.47 61.34
C ALA F 70 43.33 -15.69 61.57
N MET F 71 43.95 -16.86 61.46
CA MET F 71 43.27 -18.13 61.65
C MET F 71 44.32 -19.22 61.78
N HIS F 72 44.07 -20.17 62.69
CA HIS F 72 44.98 -21.28 62.91
C HIS F 72 44.17 -22.56 63.07
N TRP F 73 44.72 -23.65 62.55
CA TRP F 73 44.09 -24.96 62.62
C TRP F 73 44.49 -25.67 63.92
N GLY F 74 43.54 -26.43 64.46
CA GLY F 74 43.85 -27.30 65.59
C GLY F 74 44.68 -28.50 65.17
N THR F 75 45.40 -29.07 66.13
CA THR F 75 46.26 -30.21 65.84
C THR F 75 45.45 -31.45 65.46
N ASP F 76 44.17 -31.51 65.82
CA ASP F 76 43.31 -32.62 65.49
C ASP F 76 42.55 -32.41 64.19
N SER F 77 42.80 -31.30 63.49
CA SER F 77 42.20 -31.01 62.19
C SER F 77 40.68 -30.91 62.27
N ARG F 78 40.15 -30.51 63.43
CA ARG F 78 38.71 -30.38 63.59
C ARG F 78 38.35 -29.02 64.19
N LEU F 79 39.24 -28.47 65.00
CA LEU F 79 38.97 -27.21 65.69
C LEU F 79 39.74 -26.07 65.05
N LEU F 80 39.06 -24.94 64.89
CA LEU F 80 39.63 -23.74 64.30
C LEU F 80 39.61 -22.60 65.30
N VAL F 81 40.36 -21.55 65.00
CA VAL F 81 40.36 -20.31 65.76
C VAL F 81 40.51 -19.16 64.77
N SER F 82 39.80 -18.06 65.03
CA SER F 82 39.81 -16.92 64.12
C SER F 82 39.63 -15.64 64.90
N ALA F 83 40.45 -14.63 64.58
CA ALA F 83 40.40 -13.33 65.22
C ALA F 83 39.92 -12.29 64.22
N SER F 84 39.17 -11.30 64.70
CA SER F 84 38.59 -10.27 63.84
C SER F 84 38.66 -8.91 64.54
N GLN F 85 38.44 -7.86 63.74
CA GLN F 85 38.42 -6.50 64.25
C GLN F 85 37.29 -6.25 65.25
N ASP F 86 36.26 -7.08 65.27
CA ASP F 86 35.14 -6.87 66.17
C ASP F 86 35.51 -7.10 67.63
N GLY F 87 36.68 -7.66 67.91
CA GLY F 87 37.09 -7.93 69.26
C GLY F 87 36.68 -9.28 69.80
N LYS F 88 36.23 -10.20 68.94
CA LYS F 88 35.77 -11.51 69.36
C LYS F 88 36.74 -12.58 68.87
N LEU F 89 36.96 -13.59 69.70
CA LEU F 89 37.79 -14.74 69.37
C LEU F 89 36.92 -15.98 69.39
N ILE F 90 36.69 -16.57 68.23
CA ILE F 90 35.75 -17.67 68.07
C ILE F 90 36.51 -18.95 67.77
N ILE F 91 36.12 -20.04 68.42
CA ILE F 91 36.67 -21.37 68.16
C ILE F 91 35.57 -22.19 67.49
N TRP F 92 35.85 -22.66 66.29
CA TRP F 92 34.86 -23.34 65.47
C TRP F 92 35.05 -24.85 65.49
N ASP F 93 33.94 -25.58 65.38
CA ASP F 93 33.96 -27.01 65.10
C ASP F 93 33.87 -27.14 63.59
N SER F 94 35.01 -27.43 62.95
CA SER F 94 35.09 -27.40 61.49
C SER F 94 34.23 -28.46 60.82
N TYR F 95 33.77 -29.48 61.54
CA TYR F 95 32.94 -30.51 60.92
C TYR F 95 31.48 -30.10 60.89
N THR F 96 30.91 -29.75 62.05
CA THR F 96 29.50 -29.43 62.17
C THR F 96 29.23 -27.93 62.23
N THR F 97 30.25 -27.09 62.04
CA THR F 97 30.11 -25.64 62.00
C THR F 97 29.48 -25.09 63.29
N ASN F 98 29.84 -25.67 64.42
CA ASN F 98 29.42 -25.18 65.72
C ASN F 98 30.49 -24.30 66.34
N LYS F 99 30.06 -23.32 67.13
CA LYS F 99 30.96 -22.42 67.84
C LYS F 99 31.22 -23.00 69.22
N VAL F 100 32.46 -23.41 69.48
CA VAL F 100 32.79 -24.00 70.76
C VAL F 100 33.03 -22.93 71.82
N HIS F 101 33.82 -21.91 71.47
CA HIS F 101 34.15 -20.85 72.41
C HIS F 101 34.03 -19.50 71.71
N ALA F 102 33.79 -18.47 72.52
CA ALA F 102 33.75 -17.09 72.04
C ALA F 102 34.44 -16.23 73.10
N ILE F 103 35.65 -15.77 72.80
CA ILE F 103 36.50 -15.07 73.76
C ILE F 103 36.50 -13.59 73.41
N PRO F 104 35.98 -12.71 74.27
CA PRO F 104 36.06 -11.26 74.00
C PRO F 104 37.43 -10.72 74.33
N LEU F 105 38.04 -10.04 73.36
CA LEU F 105 39.37 -9.48 73.54
C LEU F 105 39.30 -8.10 74.20
N ARG F 106 40.42 -7.68 74.77
CA ARG F 106 40.51 -6.34 75.35
C ARG F 106 40.66 -5.28 74.27
N SER F 107 41.55 -5.52 73.32
CA SER F 107 41.79 -4.59 72.22
C SER F 107 41.24 -5.19 70.93
N SER F 108 40.46 -4.40 70.20
CA SER F 108 39.83 -4.84 68.97
C SER F 108 40.81 -4.93 67.80
N TRP F 109 42.04 -4.44 67.96
CA TRP F 109 43.04 -4.41 66.90
C TRP F 109 43.95 -5.63 67.05
N VAL F 110 43.49 -6.76 66.50
CA VAL F 110 44.22 -8.02 66.53
C VAL F 110 44.70 -8.33 65.12
N MET F 111 45.99 -8.63 64.99
CA MET F 111 46.60 -8.89 63.70
C MET F 111 47.08 -10.31 63.51
N THR F 112 47.22 -11.09 64.59
CA THR F 112 47.63 -12.47 64.50
C THR F 112 46.94 -13.27 65.58
N CYS F 113 46.87 -14.58 65.38
CA CYS F 113 46.14 -15.38 66.35
C CYS F 113 46.49 -16.85 66.17
N ALA F 114 47.00 -17.49 67.23
CA ALA F 114 47.60 -18.82 67.13
C ALA F 114 46.86 -19.82 68.00
N TYR F 115 47.07 -21.10 67.70
CA TYR F 115 46.45 -22.21 68.42
C TYR F 115 47.54 -23.15 68.94
N ALA F 116 47.39 -23.58 70.19
CA ALA F 116 48.39 -24.41 70.82
C ALA F 116 48.41 -25.82 70.20
N PRO F 117 49.58 -26.46 70.14
CA PRO F 117 49.64 -27.83 69.61
C PRO F 117 48.94 -28.86 70.48
N SER F 118 48.68 -28.55 71.74
CA SER F 118 47.98 -29.47 72.63
C SER F 118 46.51 -29.17 72.78
N GLY F 119 46.04 -28.02 72.27
CA GLY F 119 44.65 -27.64 72.39
C GLY F 119 44.26 -27.04 73.72
N ASN F 120 45.20 -26.86 74.64
CA ASN F 120 44.89 -26.34 75.96
C ASN F 120 44.84 -24.82 76.00
N TYR F 121 45.70 -24.14 75.25
CA TYR F 121 45.83 -22.70 75.29
C TYR F 121 45.55 -22.09 73.92
N VAL F 122 45.38 -20.78 73.91
CA VAL F 122 45.26 -20.01 72.67
C VAL F 122 45.88 -18.63 72.87
N ALA F 123 46.91 -18.32 72.10
CA ALA F 123 47.55 -17.01 72.14
C ALA F 123 47.13 -16.22 70.92
N CYS F 124 46.74 -14.96 71.15
CA CYS F 124 46.06 -14.23 70.09
C CYS F 124 46.17 -12.75 70.39
N GLY F 125 46.99 -12.03 69.60
CA GLY F 125 47.34 -10.66 69.90
C GLY F 125 47.51 -9.82 68.64
N GLY F 126 47.86 -8.55 68.83
CA GLY F 126 47.87 -7.62 67.73
C GLY F 126 48.50 -6.26 68.01
N LEU F 127 47.83 -5.19 67.59
CA LEU F 127 48.39 -3.84 67.64
C LEU F 127 48.62 -3.33 69.07
N ASP F 128 48.09 -4.02 70.08
CA ASP F 128 48.28 -3.59 71.46
C ASP F 128 49.66 -3.92 72.01
N ASN F 129 50.57 -4.43 71.18
CA ASN F 129 51.95 -4.73 71.56
C ASN F 129 52.05 -5.81 72.63
N ILE F 130 50.96 -6.54 72.88
CA ILE F 130 50.90 -7.52 73.95
C ILE F 130 50.38 -8.83 73.37
N CYS F 131 51.04 -9.93 73.73
CA CYS F 131 50.62 -11.27 73.32
C CYS F 131 49.80 -11.87 74.45
N SER F 132 48.49 -11.88 74.30
CA SER F 132 47.60 -12.42 75.32
C SER F 132 47.40 -13.91 75.10
N ILE F 133 47.52 -14.68 76.18
CA ILE F 133 47.41 -16.13 76.15
C ILE F 133 46.20 -16.52 77.01
N TYR F 134 45.30 -17.31 76.42
CA TYR F 134 44.05 -17.68 77.07
C TYR F 134 44.05 -19.18 77.34
N ASN F 135 43.50 -19.55 78.49
CA ASN F 135 43.41 -20.96 78.90
C ASN F 135 41.99 -21.46 78.63
N LEU F 136 41.89 -22.56 77.89
CA LEU F 136 40.59 -23.10 77.51
C LEU F 136 40.09 -24.16 78.49
N LYS F 137 40.98 -25.02 78.99
CA LYS F 137 40.61 -26.11 79.89
C LYS F 137 40.75 -25.65 81.34
N THR F 138 39.83 -24.77 81.73
CA THR F 138 39.77 -24.27 83.10
C THR F 138 38.70 -24.99 83.89
N ARG F 139 38.90 -25.05 85.21
CA ARG F 139 37.98 -25.72 86.11
C ARG F 139 36.71 -24.92 86.37
N GLU F 140 36.72 -23.62 86.08
CA GLU F 140 35.56 -22.76 86.30
C GLU F 140 34.61 -22.74 85.12
N GLY F 141 34.96 -23.38 84.01
CA GLY F 141 34.09 -23.47 82.86
C GLY F 141 34.20 -22.33 81.86
N ASN F 142 34.98 -21.29 82.17
CA ASN F 142 35.14 -20.15 81.28
C ASN F 142 36.59 -20.06 80.80
N VAL F 143 36.81 -19.17 79.84
CA VAL F 143 38.14 -18.95 79.28
C VAL F 143 38.71 -17.69 79.91
N ARG F 144 39.88 -17.81 80.52
CA ARG F 144 40.52 -16.72 81.24
C ARG F 144 41.86 -16.39 80.59
N VAL F 145 42.30 -15.14 80.80
CA VAL F 145 43.58 -14.66 80.28
C VAL F 145 44.66 -15.16 81.24
N SER F 146 45.37 -16.22 80.85
CA SER F 146 46.38 -16.79 81.73
C SER F 146 47.56 -15.84 81.92
N ARG F 147 48.11 -15.34 80.81
CA ARG F 147 49.27 -14.46 80.87
C ARG F 147 49.20 -13.45 79.74
N GLU F 148 49.66 -12.22 80.01
CA GLU F 148 49.81 -11.18 79.00
C GLU F 148 51.28 -10.85 78.88
N LEU F 149 51.87 -11.16 77.72
CA LEU F 149 53.29 -10.94 77.51
C LEU F 149 53.53 -9.54 76.96
N ALA F 150 54.43 -8.80 77.60
CA ALA F 150 54.77 -7.44 77.20
C ALA F 150 56.28 -7.30 77.07
N GLY F 151 56.70 -6.33 76.26
CA GLY F 151 58.11 -6.11 76.03
C GLY F 151 58.42 -5.73 74.59
N HIS F 152 57.40 -5.69 73.74
CA HIS F 152 57.54 -5.29 72.35
C HIS F 152 57.05 -3.87 72.18
N THR F 153 57.81 -3.06 71.42
CA THR F 153 57.47 -1.67 71.17
C THR F 153 56.79 -1.47 69.82
N GLY F 154 56.41 -2.56 69.16
CA GLY F 154 55.73 -2.46 67.87
C GLY F 154 54.64 -3.50 67.78
N TYR F 155 53.81 -3.34 66.74
CA TYR F 155 52.67 -4.23 66.53
C TYR F 155 53.13 -5.67 66.40
N LEU F 156 52.31 -6.60 66.86
CA LEU F 156 52.67 -8.01 66.95
C LEU F 156 52.10 -8.78 65.75
N SER F 157 52.81 -9.82 65.34
CA SER F 157 52.38 -10.62 64.21
C SER F 157 52.96 -12.03 64.33
N CYS F 158 52.17 -13.00 63.87
CA CYS F 158 52.57 -14.40 63.76
C CYS F 158 53.11 -14.96 65.07
N CYS F 159 52.20 -15.04 66.05
CA CYS F 159 52.46 -15.85 67.23
C CYS F 159 52.49 -17.32 66.85
N ARG F 160 53.41 -18.07 67.45
CA ARG F 160 53.51 -19.49 67.17
C ARG F 160 53.91 -20.22 68.45
N PHE F 161 53.08 -21.17 68.87
CA PHE F 161 53.37 -21.96 70.06
C PHE F 161 54.44 -23.01 69.77
N LEU F 162 55.43 -23.10 70.65
CA LEU F 162 56.38 -24.20 70.65
C LEU F 162 55.89 -25.36 71.51
N ASP F 163 55.55 -25.07 72.77
CA ASP F 163 54.97 -26.03 73.68
C ASP F 163 53.85 -25.32 74.44
N ASP F 164 53.38 -25.93 75.52
CA ASP F 164 52.38 -25.29 76.36
C ASP F 164 52.97 -24.17 77.22
N ASN F 165 54.30 -24.03 77.25
CA ASN F 165 54.95 -23.03 78.10
C ASN F 165 56.08 -22.33 77.35
N GLN F 166 55.96 -22.19 76.03
CA GLN F 166 57.01 -21.59 75.23
C GLN F 166 56.42 -21.15 73.89
N ILE F 167 56.60 -19.87 73.56
CA ILE F 167 55.98 -19.29 72.37
C ILE F 167 56.97 -18.32 71.71
N VAL F 168 56.97 -18.29 70.38
CA VAL F 168 57.77 -17.35 69.60
C VAL F 168 56.84 -16.30 69.00
N THR F 169 57.23 -15.04 69.09
CA THR F 169 56.43 -13.93 68.59
C THR F 169 57.26 -13.04 67.68
N SER F 170 56.59 -12.32 66.80
CA SER F 170 57.21 -11.38 65.88
C SER F 170 56.53 -10.01 65.99
N SER F 171 57.32 -8.96 65.85
CA SER F 171 56.82 -7.61 65.99
C SER F 171 57.43 -6.71 64.92
N GLY F 172 56.98 -5.45 64.92
CA GLY F 172 57.49 -4.43 64.03
C GLY F 172 58.78 -3.77 64.49
N ASP F 173 59.34 -4.24 65.60
CA ASP F 173 60.61 -3.74 66.12
C ASP F 173 61.81 -4.27 65.35
N THR F 174 61.60 -4.84 64.17
CA THR F 174 62.65 -5.49 63.38
C THR F 174 63.29 -6.66 64.12
N THR F 175 62.59 -7.25 65.08
CA THR F 175 63.12 -8.34 65.88
C THR F 175 62.00 -9.29 66.27
N CYS F 176 62.37 -10.53 66.54
CA CYS F 176 61.46 -11.54 67.09
C CYS F 176 61.93 -11.94 68.48
N ALA F 177 61.02 -12.55 69.23
CA ALA F 177 61.29 -12.87 70.62
C ALA F 177 60.84 -14.30 70.93
N LEU F 178 61.53 -14.91 71.88
CA LEU F 178 61.18 -16.22 72.42
C LEU F 178 60.78 -16.04 73.88
N TRP F 179 59.58 -16.48 74.22
CA TRP F 179 59.00 -16.20 75.52
C TRP F 179 58.89 -17.45 76.37
N ASP F 180 58.74 -17.24 77.68
CA ASP F 180 58.44 -18.30 78.64
C ASP F 180 57.14 -17.91 79.33
N ILE F 181 56.07 -18.67 79.06
CA ILE F 181 54.75 -18.29 79.50
C ILE F 181 54.64 -18.33 81.02
N GLU F 182 55.31 -19.29 81.66
CA GLU F 182 55.23 -19.43 83.11
C GLU F 182 55.76 -18.18 83.81
N THR F 183 57.05 -17.89 83.62
CA THR F 183 57.64 -16.71 84.27
C THR F 183 57.12 -15.43 83.65
N GLY F 184 57.01 -15.39 82.33
CA GLY F 184 56.59 -14.19 81.62
C GLY F 184 57.71 -13.33 81.08
N GLN F 185 58.95 -13.77 81.18
CA GLN F 185 60.10 -12.99 80.73
C GLN F 185 60.54 -13.43 79.35
N GLN F 186 61.14 -12.50 78.62
CA GLN F 186 61.62 -12.76 77.26
C GLN F 186 62.93 -13.54 77.36
N THR F 187 62.86 -14.85 77.13
CA THR F 187 64.03 -15.70 77.28
C THR F 187 65.10 -15.36 76.24
N THR F 188 64.70 -15.22 74.98
CA THR F 188 65.64 -14.96 73.90
C THR F 188 65.07 -13.89 72.98
N THR F 189 65.95 -13.06 72.43
CA THR F 189 65.59 -12.04 71.47
C THR F 189 66.45 -12.20 70.23
N PHE F 190 65.80 -12.22 69.07
CA PHE F 190 66.48 -12.42 67.80
C PHE F 190 66.50 -11.10 67.03
N THR F 191 67.68 -10.58 66.74
CA THR F 191 67.84 -9.32 66.05
C THR F 191 68.62 -9.53 64.76
N GLY F 192 68.49 -8.58 63.85
CA GLY F 192 69.21 -8.62 62.58
C GLY F 192 68.44 -8.07 61.41
N HIS F 193 67.11 -8.00 61.54
CA HIS F 193 66.30 -7.42 60.47
C HIS F 193 66.41 -5.91 60.46
N THR F 194 66.20 -5.32 59.28
CA THR F 194 66.21 -3.87 59.10
C THR F 194 64.85 -3.35 58.66
N GLY F 195 63.79 -4.00 59.13
CA GLY F 195 62.44 -3.59 58.79
C GLY F 195 61.46 -4.42 59.58
N ASP F 196 60.19 -4.00 59.51
CA ASP F 196 59.14 -4.68 60.25
C ASP F 196 59.05 -6.14 59.83
N VAL F 197 59.01 -7.04 60.81
CA VAL F 197 58.91 -8.47 60.55
C VAL F 197 57.44 -8.84 60.50
N MET F 198 56.99 -9.33 59.35
CA MET F 198 55.57 -9.53 59.10
C MET F 198 55.09 -10.96 59.33
N SER F 199 56.00 -11.94 59.35
CA SER F 199 55.55 -13.32 59.49
C SER F 199 56.70 -14.19 59.98
N LEU F 200 56.33 -15.34 60.55
CA LEU F 200 57.27 -16.39 60.88
C LEU F 200 56.54 -17.72 60.84
N SER F 201 57.31 -18.79 60.68
CA SER F 201 56.78 -20.13 60.66
C SER F 201 57.74 -21.06 61.39
N LEU F 202 57.21 -22.03 62.13
CA LEU F 202 58.02 -22.95 62.90
C LEU F 202 58.25 -24.24 62.12
N ALA F 203 59.49 -24.71 62.12
CA ALA F 203 59.84 -25.91 61.40
C ALA F 203 59.22 -27.14 62.07
N PRO F 204 58.99 -28.22 61.31
CA PRO F 204 58.42 -29.44 61.91
C PRO F 204 59.26 -30.00 63.05
N ASP F 205 60.59 -29.90 62.96
CA ASP F 205 61.45 -30.39 64.03
C ASP F 205 61.57 -29.42 65.19
N THR F 206 60.74 -28.37 65.21
CA THR F 206 60.57 -27.43 66.34
C THR F 206 61.91 -26.95 66.92
N ARG F 207 62.94 -26.90 66.09
CA ARG F 207 64.25 -26.42 66.50
C ARG F 207 64.76 -25.25 65.67
N LEU F 208 64.06 -24.90 64.59
CA LEU F 208 64.45 -23.77 63.75
C LEU F 208 63.17 -23.07 63.27
N PHE F 209 63.33 -21.82 62.84
CA PHE F 209 62.22 -21.08 62.27
C PHE F 209 62.76 -19.97 61.39
N VAL F 210 61.92 -19.52 60.46
CA VAL F 210 62.27 -18.47 59.51
C VAL F 210 61.27 -17.33 59.66
N SER F 211 61.78 -16.10 59.56
CA SER F 211 60.94 -14.91 59.69
C SER F 211 61.11 -14.03 58.47
N GLY F 212 59.97 -13.60 57.90
CA GLY F 212 59.98 -12.70 56.76
C GLY F 212 59.67 -11.29 57.22
N ALA F 213 60.52 -10.36 56.81
CA ALA F 213 60.44 -8.97 57.25
C ALA F 213 60.17 -8.05 56.06
N CYS F 214 60.12 -6.76 56.35
CA CYS F 214 59.83 -5.75 55.34
C CYS F 214 61.07 -5.31 54.55
N ASP F 215 62.25 -5.81 54.92
CA ASP F 215 63.47 -5.49 54.20
C ASP F 215 63.71 -6.41 53.01
N ALA F 216 62.66 -7.08 52.53
CA ALA F 216 62.75 -8.00 51.39
C ALA F 216 63.79 -9.09 51.63
N SER F 217 63.83 -9.61 52.86
CA SER F 217 64.76 -10.67 53.21
C SER F 217 64.14 -11.56 54.28
N ALA F 218 64.32 -12.87 54.12
CA ALA F 218 63.92 -13.84 55.12
C ALA F 218 65.16 -14.61 55.56
N LYS F 219 65.35 -14.73 56.86
CA LYS F 219 66.57 -15.29 57.42
C LYS F 219 66.24 -16.37 58.44
N LEU F 220 67.00 -17.47 58.39
CA LEU F 220 66.77 -18.62 59.24
C LEU F 220 67.42 -18.41 60.60
N TRP F 221 66.66 -18.67 61.66
CA TRP F 221 67.07 -18.43 63.03
C TRP F 221 67.03 -19.72 63.84
N ASP F 222 67.90 -19.80 64.85
CA ASP F 222 67.97 -20.94 65.74
C ASP F 222 67.31 -20.59 67.07
N VAL F 223 66.35 -21.40 67.48
CA VAL F 223 65.62 -21.13 68.72
C VAL F 223 66.47 -21.38 69.96
N ARG F 224 67.42 -22.32 69.90
CA ARG F 224 68.23 -22.65 71.06
C ARG F 224 69.39 -21.69 71.27
N GLU F 225 70.04 -21.24 70.19
CA GLU F 225 71.21 -20.38 70.28
C GLU F 225 70.93 -18.92 69.98
N GLY F 226 69.80 -18.61 69.35
CA GLY F 226 69.52 -17.24 68.96
C GLY F 226 70.49 -16.70 67.93
N MET F 227 70.83 -17.50 66.93
CA MET F 227 71.83 -17.14 65.92
C MET F 227 71.18 -17.16 64.54
N CYS F 228 71.46 -16.11 63.75
CA CYS F 228 71.00 -16.05 62.37
C CYS F 228 71.89 -16.96 61.53
N ARG F 229 71.44 -18.21 61.37
CA ARG F 229 72.26 -19.20 60.67
C ARG F 229 72.45 -18.83 59.20
N GLN F 230 71.40 -18.36 58.54
CA GLN F 230 71.47 -18.04 57.12
C GLN F 230 70.42 -16.99 56.80
N THR F 231 70.67 -16.25 55.73
CA THR F 231 69.75 -15.24 55.22
C THR F 231 69.45 -15.50 53.76
N PHE F 232 68.25 -15.12 53.33
CA PHE F 232 67.77 -15.39 51.98
C PHE F 232 67.26 -14.09 51.37
N THR F 233 67.66 -13.81 50.13
CA THR F 233 67.27 -12.61 49.42
C THR F 233 66.70 -12.97 48.06
N GLY F 234 66.20 -11.96 47.36
CA GLY F 234 65.67 -12.16 46.02
C GLY F 234 64.39 -11.40 45.74
N HIS F 235 63.59 -11.18 46.78
CA HIS F 235 62.33 -10.44 46.61
C HIS F 235 62.61 -8.96 46.37
N GLU F 236 61.70 -8.34 45.62
CA GLU F 236 61.80 -6.91 45.33
C GLU F 236 61.02 -6.05 46.32
N SER F 237 60.03 -6.61 47.00
CA SER F 237 59.24 -5.86 47.97
C SER F 237 59.21 -6.57 49.32
N ASP F 238 58.43 -6.06 50.25
CA ASP F 238 58.37 -6.64 51.59
C ASP F 238 57.73 -8.03 51.56
N ILE F 239 58.28 -8.93 52.35
CA ILE F 239 57.75 -10.29 52.47
C ILE F 239 56.57 -10.27 53.42
N ASN F 240 55.45 -10.88 52.99
CA ASN F 240 54.21 -10.83 53.74
C ASN F 240 53.83 -12.14 54.41
N ALA F 241 54.35 -13.27 53.94
CA ALA F 241 54.02 -14.57 54.51
C ALA F 241 55.16 -15.54 54.26
N ILE F 242 55.16 -16.63 55.03
CA ILE F 242 56.23 -17.62 54.94
C ILE F 242 55.70 -18.95 55.49
N CYS F 243 56.21 -20.05 54.95
CA CYS F 243 55.82 -21.38 55.40
C CYS F 243 56.85 -22.39 54.89
N PHE F 244 57.18 -23.35 55.76
CA PHE F 244 58.15 -24.39 55.43
C PHE F 244 57.58 -25.43 54.47
N PHE F 245 58.48 -26.05 53.72
CA PHE F 245 58.15 -27.31 53.06
C PHE F 245 57.90 -28.38 54.12
N PRO F 246 57.03 -29.36 53.86
CA PRO F 246 56.67 -30.32 54.91
C PRO F 246 57.85 -31.07 55.52
N ASN F 247 58.95 -31.26 54.79
CA ASN F 247 60.10 -31.97 55.34
C ASN F 247 61.03 -31.09 56.15
N GLY F 248 60.74 -29.79 56.24
CA GLY F 248 61.60 -28.87 56.97
C GLY F 248 62.95 -28.66 56.35
N ASN F 249 63.05 -28.68 55.02
CA ASN F 249 64.29 -28.40 54.32
C ASN F 249 64.15 -27.26 53.31
N ALA F 250 62.97 -26.66 53.20
CA ALA F 250 62.74 -25.55 52.28
C ALA F 250 61.53 -24.78 52.77
N PHE F 251 61.37 -23.56 52.25
CA PHE F 251 60.23 -22.74 52.63
C PHE F 251 59.85 -21.84 51.46
N ALA F 252 58.61 -21.37 51.49
CA ALA F 252 58.06 -20.51 50.44
C ALA F 252 57.60 -19.20 51.06
N THR F 253 57.83 -18.10 50.35
CA THR F 253 57.51 -16.77 50.82
C THR F 253 56.53 -16.09 49.87
N GLY F 254 55.76 -15.15 50.41
CA GLY F 254 54.86 -14.33 49.63
C GLY F 254 55.09 -12.86 49.91
N SER F 255 55.23 -12.07 48.85
CA SER F 255 55.59 -10.66 48.99
C SER F 255 54.55 -9.78 48.31
N ASP F 256 54.70 -8.46 48.51
CA ASP F 256 53.90 -7.49 47.78
C ASP F 256 54.31 -7.39 46.32
N ASP F 257 55.43 -8.01 45.94
CA ASP F 257 55.90 -8.06 44.56
C ASP F 257 55.04 -8.94 43.66
N ALA F 258 53.97 -9.54 44.21
CA ALA F 258 53.10 -10.44 43.47
C ALA F 258 53.85 -11.67 42.97
N THR F 259 54.88 -12.07 43.70
CA THR F 259 55.69 -13.23 43.35
C THR F 259 55.87 -14.12 44.57
N CYS F 260 55.90 -15.43 44.34
CA CYS F 260 56.20 -16.41 45.36
C CYS F 260 57.51 -17.10 44.99
N ARG F 261 58.31 -17.42 46.01
CA ARG F 261 59.64 -17.98 45.79
C ARG F 261 59.87 -19.13 46.76
N LEU F 262 60.67 -20.09 46.33
CA LEU F 262 60.99 -21.28 47.12
C LEU F 262 62.48 -21.31 47.38
N PHE F 263 62.86 -21.20 48.65
CA PHE F 263 64.26 -21.18 49.07
C PHE F 263 64.62 -22.49 49.76
N ASP F 264 65.82 -22.98 49.50
CA ASP F 264 66.31 -24.22 50.08
C ASP F 264 67.33 -23.89 51.18
N LEU F 265 67.12 -24.47 52.36
CA LEU F 265 68.01 -24.21 53.49
C LEU F 265 69.41 -24.76 53.26
N ARG F 266 69.54 -25.92 52.62
CA ARG F 266 70.84 -26.54 52.41
C ARG F 266 71.62 -25.86 51.29
N ALA F 267 70.95 -25.45 50.21
CA ALA F 267 71.63 -24.81 49.10
C ALA F 267 71.77 -23.30 49.27
N ASP F 268 71.03 -22.70 50.20
CA ASP F 268 71.03 -21.26 50.46
C ASP F 268 70.66 -20.43 49.23
N GLN F 269 69.95 -21.01 48.28
CA GLN F 269 69.56 -20.31 47.06
C GLN F 269 68.12 -20.63 46.73
N GLU F 270 67.41 -19.65 46.17
CA GLU F 270 66.04 -19.88 45.73
C GLU F 270 66.01 -20.89 44.59
N LEU F 271 64.95 -21.70 44.56
CA LEU F 271 64.84 -22.76 43.57
C LEU F 271 64.05 -22.33 42.35
N MET F 272 62.86 -21.74 42.55
CA MET F 272 62.05 -21.29 41.44
C MET F 272 61.08 -20.22 41.93
N THR F 273 60.52 -19.48 40.98
CA THR F 273 59.58 -18.40 41.24
C THR F 273 58.20 -18.80 40.73
N TYR F 274 57.17 -18.22 41.35
CA TYR F 274 55.78 -18.56 41.07
C TYR F 274 55.02 -17.32 40.61
N SER F 275 55.61 -16.59 39.67
CA SER F 275 55.03 -15.36 39.14
C SER F 275 54.22 -15.66 37.89
N HIS F 276 53.07 -15.00 37.77
CA HIS F 276 52.23 -15.09 36.59
C HIS F 276 51.97 -13.68 36.07
N ASP F 277 51.90 -13.55 34.75
CA ASP F 277 51.78 -12.24 34.14
C ASP F 277 50.46 -11.56 34.48
N ASN F 278 49.42 -12.35 34.75
CA ASN F 278 48.11 -11.79 35.06
C ASN F 278 47.98 -11.33 36.51
N ILE F 279 48.95 -11.64 37.36
CA ILE F 279 48.90 -11.28 38.78
C ILE F 279 49.52 -9.91 38.97
N ILE F 280 48.78 -9.01 39.62
CA ILE F 280 49.24 -7.66 39.89
C ILE F 280 49.46 -7.43 41.39
N CYS F 281 48.50 -7.85 42.21
CA CYS F 281 48.55 -7.60 43.64
C CYS F 281 49.42 -8.64 44.34
N GLY F 282 49.94 -8.25 45.52
CA GLY F 282 50.86 -9.10 46.26
C GLY F 282 50.16 -10.21 47.02
N ILE F 283 50.98 -11.17 47.47
CA ILE F 283 50.51 -12.33 48.22
C ILE F 283 50.33 -11.97 49.68
N THR F 284 49.24 -12.45 50.27
CA THR F 284 48.98 -12.24 51.70
C THR F 284 49.32 -13.44 52.56
N SER F 285 49.02 -14.66 52.12
CA SER F 285 49.27 -15.86 52.90
C SER F 285 49.90 -16.92 52.02
N VAL F 286 50.67 -17.80 52.66
CA VAL F 286 51.35 -18.90 51.96
C VAL F 286 51.18 -20.16 52.79
N SER F 287 50.82 -21.25 52.12
CA SER F 287 50.63 -22.53 52.78
C SER F 287 50.99 -23.66 51.84
N PHE F 288 51.30 -24.81 52.41
CA PHE F 288 51.68 -26.00 51.66
C PHE F 288 50.69 -27.12 51.93
N SER F 289 50.67 -28.09 51.02
CA SER F 289 49.86 -29.28 51.21
C SER F 289 50.64 -30.31 52.05
N LYS F 290 49.95 -31.40 52.40
CA LYS F 290 50.58 -32.44 53.21
C LYS F 290 51.71 -33.12 52.46
N SER F 291 51.62 -33.18 51.12
CA SER F 291 52.63 -33.83 50.32
C SER F 291 53.79 -32.91 49.94
N GLY F 292 53.54 -31.61 49.84
CA GLY F 292 54.56 -30.68 49.40
C GLY F 292 54.58 -30.53 47.89
N ARG F 293 53.40 -30.49 47.29
CA ARG F 293 53.28 -30.36 45.85
C ARG F 293 52.42 -29.17 45.44
N LEU F 294 51.34 -28.89 46.17
CA LEU F 294 50.47 -27.76 45.90
C LEU F 294 50.81 -26.64 46.88
N LEU F 295 51.21 -25.49 46.33
CA LEU F 295 51.55 -24.32 47.13
C LEU F 295 50.39 -23.34 47.03
N LEU F 296 49.56 -23.31 48.06
CA LEU F 296 48.42 -22.41 48.09
C LEU F 296 48.85 -21.03 48.57
N ALA F 297 48.35 -20.00 47.88
CA ALA F 297 48.72 -18.63 48.20
C ALA F 297 47.50 -17.74 48.07
N GLY F 298 47.29 -16.88 49.06
CA GLY F 298 46.20 -15.92 49.03
C GLY F 298 46.67 -14.59 48.48
N TYR F 299 45.83 -13.98 47.64
CA TYR F 299 46.17 -12.76 46.95
C TYR F 299 45.20 -11.65 47.34
N ASP F 300 45.57 -10.42 47.00
CA ASP F 300 44.73 -9.27 47.36
C ASP F 300 43.57 -9.07 46.39
N ASP F 301 43.55 -9.80 45.26
CA ASP F 301 42.46 -9.69 44.31
C ASP F 301 41.33 -10.67 44.59
N PHE F 302 41.13 -11.04 45.86
CA PHE F 302 39.97 -11.73 46.41
C PHE F 302 39.94 -13.22 46.12
N ASN F 303 40.94 -13.77 45.42
CA ASN F 303 40.94 -15.19 45.08
C ASN F 303 42.30 -15.80 45.38
N CYS F 304 42.29 -17.07 45.75
CA CYS F 304 43.50 -17.84 46.02
C CYS F 304 43.86 -18.70 44.82
N ASN F 305 45.16 -18.86 44.59
CA ASN F 305 45.66 -19.67 43.49
C ASN F 305 46.41 -20.87 44.04
N VAL F 306 46.33 -22.00 43.34
CA VAL F 306 47.03 -23.22 43.70
C VAL F 306 48.18 -23.40 42.71
N TRP F 307 49.41 -23.39 43.22
CA TRP F 307 50.59 -23.52 42.38
C TRP F 307 51.20 -24.91 42.55
N ASP F 308 51.51 -25.56 41.44
CA ASP F 308 52.26 -26.80 41.45
C ASP F 308 53.69 -26.46 41.81
N ALA F 309 54.10 -26.80 43.03
CA ALA F 309 55.35 -26.30 43.61
C ALA F 309 56.58 -26.80 42.88
N LEU F 310 56.41 -27.73 41.95
CA LEU F 310 57.54 -28.27 41.20
C LEU F 310 57.63 -27.75 39.77
N LYS F 311 56.53 -27.27 39.19
CA LYS F 311 56.55 -26.80 37.81
C LYS F 311 56.05 -25.37 37.67
N ALA F 312 55.68 -24.70 38.76
CA ALA F 312 55.20 -23.31 38.74
C ALA F 312 54.03 -23.13 37.78
N ASP F 313 53.12 -24.11 37.78
CA ASP F 313 51.93 -24.08 36.94
C ASP F 313 50.71 -23.90 37.83
N ARG F 314 49.83 -22.97 37.43
CA ARG F 314 48.60 -22.74 38.20
C ARG F 314 47.66 -23.93 38.07
N ALA F 315 47.60 -24.75 39.12
CA ALA F 315 46.76 -25.94 39.12
C ALA F 315 45.39 -25.66 39.73
N GLY F 316 44.70 -24.64 39.23
CA GLY F 316 43.37 -24.30 39.68
C GLY F 316 43.35 -23.04 40.50
N VAL F 317 42.12 -22.53 40.71
CA VAL F 317 41.89 -21.32 41.46
C VAL F 317 40.69 -21.55 42.38
N LEU F 318 40.82 -21.12 43.63
CA LEU F 318 39.76 -21.28 44.62
C LEU F 318 38.64 -20.27 44.43
N ALA F 319 38.97 -18.97 44.37
CA ALA F 319 37.98 -17.91 44.20
C ALA F 319 36.93 -17.95 45.29
N GLY F 320 35.74 -17.44 45.00
CA GLY F 320 34.63 -17.48 45.94
C GLY F 320 34.50 -16.32 46.92
N HIS F 321 35.62 -15.88 47.48
CA HIS F 321 35.59 -14.82 48.47
C HIS F 321 35.28 -13.47 47.82
N ASP F 322 34.72 -12.57 48.62
CA ASP F 322 34.32 -11.26 48.15
C ASP F 322 35.36 -10.17 48.42
N ASN F 323 36.22 -10.35 49.41
CA ASN F 323 37.24 -9.36 49.73
C ASN F 323 38.62 -9.99 49.83
N ARG F 324 39.61 -9.22 50.25
CA ARG F 324 40.99 -9.71 50.30
C ARG F 324 41.10 -10.91 51.23
N VAL F 325 41.75 -11.96 50.76
CA VAL F 325 42.00 -13.16 51.56
C VAL F 325 43.19 -12.88 52.46
N SER F 326 42.96 -12.89 53.77
CA SER F 326 43.97 -12.47 54.73
C SER F 326 44.68 -13.61 55.44
N CYS F 327 44.16 -14.84 55.35
CA CYS F 327 44.77 -15.95 56.05
C CYS F 327 44.46 -17.26 55.33
N LEU F 328 45.42 -18.18 55.38
CA LEU F 328 45.28 -19.50 54.79
C LEU F 328 45.58 -20.55 55.86
N GLY F 329 45.02 -21.75 55.66
CA GLY F 329 45.27 -22.83 56.60
C GLY F 329 44.97 -24.20 56.02
N VAL F 330 45.91 -25.12 56.18
CA VAL F 330 45.76 -26.51 55.73
C VAL F 330 45.85 -27.41 56.95
N THR F 331 44.92 -28.35 57.06
CA THR F 331 44.87 -29.24 58.21
C THR F 331 46.12 -30.12 58.26
N ASP F 332 46.39 -30.67 59.45
CA ASP F 332 47.56 -31.52 59.62
C ASP F 332 47.47 -32.77 58.75
N ASP F 333 46.28 -33.37 58.65
CA ASP F 333 46.09 -34.52 57.78
C ASP F 333 45.90 -34.14 56.33
N GLY F 334 45.81 -32.85 56.01
CA GLY F 334 45.69 -32.41 54.64
C GLY F 334 44.32 -32.62 54.03
N MET F 335 43.29 -32.81 54.85
CA MET F 335 41.96 -33.11 54.33
C MET F 335 41.24 -31.89 53.77
N ALA F 336 41.56 -30.69 54.25
CA ALA F 336 40.82 -29.51 53.85
C ALA F 336 41.72 -28.28 53.94
N VAL F 337 41.26 -27.20 53.31
CA VAL F 337 41.95 -25.91 53.33
C VAL F 337 40.95 -24.86 53.79
N ALA F 338 41.33 -24.08 54.80
CA ALA F 338 40.49 -23.02 55.35
C ALA F 338 41.04 -21.67 54.90
N THR F 339 40.14 -20.79 54.46
CA THR F 339 40.50 -19.45 54.01
C THR F 339 39.65 -18.43 54.74
N GLY F 340 40.27 -17.31 55.09
CA GLY F 340 39.58 -16.20 55.70
C GLY F 340 39.85 -14.91 54.96
N SER F 341 38.85 -14.03 54.97
CA SER F 341 38.92 -12.80 54.20
C SER F 341 38.32 -11.66 55.02
N TRP F 342 38.39 -10.46 54.45
CA TRP F 342 37.89 -9.25 55.09
C TRP F 342 36.37 -9.14 55.02
N ASP F 343 35.70 -10.04 54.30
CA ASP F 343 34.24 -10.02 54.22
C ASP F 343 33.58 -10.75 55.39
N SER F 344 34.35 -11.12 56.42
CA SER F 344 33.83 -11.74 57.64
C SER F 344 33.24 -13.13 57.37
N PHE F 345 33.94 -13.92 56.56
CA PHE F 345 33.51 -15.28 56.27
C PHE F 345 34.73 -16.19 56.20
N LEU F 346 34.61 -17.38 56.79
CA LEU F 346 35.60 -18.44 56.63
C LEU F 346 35.00 -19.53 55.75
N LYS F 347 35.78 -19.99 54.78
CA LYS F 347 35.35 -21.02 53.85
C LYS F 347 36.32 -22.18 53.88
N ILE F 348 35.78 -23.39 53.90
CA ILE F 348 36.57 -24.62 53.99
C ILE F 348 36.46 -25.34 52.66
N TRP F 349 37.61 -25.63 52.04
CA TRP F 349 37.66 -26.19 50.71
C TRP F 349 38.24 -27.60 50.76
N ASN F 350 37.91 -28.38 49.73
CA ASN F 350 38.40 -29.75 49.63
C ASN F 350 38.42 -30.19 48.17
N ILE G 9 80.49 3.36 64.48
CA ILE G 9 81.69 2.52 64.51
C ILE G 9 81.41 1.26 65.32
N ALA G 10 80.51 1.38 66.30
CA ALA G 10 80.13 0.25 67.15
C ALA G 10 78.88 -0.46 66.67
N GLN G 11 78.28 -0.01 65.57
CA GLN G 11 77.06 -0.62 65.03
C GLN G 11 77.33 -1.62 63.93
N ALA G 12 78.26 -1.33 63.03
CA ALA G 12 78.59 -2.24 61.93
C ALA G 12 79.67 -3.24 62.30
N ARG G 13 80.20 -3.19 63.52
CA ARG G 13 81.18 -4.18 63.95
C ARG G 13 80.56 -5.57 64.00
N LYS G 14 79.32 -5.66 64.50
CA LYS G 14 78.64 -6.95 64.55
C LYS G 14 78.14 -7.36 63.17
N LEU G 15 78.00 -6.42 62.24
CA LEU G 15 77.51 -6.74 60.91
C LEU G 15 78.47 -7.65 60.16
N VAL G 16 79.77 -7.31 60.19
CA VAL G 16 80.76 -8.15 59.52
C VAL G 16 80.91 -9.48 60.24
N GLU G 17 80.70 -9.49 61.57
CA GLU G 17 80.76 -10.74 62.31
C GLU G 17 79.68 -11.71 61.86
N GLN G 18 78.46 -11.19 61.64
CA GLN G 18 77.38 -12.05 61.15
C GLN G 18 77.70 -12.60 59.76
N LEU G 19 78.24 -11.75 58.88
CA LEU G 19 78.59 -12.21 57.54
C LEU G 19 79.70 -13.24 57.56
N LYS G 20 80.57 -13.20 58.58
CA LYS G 20 81.61 -14.21 58.71
C LYS G 20 81.01 -15.59 58.96
N MET G 21 80.00 -15.66 59.83
CA MET G 21 79.35 -16.94 60.10
C MET G 21 78.47 -17.39 58.94
N GLU G 22 77.83 -16.44 58.25
CA GLU G 22 76.96 -16.77 57.13
C GLU G 22 77.73 -17.26 55.91
N ALA G 23 79.03 -16.95 55.81
CA ALA G 23 79.83 -17.40 54.68
C ALA G 23 80.37 -18.82 54.86
N ASN G 24 80.60 -19.24 56.09
CA ASN G 24 81.12 -20.58 56.38
C ASN G 24 79.95 -21.54 56.56
N ILE G 25 79.35 -21.92 55.44
CA ILE G 25 78.22 -22.84 55.41
C ILE G 25 78.54 -23.97 54.45
N ASP G 26 78.35 -25.20 54.90
CA ASP G 26 78.55 -26.38 54.06
C ASP G 26 77.39 -26.47 53.07
N ARG G 27 77.59 -25.92 51.88
CA ARG G 27 76.53 -25.82 50.89
C ARG G 27 76.46 -27.09 50.03
N ILE G 28 75.29 -27.32 49.46
CA ILE G 28 75.02 -28.49 48.63
C ILE G 28 74.50 -28.02 47.28
N LYS G 29 74.92 -28.72 46.22
CA LYS G 29 74.49 -28.39 44.88
C LYS G 29 72.97 -28.43 44.78
N VAL G 30 72.40 -27.46 44.04
CA VAL G 30 70.95 -27.41 43.89
C VAL G 30 70.43 -28.62 43.12
N SER G 31 71.29 -29.26 42.32
CA SER G 31 70.88 -30.45 41.60
C SER G 31 70.50 -31.57 42.56
N LYS G 32 71.30 -31.76 43.62
CA LYS G 32 70.95 -32.76 44.63
C LYS G 32 69.76 -32.30 45.47
N ALA G 33 69.72 -31.01 45.81
CA ALA G 33 68.61 -30.49 46.61
C ALA G 33 67.29 -30.60 45.87
N ALA G 34 67.30 -30.32 44.57
CA ALA G 34 66.06 -30.42 43.78
C ALA G 34 65.55 -31.84 43.74
N ALA G 35 66.45 -32.82 43.59
CA ALA G 35 66.04 -34.22 43.58
C ALA G 35 65.48 -34.64 44.92
N ASP G 36 66.07 -34.17 46.02
CA ASP G 36 65.60 -34.54 47.35
C ASP G 36 64.19 -34.03 47.60
N LEU G 37 63.90 -32.80 47.18
CA LEU G 37 62.54 -32.27 47.33
C LEU G 37 61.58 -33.00 46.40
N MET G 38 62.06 -33.46 45.24
CA MET G 38 61.21 -34.22 44.33
C MET G 38 60.88 -35.58 44.92
N ALA G 39 61.85 -36.22 45.59
CA ALA G 39 61.61 -37.55 46.15
C ALA G 39 60.56 -37.49 47.26
N TYR G 40 60.62 -36.47 48.11
CA TYR G 40 59.69 -36.38 49.24
C TYR G 40 58.25 -36.19 48.74
N CYS G 41 58.06 -35.31 47.76
CA CYS G 41 56.72 -35.05 47.23
C CYS G 41 56.18 -36.25 46.46
N GLU G 42 57.06 -37.12 45.96
CA GLU G 42 56.62 -38.34 45.28
C GLU G 42 56.40 -39.48 46.24
N ALA G 43 57.24 -39.60 47.28
CA ALA G 43 57.05 -40.64 48.29
C ALA G 43 55.73 -40.44 49.03
N HIS G 44 55.60 -39.29 49.72
CA HIS G 44 54.37 -39.00 50.45
C HIS G 44 53.32 -38.39 49.54
N ALA G 45 53.04 -39.06 48.41
CA ALA G 45 52.04 -38.57 47.47
C ALA G 45 50.71 -39.30 47.57
N LYS G 46 50.71 -40.54 48.04
CA LYS G 46 49.49 -41.30 48.22
C LYS G 46 48.67 -40.85 49.42
N GLU G 47 49.26 -40.05 50.31
CA GLU G 47 48.60 -39.62 51.54
C GLU G 47 48.21 -38.14 51.48
N ASP G 48 47.98 -37.61 50.29
CA ASP G 48 47.57 -36.22 50.11
C ASP G 48 46.14 -36.18 49.62
N PRO G 49 45.16 -35.87 50.48
CA PRO G 49 43.77 -35.80 50.03
C PRO G 49 43.46 -34.59 49.16
N LEU G 50 44.42 -33.71 48.92
CA LEU G 50 44.23 -32.54 48.07
C LEU G 50 44.77 -32.75 46.67
N LEU G 51 45.96 -33.32 46.54
CA LEU G 51 46.50 -33.63 45.22
C LEU G 51 45.63 -34.64 44.49
N THR G 52 45.21 -35.68 45.18
CA THR G 52 44.29 -36.68 44.64
C THR G 52 43.02 -36.67 45.46
N PRO G 53 41.85 -36.45 44.86
CA PRO G 53 40.61 -36.34 45.63
C PRO G 53 40.34 -37.60 46.45
N VAL G 54 39.87 -37.41 47.67
CA VAL G 54 39.54 -38.50 48.58
C VAL G 54 38.19 -39.06 48.14
N PRO G 55 37.93 -40.36 48.31
CA PRO G 55 36.59 -40.88 48.04
C PRO G 55 35.54 -40.22 48.91
N ALA G 56 34.34 -40.08 48.35
CA ALA G 56 33.25 -39.40 49.05
C ALA G 56 32.86 -40.10 50.34
N SER G 57 33.12 -41.40 50.46
CA SER G 57 32.83 -42.14 51.68
C SER G 57 33.87 -41.90 52.77
N GLU G 58 35.02 -41.32 52.43
CA GLU G 58 36.07 -41.00 53.39
C GLU G 58 36.32 -39.50 53.47
N ASN G 59 35.28 -38.70 53.22
CA ASN G 59 35.40 -37.25 53.23
C ASN G 59 34.64 -36.69 54.42
N PRO G 60 35.34 -36.27 55.48
CA PRO G 60 34.62 -35.68 56.63
C PRO G 60 33.92 -34.37 56.30
N PHE G 61 34.28 -33.71 55.20
CA PHE G 61 33.68 -32.45 54.83
C PHE G 61 32.73 -32.60 53.64
N THR H 16 -56.26 23.42 -46.84
CA THR H 16 -57.30 22.41 -46.78
C THR H 16 -58.51 22.91 -45.98
N LEU H 17 -58.64 24.23 -45.89
CA LEU H 17 -59.75 24.84 -45.14
C LEU H 17 -61.01 24.92 -45.99
N SER H 18 -60.89 25.41 -47.22
CA SER H 18 -62.05 25.58 -48.09
C SER H 18 -62.60 24.23 -48.53
N ALA H 19 -63.87 24.24 -48.94
CA ALA H 19 -64.51 23.02 -49.42
C ALA H 19 -63.86 22.51 -50.69
N GLU H 20 -63.51 23.42 -51.62
CA GLU H 20 -62.84 23.00 -52.84
C GLU H 20 -61.44 22.48 -52.56
N GLU H 21 -60.72 23.12 -51.63
CA GLU H 21 -59.37 22.67 -51.30
C GLU H 21 -59.38 21.34 -50.55
N ARG H 22 -60.47 21.03 -49.85
CA ARG H 22 -60.57 19.73 -49.21
C ARG H 22 -60.65 18.61 -50.24
N ALA H 23 -61.38 18.83 -51.33
CA ALA H 23 -61.46 17.83 -52.38
C ALA H 23 -60.17 17.75 -53.19
N ALA H 24 -59.45 18.88 -53.31
CA ALA H 24 -58.15 18.85 -53.98
C ALA H 24 -57.15 18.00 -53.20
N LEU H 25 -57.17 18.10 -51.86
CA LEU H 25 -56.33 17.24 -51.04
C LEU H 25 -56.75 15.78 -51.17
N GLU H 26 -58.06 15.52 -51.30
CA GLU H 26 -58.53 14.15 -51.50
C GLU H 26 -58.05 13.61 -52.85
N ARG H 27 -58.04 14.46 -53.88
CA ARG H 27 -57.52 14.05 -55.18
C ARG H 27 -56.04 13.70 -55.09
N SER H 28 -55.26 14.51 -54.37
CA SER H 28 -53.83 14.26 -54.25
C SER H 28 -53.56 12.94 -53.53
N LYS H 29 -54.32 12.66 -52.46
CA LYS H 29 -54.14 11.41 -51.74
C LYS H 29 -54.54 10.20 -52.58
N ALA H 30 -55.57 10.36 -53.42
CA ALA H 30 -55.95 9.27 -54.32
C ALA H 30 -54.87 9.02 -55.37
N ILE H 31 -54.22 10.09 -55.85
CA ILE H 31 -53.13 9.94 -56.80
C ILE H 31 -51.96 9.21 -56.15
N GLU H 32 -51.64 9.57 -54.89
CA GLU H 32 -50.51 8.95 -54.21
C GLU H 32 -50.72 7.45 -54.00
N LYS H 33 -51.97 7.03 -53.77
CA LYS H 33 -52.24 5.60 -53.57
C LYS H 33 -51.90 4.81 -54.82
N ASN H 34 -52.26 5.32 -56.00
CA ASN H 34 -51.92 4.64 -57.24
C ASN H 34 -50.43 4.71 -57.53
N LEU H 35 -49.77 5.80 -57.12
CA LEU H 35 -48.32 5.91 -57.31
C LEU H 35 -47.59 4.85 -56.49
N LYS H 36 -48.00 4.66 -55.24
CA LYS H 36 -47.39 3.62 -54.41
C LYS H 36 -47.76 2.24 -54.90
N GLU H 37 -49.01 2.05 -55.35
CA GLU H 37 -49.44 0.75 -55.85
C GLU H 37 -48.65 0.34 -57.09
N ASP H 38 -48.42 1.29 -58.00
CA ASP H 38 -47.64 0.98 -59.20
C ASP H 38 -46.20 0.64 -58.86
N GLY H 39 -45.65 1.29 -57.81
CA GLY H 39 -44.30 0.95 -57.39
C GLY H 39 -44.19 -0.46 -56.85
N ILE H 40 -45.23 -0.93 -56.16
CA ILE H 40 -45.24 -2.29 -55.65
C ILE H 40 -45.20 -3.29 -56.80
N SER H 41 -46.00 -3.05 -57.84
CA SER H 41 -46.02 -3.91 -59.01
C SER H 41 -44.75 -3.79 -59.86
N ALA H 42 -43.90 -2.80 -59.58
CA ALA H 42 -42.67 -2.61 -60.32
C ALA H 42 -41.45 -3.13 -59.56
N ALA H 43 -41.66 -3.94 -58.51
CA ALA H 43 -40.57 -4.50 -57.75
C ALA H 43 -40.37 -5.99 -57.99
N LYS H 44 -41.29 -6.64 -58.70
CA LYS H 44 -41.20 -8.07 -59.00
C LYS H 44 -40.50 -8.35 -60.32
N ASP H 45 -39.99 -7.32 -60.98
CA ASP H 45 -39.35 -7.48 -62.29
C ASP H 45 -37.85 -7.27 -62.16
N VAL H 46 -37.09 -8.00 -62.98
CA VAL H 46 -35.64 -7.92 -63.01
C VAL H 46 -35.25 -7.18 -64.28
N LYS H 47 -34.48 -6.11 -64.12
CA LYS H 47 -34.05 -5.26 -65.23
C LYS H 47 -32.65 -5.65 -65.64
N LEU H 48 -32.51 -6.23 -66.82
CA LEU H 48 -31.23 -6.65 -67.36
C LEU H 48 -30.89 -5.86 -68.62
N LEU H 49 -29.59 -5.79 -68.90
CA LEU H 49 -29.08 -4.99 -70.01
C LEU H 49 -28.40 -5.89 -71.02
N LEU H 50 -28.82 -5.80 -72.27
CA LEU H 50 -28.25 -6.61 -73.35
C LEU H 50 -27.19 -5.81 -74.09
N LEU H 51 -26.01 -6.41 -74.25
CA LEU H 51 -24.90 -5.78 -74.95
C LEU H 51 -24.20 -6.82 -75.81
N GLY H 52 -23.31 -6.34 -76.68
CA GLY H 52 -22.56 -7.22 -77.56
C GLY H 52 -22.47 -6.71 -78.98
N ALA H 53 -21.57 -7.30 -79.76
CA ALA H 53 -21.40 -6.89 -81.15
C ALA H 53 -22.58 -7.36 -81.99
N ASP H 54 -22.66 -6.83 -83.21
CA ASP H 54 -23.74 -7.20 -84.12
C ASP H 54 -23.58 -8.65 -84.59
N ASN H 55 -24.72 -9.27 -84.88
CA ASN H 55 -24.78 -10.66 -85.35
C ASN H 55 -24.15 -11.63 -84.35
N SER H 56 -24.25 -11.32 -83.06
CA SER H 56 -23.69 -12.14 -82.01
C SER H 56 -24.76 -12.89 -81.21
N GLY H 57 -26.00 -12.89 -81.69
CA GLY H 57 -27.08 -13.54 -80.98
C GLY H 57 -27.68 -12.73 -79.85
N LYS H 58 -27.43 -11.41 -79.81
CA LYS H 58 -27.95 -10.58 -78.74
C LYS H 58 -29.45 -10.37 -78.82
N SER H 59 -30.10 -10.81 -79.89
CA SER H 59 -31.55 -10.71 -80.03
C SER H 59 -32.25 -12.07 -80.03
N THR H 60 -31.48 -13.16 -79.98
CA THR H 60 -32.04 -14.51 -80.05
C THR H 60 -31.44 -15.39 -78.96
N ILE H 61 -31.39 -14.90 -77.73
CA ILE H 61 -30.89 -15.71 -76.63
C ILE H 61 -31.94 -16.71 -76.17
N VAL H 62 -33.11 -16.22 -75.77
CA VAL H 62 -34.21 -17.05 -75.31
C VAL H 62 -35.26 -17.13 -76.41
N LYS H 63 -35.72 -18.35 -76.70
CA LYS H 63 -36.74 -18.53 -77.72
C LYS H 63 -38.12 -18.11 -77.26
N GLN H 64 -38.30 -17.85 -75.96
CA GLN H 64 -39.55 -17.32 -75.43
C GLN H 64 -39.40 -15.81 -75.37
N MET H 65 -39.62 -15.16 -76.51
CA MET H 65 -39.28 -13.74 -76.63
C MET H 65 -40.36 -12.85 -76.01
N LYS H 66 -41.56 -12.84 -76.59
CA LYS H 66 -42.62 -11.93 -76.19
C LYS H 66 -42.09 -10.50 -76.05
N ILE H 67 -41.68 -9.96 -77.21
CA ILE H 67 -40.94 -8.70 -77.24
C ILE H 67 -41.72 -7.59 -76.51
N ILE H 68 -42.93 -7.27 -76.98
CA ILE H 68 -43.72 -6.22 -76.36
C ILE H 68 -45.16 -6.29 -76.88
N THR H 79 -36.76 1.95 -84.46
CA THR H 79 -35.37 2.25 -84.13
C THR H 79 -35.28 2.99 -82.80
N GLY H 80 -34.46 2.48 -81.90
CA GLY H 80 -34.32 3.06 -80.58
C GLY H 80 -33.95 2.02 -79.53
N ILE H 81 -34.72 1.98 -78.44
CA ILE H 81 -34.52 1.00 -77.38
C ILE H 81 -35.56 -0.10 -77.52
N VAL H 82 -35.13 -1.35 -77.37
CA VAL H 82 -35.98 -2.52 -77.55
C VAL H 82 -36.09 -3.26 -76.22
N GLU H 83 -37.31 -3.59 -75.83
CA GLU H 83 -37.58 -4.28 -74.58
C GLU H 83 -38.05 -5.70 -74.84
N THR H 84 -37.79 -6.57 -73.87
CA THR H 84 -38.22 -7.96 -73.93
C THR H 84 -38.57 -8.37 -72.50
N HIS H 85 -39.77 -8.92 -72.31
CA HIS H 85 -40.33 -9.11 -70.97
C HIS H 85 -40.78 -10.55 -70.76
N PHE H 86 -39.90 -11.50 -71.08
CA PHE H 86 -40.18 -12.89 -70.78
C PHE H 86 -40.16 -13.13 -69.28
N THR H 87 -40.95 -14.12 -68.83
CA THR H 87 -41.06 -14.46 -67.42
C THR H 87 -40.61 -15.91 -67.21
N PHE H 88 -40.13 -16.19 -66.00
CA PHE H 88 -39.62 -17.52 -65.69
C PHE H 88 -39.61 -17.71 -64.18
N LYS H 89 -40.23 -18.80 -63.73
CA LYS H 89 -40.27 -19.16 -62.31
C LYS H 89 -40.83 -18.05 -61.45
N ASN H 90 -42.01 -17.54 -61.84
CA ASN H 90 -42.73 -16.50 -61.11
C ASN H 90 -41.88 -15.24 -60.94
N LEU H 91 -40.99 -14.98 -61.91
CA LEU H 91 -40.15 -13.79 -61.89
C LEU H 91 -40.15 -13.17 -63.27
N HIS H 92 -40.24 -11.84 -63.32
CA HIS H 92 -40.35 -11.11 -64.57
C HIS H 92 -38.97 -10.57 -64.95
N PHE H 93 -38.50 -10.94 -66.14
CA PHE H 93 -37.21 -10.51 -66.65
C PHE H 93 -37.43 -9.53 -67.78
N ARG H 94 -36.89 -8.31 -67.64
CA ARG H 94 -37.01 -7.26 -68.65
C ARG H 94 -35.64 -7.03 -69.26
N LEU H 95 -35.49 -7.35 -70.53
CA LEU H 95 -34.24 -7.19 -71.26
C LEU H 95 -34.29 -5.94 -72.12
N PHE H 96 -33.33 -5.05 -71.94
CA PHE H 96 -33.24 -3.81 -72.69
C PHE H 96 -32.09 -3.89 -73.67
N ASP H 97 -32.39 -3.84 -74.96
CA ASP H 97 -31.38 -3.85 -76.01
C ASP H 97 -31.09 -2.41 -76.41
N VAL H 98 -29.84 -1.98 -76.21
CA VAL H 98 -29.44 -0.61 -76.49
C VAL H 98 -28.84 -0.44 -77.87
N GLY H 99 -28.78 -1.52 -78.66
CA GLY H 99 -28.24 -1.40 -80.00
C GLY H 99 -29.16 -0.57 -80.90
N GLY H 100 -28.56 0.06 -81.90
CA GLY H 100 -29.27 0.88 -82.84
C GLY H 100 -29.30 2.36 -82.50
N GLN H 101 -28.92 2.73 -81.28
CA GLN H 101 -28.86 4.15 -80.93
C GLN H 101 -27.82 4.89 -81.76
N ARG H 102 -26.65 4.28 -81.92
CA ARG H 102 -25.56 4.84 -82.73
C ARG H 102 -25.18 6.24 -82.26
N SER H 103 -25.19 6.44 -80.94
CA SER H 103 -24.80 7.73 -80.37
C SER H 103 -23.69 7.52 -79.34
N GLU H 104 -23.30 8.57 -78.64
CA GLU H 104 -22.28 8.47 -77.61
C GLU H 104 -22.88 7.83 -76.37
N ARG H 105 -22.33 6.69 -75.96
CA ARG H 105 -22.87 5.94 -74.83
C ARG H 105 -22.73 6.70 -73.52
N LYS H 106 -21.77 7.61 -73.41
CA LYS H 106 -21.52 8.28 -72.13
C LYS H 106 -22.69 9.12 -71.66
N LYS H 107 -23.62 9.45 -72.55
CA LYS H 107 -24.70 10.37 -72.20
C LYS H 107 -25.99 9.69 -71.77
N TRP H 108 -26.22 8.44 -72.19
CA TRP H 108 -27.44 7.73 -71.83
C TRP H 108 -27.20 6.39 -71.16
N ILE H 109 -25.95 5.97 -70.96
CA ILE H 109 -25.69 4.70 -70.29
C ILE H 109 -25.92 4.80 -68.79
N HIS H 110 -25.99 6.02 -68.25
CA HIS H 110 -26.27 6.19 -66.83
C HIS H 110 -27.73 5.97 -66.49
N CYS H 111 -28.60 5.89 -67.51
CA CYS H 111 -30.01 5.56 -67.26
C CYS H 111 -30.14 4.14 -66.74
N PHE H 112 -29.29 3.23 -67.23
CA PHE H 112 -29.30 1.84 -66.82
C PHE H 112 -28.35 1.57 -65.65
N GLU H 113 -28.10 2.57 -64.82
CA GLU H 113 -27.20 2.40 -63.67
C GLU H 113 -27.78 1.42 -62.64
N ASP H 114 -29.10 1.23 -62.63
CA ASP H 114 -29.76 0.41 -61.62
C ASP H 114 -30.14 -0.97 -62.13
N VAL H 115 -29.63 -1.39 -63.29
CA VAL H 115 -29.96 -2.72 -63.78
C VAL H 115 -29.35 -3.78 -62.87
N THR H 116 -30.01 -4.93 -62.82
CA THR H 116 -29.56 -6.02 -61.95
C THR H 116 -28.24 -6.61 -62.45
N ALA H 117 -28.12 -6.82 -63.77
CA ALA H 117 -26.93 -7.43 -64.32
C ALA H 117 -26.76 -6.98 -65.76
N ILE H 118 -25.65 -7.38 -66.36
CA ILE H 118 -25.33 -7.10 -67.76
C ILE H 118 -25.20 -8.43 -68.49
N ILE H 119 -25.92 -8.58 -69.59
CA ILE H 119 -25.84 -9.77 -70.42
C ILE H 119 -25.02 -9.43 -71.65
N PHE H 120 -23.87 -10.09 -71.80
CA PHE H 120 -22.97 -9.86 -72.92
C PHE H 120 -22.95 -11.08 -73.81
N CYS H 121 -23.10 -10.86 -75.11
CA CYS H 121 -23.11 -11.92 -76.10
C CYS H 121 -21.88 -11.83 -76.99
N VAL H 122 -21.17 -12.94 -77.12
CA VAL H 122 -19.94 -13.02 -77.91
C VAL H 122 -20.07 -14.16 -78.90
N ASP H 123 -19.74 -13.89 -80.16
CA ASP H 123 -19.78 -14.89 -81.22
C ASP H 123 -18.37 -15.44 -81.42
N LEU H 124 -18.20 -16.73 -81.14
CA LEU H 124 -16.90 -17.37 -81.23
C LEU H 124 -16.47 -17.65 -82.66
N SER H 125 -17.41 -17.68 -83.62
CA SER H 125 -17.06 -17.96 -85.00
C SER H 125 -16.58 -16.73 -85.77
N ASP H 126 -16.69 -15.54 -85.19
CA ASP H 126 -16.25 -14.30 -85.84
C ASP H 126 -14.87 -13.95 -85.31
N TYR H 127 -13.84 -14.23 -86.12
CA TYR H 127 -12.47 -13.94 -85.72
C TYR H 127 -12.10 -12.48 -85.94
N ASN H 128 -12.87 -11.74 -86.71
CA ASN H 128 -12.59 -10.33 -86.94
C ASN H 128 -13.26 -9.41 -85.94
N ARG H 129 -14.47 -9.74 -85.48
CA ARG H 129 -15.16 -8.95 -84.47
C ARG H 129 -14.78 -9.33 -83.05
N MET H 130 -13.93 -10.34 -82.88
CA MET H 130 -13.52 -10.75 -81.53
C MET H 130 -12.77 -9.62 -80.83
N HIS H 131 -11.87 -8.93 -81.54
CA HIS H 131 -11.18 -7.80 -80.95
C HIS H 131 -12.13 -6.63 -80.72
N GLU H 132 -13.12 -6.46 -81.60
CA GLU H 132 -14.14 -5.44 -81.39
C GLU H 132 -14.97 -5.75 -80.15
N SER H 133 -15.30 -7.03 -79.94
CA SER H 133 -16.07 -7.41 -78.75
C SER H 133 -15.27 -7.17 -77.48
N LEU H 134 -13.96 -7.44 -77.52
CA LEU H 134 -13.13 -7.24 -76.34
C LEU H 134 -13.08 -5.77 -75.93
N MET H 135 -13.03 -4.87 -76.91
CA MET H 135 -13.07 -3.44 -76.60
C MET H 135 -14.38 -3.06 -75.94
N LEU H 136 -15.49 -3.63 -76.42
CA LEU H 136 -16.79 -3.35 -75.81
C LEU H 136 -16.84 -3.86 -74.38
N PHE H 137 -16.34 -5.07 -74.14
CA PHE H 137 -16.36 -5.63 -72.79
C PHE H 137 -15.45 -4.84 -71.86
N ASP H 138 -14.28 -4.42 -72.35
CA ASP H 138 -13.35 -3.65 -71.52
C ASP H 138 -13.95 -2.32 -71.10
N SER H 139 -14.62 -1.64 -72.02
CA SER H 139 -15.20 -0.34 -71.71
C SER H 139 -16.37 -0.47 -70.74
N ILE H 140 -17.25 -1.45 -70.97
CA ILE H 140 -18.44 -1.60 -70.14
C ILE H 140 -18.08 -2.05 -68.74
N CYS H 141 -17.17 -3.02 -68.63
CA CYS H 141 -16.85 -3.59 -67.32
C CYS H 141 -16.21 -2.56 -66.40
N ASN H 142 -15.34 -1.70 -66.94
CA ASN H 142 -14.62 -0.72 -66.15
C ASN H 142 -15.30 0.64 -66.15
N ASN H 143 -16.53 0.73 -66.64
CA ASN H 143 -17.27 1.99 -66.59
C ASN H 143 -17.57 2.36 -65.14
N LYS H 144 -17.62 3.67 -64.88
CA LYS H 144 -17.82 4.13 -63.51
C LYS H 144 -19.21 3.80 -62.99
N PHE H 145 -20.21 3.77 -63.87
CA PHE H 145 -21.57 3.45 -63.44
C PHE H 145 -21.76 1.95 -63.22
N PHE H 146 -21.04 1.12 -63.98
CA PHE H 146 -21.17 -0.34 -63.89
C PHE H 146 -20.00 -0.97 -63.13
N ILE H 147 -19.50 -0.29 -62.10
CA ILE H 147 -18.37 -0.82 -61.33
C ILE H 147 -18.78 -1.96 -60.41
N ASP H 148 -20.08 -2.13 -60.14
CA ASP H 148 -20.55 -3.17 -59.23
C ASP H 148 -21.57 -4.11 -59.86
N THR H 149 -22.00 -3.87 -61.09
CA THR H 149 -23.00 -4.70 -61.75
C THR H 149 -22.31 -5.95 -62.31
N SER H 150 -22.75 -7.11 -61.83
CA SER H 150 -22.20 -8.37 -62.32
C SER H 150 -22.61 -8.58 -63.78
N ILE H 151 -21.76 -9.31 -64.50
CA ILE H 151 -21.91 -9.53 -65.93
C ILE H 151 -22.19 -11.00 -66.18
N ILE H 152 -23.24 -11.29 -66.96
CA ILE H 152 -23.54 -12.64 -67.41
C ILE H 152 -23.07 -12.74 -68.86
N LEU H 153 -21.92 -13.37 -69.06
CA LEU H 153 -21.28 -13.44 -70.36
C LEU H 153 -21.71 -14.73 -71.07
N PHE H 154 -22.19 -14.60 -72.30
CA PHE H 154 -22.66 -15.73 -73.09
C PHE H 154 -21.73 -15.93 -74.28
N LEU H 155 -21.19 -17.13 -74.41
CA LEU H 155 -20.33 -17.50 -75.54
C LEU H 155 -21.14 -18.39 -76.46
N ASN H 156 -21.50 -17.86 -77.62
CA ASN H 156 -22.47 -18.49 -78.51
C ASN H 156 -21.78 -19.34 -79.58
N LYS H 157 -22.57 -20.22 -80.18
CA LYS H 157 -22.19 -21.00 -81.37
C LYS H 157 -20.94 -21.85 -81.10
N LYS H 158 -21.11 -22.81 -80.19
CA LYS H 158 -20.05 -23.78 -79.94
C LYS H 158 -19.77 -24.61 -81.19
N ASP H 159 -20.82 -25.08 -81.87
CA ASP H 159 -20.64 -25.96 -83.01
C ASP H 159 -19.97 -25.24 -84.16
N LEU H 160 -20.36 -24.00 -84.43
CA LEU H 160 -19.73 -23.24 -85.51
C LEU H 160 -18.26 -22.98 -85.20
N PHE H 161 -17.94 -22.65 -83.95
CA PHE H 161 -16.54 -22.48 -83.56
C PHE H 161 -15.78 -23.80 -83.64
N GLY H 162 -16.43 -24.91 -83.29
CA GLY H 162 -15.76 -26.19 -83.32
C GLY H 162 -15.36 -26.60 -84.73
N GLU H 163 -16.21 -26.30 -85.71
CA GLU H 163 -15.86 -26.58 -87.09
C GLU H 163 -14.88 -25.57 -87.68
N LYS H 164 -14.96 -24.31 -87.22
CA LYS H 164 -14.12 -23.26 -87.79
C LYS H 164 -12.65 -23.45 -87.40
N ILE H 165 -12.40 -23.89 -86.17
CA ILE H 165 -11.02 -23.98 -85.68
C ILE H 165 -10.22 -25.00 -86.48
N LYS H 166 -10.85 -26.09 -86.90
CA LYS H 166 -10.14 -27.10 -87.70
C LYS H 166 -9.68 -26.54 -89.03
N LYS H 167 -10.53 -25.74 -89.69
CA LYS H 167 -10.15 -25.15 -90.97
C LYS H 167 -9.09 -24.07 -90.80
N SER H 168 -9.26 -23.20 -89.80
CA SER H 168 -8.33 -22.12 -89.52
C SER H 168 -7.98 -22.13 -88.04
N PRO H 169 -6.72 -22.29 -87.68
CA PRO H 169 -6.35 -22.33 -86.26
C PRO H 169 -6.55 -20.98 -85.59
N LEU H 170 -6.71 -21.03 -84.27
CA LEU H 170 -6.93 -19.82 -83.47
C LEU H 170 -5.59 -19.09 -83.23
N THR H 171 -5.05 -18.56 -84.33
CA THR H 171 -3.82 -17.77 -84.29
C THR H 171 -3.89 -16.48 -85.08
N ILE H 172 -4.77 -16.37 -86.07
CA ILE H 172 -4.91 -15.12 -86.80
C ILE H 172 -5.54 -14.05 -85.92
N CYS H 173 -6.51 -14.42 -85.09
CA CYS H 173 -7.15 -13.46 -84.20
C CYS H 173 -6.30 -13.20 -82.96
N PHE H 174 -5.73 -14.25 -82.38
CA PHE H 174 -4.91 -14.16 -81.18
C PHE H 174 -3.52 -14.71 -81.47
N PRO H 175 -2.58 -13.86 -81.88
CA PRO H 175 -1.22 -14.37 -82.15
C PRO H 175 -0.49 -14.86 -80.91
N GLU H 176 -0.94 -14.48 -79.71
CA GLU H 176 -0.27 -14.88 -78.49
C GLU H 176 -0.65 -16.28 -78.01
N TYR H 177 -1.57 -16.96 -78.70
CA TYR H 177 -1.96 -18.29 -78.29
C TYR H 177 -0.81 -19.27 -78.44
N THR H 178 -0.65 -20.14 -77.44
CA THR H 178 0.45 -21.10 -77.42
C THR H 178 0.02 -22.53 -77.09
N GLY H 179 -1.14 -22.74 -76.47
CA GLY H 179 -1.57 -24.04 -76.05
C GLY H 179 -2.04 -24.91 -77.21
N PRO H 180 -2.58 -26.08 -76.88
CA PRO H 180 -3.03 -27.01 -77.93
C PRO H 180 -4.19 -26.43 -78.72
N ASN H 181 -4.29 -26.87 -79.98
CA ASN H 181 -5.33 -26.41 -80.90
C ASN H 181 -6.67 -27.13 -80.67
N THR H 182 -6.85 -27.78 -79.54
CA THR H 182 -8.09 -28.48 -79.25
C THR H 182 -9.19 -27.48 -78.89
N TYR H 183 -10.44 -27.94 -78.99
CA TYR H 183 -11.58 -27.07 -78.71
C TYR H 183 -11.61 -26.64 -77.25
N GLU H 184 -11.31 -27.57 -76.33
CA GLU H 184 -11.42 -27.26 -74.91
C GLU H 184 -10.45 -26.15 -74.50
N ASP H 185 -9.20 -26.22 -74.97
CA ASP H 185 -8.21 -25.22 -74.61
C ASP H 185 -8.46 -23.90 -75.33
N ALA H 186 -8.87 -23.96 -76.60
CA ALA H 186 -9.12 -22.74 -77.36
C ALA H 186 -10.31 -21.97 -76.79
N ALA H 187 -11.40 -22.67 -76.50
CA ALA H 187 -12.58 -22.01 -75.95
C ALA H 187 -12.30 -21.43 -74.58
N ALA H 188 -11.54 -22.15 -73.75
CA ALA H 188 -11.19 -21.64 -72.43
C ALA H 188 -10.22 -20.46 -72.53
N TYR H 189 -9.38 -20.45 -73.56
CA TYR H 189 -8.46 -19.34 -73.74
C TYR H 189 -9.21 -18.04 -74.04
N ILE H 190 -10.26 -18.13 -74.87
CA ILE H 190 -11.08 -16.95 -75.15
C ILE H 190 -11.77 -16.47 -73.87
N GLN H 191 -12.24 -17.42 -73.05
CA GLN H 191 -12.91 -17.04 -71.81
C GLN H 191 -11.96 -16.32 -70.86
N ALA H 192 -10.70 -16.77 -70.80
CA ALA H 192 -9.74 -16.14 -69.91
C ALA H 192 -9.48 -14.69 -70.28
N GLN H 193 -9.44 -14.39 -71.59
CA GLN H 193 -9.20 -13.02 -72.03
C GLN H 193 -10.32 -12.09 -71.58
N PHE H 194 -11.57 -12.54 -71.67
CA PHE H 194 -12.69 -11.69 -71.28
C PHE H 194 -12.69 -11.42 -69.78
N GLU H 195 -12.36 -12.42 -68.97
CA GLU H 195 -12.31 -12.23 -67.53
C GLU H 195 -11.04 -11.51 -67.08
N SER H 196 -10.04 -11.42 -67.95
CA SER H 196 -8.85 -10.64 -67.62
C SER H 196 -9.12 -9.14 -67.60
N LYS H 197 -10.26 -8.71 -68.14
CA LYS H 197 -10.64 -7.30 -68.15
C LYS H 197 -11.50 -6.91 -66.97
N ASN H 198 -11.77 -7.84 -66.04
CA ASN H 198 -12.58 -7.52 -64.87
C ASN H 198 -11.92 -6.43 -64.03
N ARG H 199 -10.77 -6.74 -63.44
CA ARG H 199 -9.91 -5.76 -62.77
C ARG H 199 -10.64 -5.03 -61.64
N SER H 200 -11.67 -5.64 -61.07
CA SER H 200 -12.48 -4.99 -60.05
C SER H 200 -12.97 -6.01 -59.04
N PRO H 201 -13.13 -5.61 -57.79
CA PRO H 201 -13.77 -6.48 -56.80
C PRO H 201 -15.27 -6.23 -56.74
N ASN H 202 -15.95 -7.08 -55.97
CA ASN H 202 -17.41 -7.08 -55.79
C ASN H 202 -18.15 -7.37 -57.09
N LYS H 203 -17.46 -7.79 -58.15
CA LYS H 203 -18.07 -8.09 -59.43
C LYS H 203 -17.69 -9.49 -59.85
N GLU H 204 -18.69 -10.29 -60.25
CA GLU H 204 -18.48 -11.66 -60.68
C GLU H 204 -19.01 -11.82 -62.10
N ILE H 205 -18.25 -12.51 -62.94
CA ILE H 205 -18.62 -12.75 -64.33
C ILE H 205 -19.06 -14.21 -64.45
N TYR H 206 -20.34 -14.41 -64.74
CA TYR H 206 -20.90 -15.75 -64.90
C TYR H 206 -20.89 -16.11 -66.38
N CYS H 207 -19.97 -16.99 -66.77
CA CYS H 207 -19.84 -17.42 -68.15
C CYS H 207 -20.69 -18.66 -68.42
N HIS H 208 -20.98 -18.88 -69.70
CA HIS H 208 -21.70 -20.06 -70.14
C HIS H 208 -21.53 -20.19 -71.65
N MET H 209 -21.35 -21.43 -72.10
CA MET H 209 -21.19 -21.73 -73.51
C MET H 209 -22.52 -22.16 -74.09
N THR H 210 -22.98 -21.44 -75.11
CA THR H 210 -24.29 -21.67 -75.72
C THR H 210 -24.14 -21.99 -77.19
N CYS H 211 -25.16 -22.65 -77.73
CA CYS H 211 -25.25 -22.96 -79.15
C CYS H 211 -26.60 -22.49 -79.68
N ALA H 212 -26.78 -22.64 -80.99
CA ALA H 212 -28.04 -22.21 -81.60
C ALA H 212 -29.22 -23.01 -81.08
N THR H 213 -29.05 -24.32 -80.95
CA THR H 213 -30.13 -25.21 -80.49
C THR H 213 -30.09 -25.44 -78.98
N ASP H 214 -30.07 -24.35 -78.22
CA ASP H 214 -30.10 -24.41 -76.75
C ASP H 214 -31.36 -23.71 -76.27
N THR H 215 -32.17 -24.42 -75.48
CA THR H 215 -33.43 -23.90 -74.98
C THR H 215 -33.34 -23.43 -73.54
N ASN H 216 -32.34 -23.90 -72.78
CA ASN H 216 -32.24 -23.61 -71.36
C ASN H 216 -31.46 -22.33 -71.07
N ASN H 217 -31.47 -21.37 -72.01
CA ASN H 217 -30.81 -20.10 -71.77
C ASN H 217 -31.53 -19.31 -70.67
N ALA H 218 -32.86 -19.46 -70.59
CA ALA H 218 -33.61 -18.79 -69.53
C ALA H 218 -33.24 -19.33 -68.16
N GLN H 219 -33.00 -20.64 -68.07
CA GLN H 219 -32.59 -21.23 -66.80
C GLN H 219 -31.23 -20.70 -66.36
N VAL H 220 -30.30 -20.56 -67.31
CA VAL H 220 -28.97 -20.05 -66.99
C VAL H 220 -29.05 -18.62 -66.49
N ILE H 221 -29.89 -17.79 -67.12
CA ILE H 221 -30.05 -16.41 -66.67
C ILE H 221 -30.67 -16.38 -65.28
N PHE H 222 -31.65 -17.25 -65.02
CA PHE H 222 -32.37 -17.21 -63.75
C PHE H 222 -31.45 -17.51 -62.57
N ASP H 223 -30.60 -18.53 -62.69
CA ASP H 223 -29.74 -18.88 -61.57
C ASP H 223 -28.66 -17.84 -61.34
N ALA H 224 -28.17 -17.22 -62.42
CA ALA H 224 -27.18 -16.16 -62.28
C ALA H 224 -27.78 -14.93 -61.59
N VAL H 225 -29.00 -14.56 -61.97
CA VAL H 225 -29.64 -13.39 -61.36
C VAL H 225 -29.90 -13.63 -59.88
N THR H 226 -30.38 -14.83 -59.53
CA THR H 226 -30.57 -15.16 -58.12
C THR H 226 -29.25 -15.12 -57.37
N ASP H 227 -28.17 -15.59 -58.00
CA ASP H 227 -26.86 -15.55 -57.37
C ASP H 227 -26.37 -14.13 -57.18
N ILE H 228 -26.68 -13.24 -58.12
CA ILE H 228 -26.26 -11.85 -58.01
C ILE H 228 -27.00 -11.14 -56.88
N ILE H 229 -28.29 -11.45 -56.71
CA ILE H 229 -29.08 -10.80 -55.67
C ILE H 229 -28.55 -11.15 -54.29
N ILE H 230 -28.11 -12.39 -54.10
CA ILE H 230 -27.56 -12.79 -52.80
C ILE H 230 -26.33 -11.98 -52.47
N ALA H 231 -25.44 -11.78 -53.46
CA ALA H 231 -24.22 -11.01 -53.21
C ALA H 231 -24.53 -9.59 -52.79
N ASN H 232 -25.50 -8.94 -53.46
CA ASN H 232 -25.88 -7.59 -53.06
C ASN H 232 -26.57 -7.59 -51.71
N ASN H 233 -27.39 -8.61 -51.44
CA ASN H 233 -28.06 -8.71 -50.14
C ASN H 233 -27.05 -8.96 -49.03
N LEU H 234 -26.01 -9.74 -49.31
CA LEU H 234 -24.99 -10.01 -48.31
C LEU H 234 -24.27 -8.72 -47.90
N ARG H 235 -23.94 -7.88 -48.87
CA ARG H 235 -23.28 -6.61 -48.58
C ARG H 235 -24.21 -5.69 -47.79
N GLY H 236 -25.49 -5.65 -48.17
CA GLY H 236 -26.43 -4.81 -47.44
C GLY H 236 -26.65 -5.25 -46.01
N CYS H 237 -26.74 -6.57 -45.79
CA CYS H 237 -26.94 -7.10 -44.45
C CYS H 237 -25.72 -6.93 -43.56
N GLY H 238 -24.56 -6.60 -44.12
CA GLY H 238 -23.36 -6.43 -43.35
C GLY H 238 -22.58 -7.70 -43.08
N LEU H 239 -23.03 -8.85 -43.60
CA LEU H 239 -22.31 -10.09 -43.39
C LEU H 239 -20.93 -10.04 -44.04
N TYR H 240 -20.84 -9.47 -45.24
CA TYR H 240 -19.55 -9.28 -45.89
C TYR H 240 -19.10 -7.83 -45.80
N ASP I 15 -8.74 20.84 -100.85
CA ASP I 15 -7.48 21.25 -100.23
C ASP I 15 -7.34 22.77 -100.18
N GLN I 16 -7.70 23.43 -101.29
CA GLN I 16 -7.66 24.89 -101.32
C GLN I 16 -8.68 25.49 -100.36
N LEU I 17 -9.87 24.89 -100.28
CA LEU I 17 -10.90 25.40 -99.38
C LEU I 17 -10.50 25.20 -97.92
N ARG I 18 -9.67 24.19 -97.65
CA ARG I 18 -9.18 23.98 -96.28
C ARG I 18 -8.33 25.16 -95.82
N GLN I 19 -7.48 25.69 -96.71
CA GLN I 19 -6.74 26.89 -96.38
C GLN I 19 -7.69 28.08 -96.17
N GLU I 20 -8.74 28.17 -96.99
CA GLU I 20 -9.73 29.23 -96.81
C GLU I 20 -10.44 29.10 -95.47
N ALA I 21 -10.71 27.87 -95.03
CA ALA I 21 -11.35 27.67 -93.73
C ALA I 21 -10.43 28.14 -92.60
N GLU I 22 -9.13 27.86 -92.72
CA GLU I 22 -8.21 28.22 -91.64
C GLU I 22 -8.05 29.73 -91.52
N GLN I 23 -7.90 30.43 -92.66
CA GLN I 23 -7.71 31.87 -92.59
C GLN I 23 -8.94 32.59 -92.08
N LEU I 24 -10.13 32.05 -92.35
CA LEU I 24 -11.36 32.64 -91.81
C LEU I 24 -11.38 32.56 -90.29
N LYS I 25 -10.92 31.45 -89.73
CA LYS I 25 -10.81 31.33 -88.27
C LYS I 25 -9.82 32.34 -87.71
N ASN I 26 -8.70 32.56 -88.39
CA ASN I 26 -7.71 33.52 -87.94
C ASN I 26 -8.28 34.94 -87.95
N GLN I 27 -9.05 35.28 -88.99
CA GLN I 27 -9.67 36.59 -89.06
C GLN I 27 -10.66 36.79 -87.91
N ILE I 28 -11.45 35.76 -87.60
CA ILE I 28 -12.41 35.86 -86.50
C ILE I 28 -11.66 36.03 -85.17
N ARG I 29 -10.62 35.22 -84.95
CA ARG I 29 -9.89 35.28 -83.69
C ARG I 29 -9.23 36.63 -83.49
N ASP I 30 -8.60 37.16 -84.54
CA ASP I 30 -7.96 38.47 -84.43
C ASP I 30 -8.99 39.57 -84.19
N ALA I 31 -10.12 39.52 -84.90
CA ALA I 31 -11.17 40.51 -84.68
C ALA I 31 -11.78 40.35 -83.28
N ARG I 32 -11.98 39.10 -82.85
CA ARG I 32 -12.52 38.87 -81.52
C ARG I 32 -11.58 39.39 -80.43
N LYS I 33 -10.28 39.17 -80.60
CA LYS I 33 -9.30 39.65 -79.64
C LYS I 33 -9.14 41.15 -79.64
N ALA I 34 -9.35 41.80 -80.79
CA ALA I 34 -9.20 43.26 -80.86
C ALA I 34 -10.33 43.97 -80.13
N CYS I 35 -11.51 43.35 -80.06
CA CYS I 35 -12.64 43.97 -79.35
C CYS I 35 -12.44 43.95 -77.84
N ALA I 36 -11.63 43.00 -77.34
CA ALA I 36 -11.42 42.89 -75.91
C ALA I 36 -10.55 44.03 -75.40
N ASP I 37 -11.10 44.87 -74.53
CA ASP I 37 -10.37 45.94 -73.88
C ASP I 37 -10.19 45.72 -72.39
N ALA I 38 -11.21 45.21 -71.70
CA ALA I 38 -11.12 44.95 -70.27
C ALA I 38 -12.07 43.82 -69.93
N THR I 39 -11.61 42.91 -69.07
CA THR I 39 -12.41 41.77 -68.67
C THR I 39 -13.58 42.22 -67.80
N LEU I 40 -14.61 41.37 -67.73
CA LEU I 40 -15.78 41.68 -66.92
C LEU I 40 -15.41 41.82 -65.45
N SER I 41 -14.55 40.93 -64.94
CA SER I 41 -14.12 40.96 -63.55
C SER I 41 -13.22 42.14 -63.23
N GLN I 42 -12.78 42.88 -64.25
CA GLN I 42 -11.96 44.07 -64.07
C GLN I 42 -12.76 45.36 -64.03
N ILE I 43 -13.91 45.41 -64.69
CA ILE I 43 -14.75 46.61 -64.71
C ILE I 43 -15.64 46.73 -63.48
N THR I 44 -16.22 45.63 -63.01
CA THR I 44 -17.16 45.64 -61.89
C THR I 44 -16.45 45.33 -60.58
N ASN I 45 -15.18 45.72 -60.48
CA ASN I 45 -14.40 45.51 -59.27
C ASN I 45 -14.77 46.48 -58.16
N ASN I 46 -15.56 47.51 -58.46
CA ASN I 46 -16.01 48.47 -57.44
C ASN I 46 -17.42 48.20 -56.95
N ILE I 47 -18.12 47.21 -57.52
CA ILE I 47 -19.46 46.89 -57.07
C ILE I 47 -19.37 46.05 -55.80
N ASP I 48 -20.14 46.43 -54.78
CA ASP I 48 -20.07 45.74 -53.50
C ASP I 48 -20.58 44.31 -53.62
N PRO I 49 -19.99 43.36 -52.90
CA PRO I 49 -20.45 41.98 -52.98
C PRO I 49 -21.86 41.82 -52.42
N VAL I 50 -22.53 40.75 -52.87
CA VAL I 50 -23.89 40.47 -52.43
C VAL I 50 -23.93 39.71 -51.12
N GLY I 51 -22.78 39.45 -50.50
CA GLY I 51 -22.74 38.76 -49.23
C GLY I 51 -22.97 37.27 -49.35
N ARG I 52 -23.65 36.69 -48.36
CA ARG I 52 -23.94 35.26 -48.34
C ARG I 52 -25.43 35.06 -48.59
N ILE I 53 -25.74 34.28 -49.63
CA ILE I 53 -27.13 33.98 -49.97
C ILE I 53 -27.46 32.64 -49.32
N GLN I 54 -27.97 32.70 -48.09
CA GLN I 54 -28.38 31.50 -47.35
C GLN I 54 -29.83 31.20 -47.70
N MET I 55 -30.05 30.09 -48.39
CA MET I 55 -31.37 29.69 -48.85
C MET I 55 -31.81 28.43 -48.14
N ARG I 56 -33.04 28.44 -47.64
CA ARG I 56 -33.58 27.38 -46.79
C ARG I 56 -34.64 26.59 -47.54
N THR I 57 -34.65 25.28 -47.32
CA THR I 57 -35.62 24.41 -47.97
C THR I 57 -37.01 24.69 -47.42
N ARG I 58 -37.91 25.14 -48.29
CA ARG I 58 -39.28 25.44 -47.90
C ARG I 58 -40.25 24.29 -48.14
N ARG I 59 -40.07 23.56 -49.24
CA ARG I 59 -40.92 22.42 -49.57
C ARG I 59 -40.06 21.24 -49.97
N THR I 60 -40.60 20.04 -49.77
CA THR I 60 -39.98 18.80 -50.21
C THR I 60 -41.04 17.97 -50.93
N LEU I 61 -40.90 17.86 -52.24
CA LEU I 61 -41.90 17.17 -53.06
C LEU I 61 -41.48 15.71 -53.24
N ARG I 62 -42.27 14.80 -52.68
CA ARG I 62 -42.00 13.37 -52.73
C ARG I 62 -43.15 12.66 -53.42
N GLY I 63 -42.85 11.49 -53.98
CA GLY I 63 -43.83 10.72 -54.71
C GLY I 63 -43.23 10.00 -55.90
N HIS I 64 -42.08 10.47 -56.36
CA HIS I 64 -41.35 9.79 -57.43
C HIS I 64 -40.60 8.59 -56.86
N LEU I 65 -40.56 7.51 -57.62
CA LEU I 65 -39.94 6.26 -57.19
C LEU I 65 -38.73 5.90 -58.05
N ALA I 66 -38.08 6.90 -58.64
CA ALA I 66 -36.91 6.68 -59.49
C ALA I 66 -36.19 8.01 -59.65
N LYS I 67 -35.11 7.98 -60.43
CA LYS I 67 -34.32 9.18 -60.65
C LYS I 67 -35.12 10.24 -61.39
N ILE I 68 -34.94 11.50 -60.99
CA ILE I 68 -35.60 12.64 -61.61
C ILE I 68 -34.63 13.22 -62.64
N TYR I 69 -35.08 13.31 -63.89
CA TYR I 69 -34.21 13.75 -64.98
C TYR I 69 -34.55 15.12 -65.54
N ALA I 70 -35.75 15.63 -65.30
CA ALA I 70 -36.14 16.93 -65.84
C ALA I 70 -37.22 17.54 -64.97
N MET I 71 -37.38 18.85 -65.12
CA MET I 71 -38.37 19.62 -64.37
C MET I 71 -38.51 20.99 -65.02
N HIS I 72 -39.75 21.48 -65.09
CA HIS I 72 -40.02 22.79 -65.66
C HIS I 72 -41.05 23.50 -64.81
N TRP I 73 -40.87 24.82 -64.69
CA TRP I 73 -41.77 25.67 -63.93
C TRP I 73 -42.94 26.14 -64.78
N GLY I 74 -44.10 26.26 -64.15
CA GLY I 74 -45.24 26.87 -64.82
C GLY I 74 -45.08 28.37 -64.94
N THR I 75 -45.78 28.94 -65.93
CA THR I 75 -45.68 30.38 -66.16
C THR I 75 -46.26 31.20 -65.01
N ASP I 76 -47.11 30.60 -64.19
CA ASP I 76 -47.70 31.28 -63.04
C ASP I 76 -46.91 31.08 -61.77
N SER I 77 -45.76 30.40 -61.85
CA SER I 77 -44.86 30.20 -60.71
C SER I 77 -45.52 29.42 -59.57
N ARG I 78 -46.50 28.58 -59.90
CA ARG I 78 -47.17 27.80 -58.87
C ARG I 78 -47.23 26.31 -59.25
N LEU I 79 -47.25 26.01 -60.54
CA LEU I 79 -47.37 24.65 -61.01
C LEU I 79 -46.03 24.15 -61.56
N LEU I 80 -45.70 22.91 -61.19
CA LEU I 80 -44.47 22.27 -61.61
C LEU I 80 -44.78 21.01 -62.42
N VAL I 81 -43.76 20.51 -63.10
CA VAL I 81 -43.82 19.26 -63.83
C VAL I 81 -42.48 18.56 -63.67
N SER I 82 -42.50 17.23 -63.52
CA SER I 82 -41.28 16.47 -63.30
C SER I 82 -41.42 15.08 -63.90
N ALA I 83 -40.39 14.65 -64.61
CA ALA I 83 -40.35 13.34 -65.25
C ALA I 83 -39.31 12.47 -64.56
N SER I 84 -39.57 11.17 -64.47
CA SER I 84 -38.69 10.24 -63.78
C SER I 84 -38.63 8.92 -64.55
N GLN I 85 -37.64 8.11 -64.19
CA GLN I 85 -37.46 6.79 -64.79
C GLN I 85 -38.61 5.84 -64.51
N ASP I 86 -39.43 6.11 -63.50
CA ASP I 86 -40.54 5.22 -63.16
C ASP I 86 -41.64 5.23 -64.22
N GLY I 87 -41.60 6.15 -65.16
CA GLY I 87 -42.62 6.25 -66.19
C GLY I 87 -43.81 7.10 -65.82
N LYS I 88 -43.71 7.91 -64.78
CA LYS I 88 -44.81 8.75 -64.33
C LYS I 88 -44.47 10.22 -64.56
N LEU I 89 -45.49 10.99 -64.96
CA LEU I 89 -45.36 12.42 -65.16
C LEU I 89 -46.30 13.12 -64.17
N ILE I 90 -45.72 13.81 -63.20
CA ILE I 90 -46.48 14.40 -62.09
C ILE I 90 -46.46 15.92 -62.23
N ILE I 91 -47.62 16.52 -62.02
CA ILE I 91 -47.76 17.98 -61.99
C ILE I 91 -48.05 18.38 -60.55
N TRP I 92 -47.18 19.21 -59.98
CA TRP I 92 -47.25 19.56 -58.57
C TRP I 92 -47.85 20.95 -58.37
N ASP I 93 -48.55 21.11 -57.25
CA ASP I 93 -48.94 22.43 -56.77
C ASP I 93 -47.83 22.89 -55.81
N SER I 94 -46.97 23.79 -56.29
CA SER I 94 -45.76 24.15 -55.55
C SER I 94 -46.05 24.85 -54.23
N TYR I 95 -47.26 25.37 -54.02
CA TYR I 95 -47.57 26.05 -52.78
C TYR I 95 -48.00 25.06 -51.70
N THR I 96 -49.00 24.24 -51.98
CA THR I 96 -49.56 23.31 -51.01
C THR I 96 -49.08 21.88 -51.19
N THR I 97 -48.12 21.64 -52.09
CA THR I 97 -47.52 20.33 -52.31
C THR I 97 -48.57 19.27 -52.66
N ASN I 98 -49.57 19.66 -53.44
CA ASN I 98 -50.57 18.73 -53.94
C ASN I 98 -50.22 18.28 -55.36
N LYS I 99 -50.61 17.05 -55.69
CA LYS I 99 -50.40 16.49 -57.02
C LYS I 99 -51.64 16.77 -57.86
N VAL I 100 -51.49 17.60 -58.89
CA VAL I 100 -52.63 17.96 -59.73
C VAL I 100 -52.89 16.88 -60.76
N HIS I 101 -51.85 16.41 -61.45
CA HIS I 101 -51.98 15.42 -62.49
C HIS I 101 -50.90 14.36 -62.33
N ALA I 102 -51.19 13.17 -62.83
CA ALA I 102 -50.23 12.07 -62.88
C ALA I 102 -50.40 11.36 -64.22
N ILE I 103 -49.44 11.56 -65.12
CA ILE I 103 -49.55 11.09 -66.50
C ILE I 103 -48.61 9.90 -66.66
N PRO I 104 -49.14 8.69 -66.95
CA PRO I 104 -48.27 7.54 -67.20
C PRO I 104 -47.70 7.59 -68.61
N LEU I 105 -46.38 7.50 -68.71
CA LEU I 105 -45.72 7.55 -70.00
C LEU I 105 -45.68 6.16 -70.65
N ARG I 106 -45.46 6.14 -71.97
CA ARG I 106 -45.31 4.88 -72.67
C ARG I 106 -43.93 4.28 -72.47
N SER I 107 -42.88 5.11 -72.57
CA SER I 107 -41.52 4.68 -72.37
C SER I 107 -40.99 5.27 -71.07
N SER I 108 -40.39 4.41 -70.24
CA SER I 108 -39.86 4.83 -68.94
C SER I 108 -38.57 5.62 -69.05
N TRP I 109 -37.95 5.67 -70.23
CA TRP I 109 -36.69 6.35 -70.43
C TRP I 109 -36.95 7.76 -70.95
N VAL I 110 -37.19 8.67 -70.01
CA VAL I 110 -37.45 10.08 -70.30
C VAL I 110 -36.26 10.90 -69.82
N MET I 111 -35.74 11.75 -70.69
CA MET I 111 -34.56 12.55 -70.40
C MET I 111 -34.85 14.04 -70.32
N THR I 112 -35.97 14.50 -70.84
CA THR I 112 -36.32 15.91 -70.79
C THR I 112 -37.82 16.05 -70.66
N CYS I 113 -38.26 17.20 -70.17
CA CYS I 113 -39.69 17.34 -69.94
C CYS I 113 -40.04 18.82 -69.76
N ALA I 114 -40.94 19.34 -70.60
CA ALA I 114 -41.18 20.77 -70.70
C ALA I 114 -42.63 21.10 -70.35
N TYR I 115 -42.85 22.38 -70.06
CA TYR I 115 -44.17 22.90 -69.69
C TYR I 115 -44.53 24.06 -70.62
N ALA I 116 -45.77 24.06 -71.09
CA ALA I 116 -46.20 25.08 -72.04
C ALA I 116 -46.31 26.44 -71.37
N PRO I 117 -46.05 27.53 -72.11
CA PRO I 117 -46.19 28.87 -71.52
C PRO I 117 -47.63 29.25 -71.21
N SER I 118 -48.62 28.56 -71.78
CA SER I 118 -50.02 28.85 -71.51
C SER I 118 -50.64 27.91 -70.48
N GLY I 119 -49.93 26.83 -70.10
CA GLY I 119 -50.44 25.88 -69.16
C GLY I 119 -51.41 24.86 -69.73
N ASN I 120 -51.65 24.89 -71.05
CA ASN I 120 -52.61 23.98 -71.67
C ASN I 120 -52.01 22.63 -72.01
N TYR I 121 -50.75 22.60 -72.44
CA TYR I 121 -50.11 21.39 -72.91
C TYR I 121 -48.86 21.08 -72.07
N VAL I 122 -48.35 19.86 -72.26
CA VAL I 122 -47.09 19.45 -71.66
C VAL I 122 -46.40 18.46 -72.59
N ALA I 123 -45.20 18.83 -73.05
CA ALA I 123 -44.39 17.97 -73.90
C ALA I 123 -43.26 17.39 -73.07
N CYS I 124 -43.06 16.08 -73.20
CA CYS I 124 -42.19 15.41 -72.24
C CYS I 124 -41.73 14.10 -72.86
N GLY I 125 -40.46 14.02 -73.23
CA GLY I 125 -39.95 12.91 -74.02
C GLY I 125 -38.52 12.56 -73.64
N GLY I 126 -37.96 11.57 -74.34
CA GLY I 126 -36.67 11.02 -73.96
C GLY I 126 -36.04 10.06 -74.95
N LEU I 127 -35.52 8.94 -74.44
CA LEU I 127 -34.75 7.99 -75.23
C LEU I 127 -35.56 7.31 -76.33
N ASP I 128 -36.88 7.44 -76.32
CA ASP I 128 -37.72 6.81 -77.33
C ASP I 128 -37.70 7.56 -78.66
N ASN I 129 -36.88 8.60 -78.79
CA ASN I 129 -36.72 9.36 -80.03
C ASN I 129 -38.00 10.08 -80.45
N ILE I 130 -38.97 10.18 -79.55
CA ILE I 130 -40.28 10.75 -79.86
C ILE I 130 -40.61 11.80 -78.81
N CYS I 131 -41.09 12.96 -79.27
CA CYS I 131 -41.53 14.04 -78.37
C CYS I 131 -43.03 13.92 -78.22
N SER I 132 -43.47 13.41 -77.08
CA SER I 132 -44.90 13.24 -76.82
C SER I 132 -45.47 14.50 -76.18
N ILE I 133 -46.60 14.95 -76.70
CA ILE I 133 -47.26 16.17 -76.22
C ILE I 133 -48.61 15.78 -75.66
N TYR I 134 -48.88 16.20 -74.43
CA TYR I 134 -50.09 15.84 -73.71
C TYR I 134 -50.96 17.07 -73.49
N ASN I 135 -52.27 16.88 -73.61
CA ASN I 135 -53.24 17.96 -73.43
C ASN I 135 -53.85 17.85 -72.03
N LEU I 136 -53.77 18.93 -71.26
CA LEU I 136 -54.27 18.93 -69.89
C LEU I 136 -55.71 19.40 -69.79
N LYS I 137 -56.10 20.41 -70.57
CA LYS I 137 -57.45 20.97 -70.52
C LYS I 137 -58.34 20.28 -71.55
N THR I 138 -58.66 19.03 -71.25
CA THR I 138 -59.55 18.24 -72.09
C THR I 138 -60.96 18.21 -71.50
N ARG I 139 -61.94 18.03 -72.39
CA ARG I 139 -63.34 17.99 -72.00
C ARG I 139 -63.73 16.68 -71.32
N GLU I 140 -62.94 15.63 -71.49
CA GLU I 140 -63.24 14.32 -70.90
C GLU I 140 -62.70 14.17 -69.48
N GLY I 141 -61.94 15.15 -68.99
CA GLY I 141 -61.43 15.12 -67.63
C GLY I 141 -60.10 14.43 -67.44
N ASN I 142 -59.57 13.79 -68.48
CA ASN I 142 -58.30 13.09 -68.40
C ASN I 142 -57.26 13.76 -69.30
N VAL I 143 -56.02 13.32 -69.15
CA VAL I 143 -54.91 13.83 -69.95
C VAL I 143 -54.62 12.84 -71.06
N ARG I 144 -54.66 13.30 -72.29
CA ARG I 144 -54.47 12.46 -73.47
C ARG I 144 -53.24 12.90 -74.25
N VAL I 145 -52.69 11.97 -75.02
CA VAL I 145 -51.53 12.24 -75.86
C VAL I 145 -52.04 12.91 -77.13
N SER I 146 -51.89 14.23 -77.22
CA SER I 146 -52.41 14.96 -78.37
C SER I 146 -51.64 14.60 -79.64
N ARG I 147 -50.31 14.66 -79.59
CA ARG I 147 -49.48 14.39 -80.76
C ARG I 147 -48.17 13.76 -80.31
N GLU I 148 -47.66 12.83 -81.12
CA GLU I 148 -46.35 12.23 -80.93
C GLU I 148 -45.47 12.62 -82.11
N LEU I 149 -44.44 13.42 -81.86
CA LEU I 149 -43.57 13.90 -82.92
C LEU I 149 -42.42 12.93 -83.14
N ALA I 150 -42.22 12.52 -84.39
CA ALA I 150 -41.17 11.58 -84.76
C ALA I 150 -40.37 12.14 -85.92
N GLY I 151 -39.13 11.68 -86.04
CA GLY I 151 -38.25 12.16 -87.08
C GLY I 151 -36.81 12.31 -86.62
N HIS I 152 -36.56 12.04 -85.35
CA HIS I 152 -35.21 12.09 -84.78
C HIS I 152 -34.67 10.68 -84.64
N THR I 153 -33.40 10.49 -85.01
CA THR I 153 -32.74 9.20 -84.94
C THR I 153 -31.86 9.07 -83.69
N GLY I 154 -31.98 10.00 -82.75
CA GLY I 154 -31.21 9.94 -81.52
C GLY I 154 -32.04 10.38 -80.36
N TYR I 155 -31.51 10.13 -79.16
CA TYR I 155 -32.22 10.46 -77.92
C TYR I 155 -32.52 11.95 -77.85
N LEU I 156 -33.66 12.29 -77.24
CA LEU I 156 -34.18 13.64 -77.23
C LEU I 156 -33.82 14.34 -75.93
N SER I 157 -33.63 15.66 -76.02
CA SER I 157 -33.26 16.44 -74.85
C SER I 157 -33.72 17.88 -75.03
N CYS I 158 -34.12 18.49 -73.92
CA CYS I 158 -34.48 19.91 -73.83
C CYS I 158 -35.53 20.31 -74.86
N CYS I 159 -36.73 19.74 -74.66
CA CYS I 159 -37.90 20.28 -75.33
C CYS I 159 -38.22 21.66 -74.79
N ARG I 160 -38.64 22.57 -75.67
CA ARG I 160 -38.99 23.92 -75.25
C ARG I 160 -40.15 24.41 -76.10
N PHE I 161 -41.25 24.77 -75.46
CA PHE I 161 -42.41 25.29 -76.16
C PHE I 161 -42.18 26.74 -76.59
N LEU I 162 -42.49 27.03 -77.85
CA LEU I 162 -42.57 28.40 -78.34
C LEU I 162 -43.97 28.99 -78.15
N ASP I 163 -44.98 28.28 -78.65
CA ASP I 163 -46.38 28.65 -78.47
C ASP I 163 -47.14 27.36 -78.17
N ASP I 164 -48.47 27.42 -78.26
CA ASP I 164 -49.28 26.22 -78.09
C ASP I 164 -49.23 25.30 -79.30
N ASN I 165 -48.63 25.74 -80.41
CA ASN I 165 -48.59 24.97 -81.64
C ASN I 165 -47.20 25.03 -82.29
N GLN I 166 -46.15 25.17 -81.48
CA GLN I 166 -44.80 25.31 -82.02
C GLN I 166 -43.81 24.98 -80.92
N ILE I 167 -42.90 24.04 -81.17
CA ILE I 167 -41.97 23.56 -80.17
C ILE I 167 -40.61 23.30 -80.82
N VAL I 168 -39.54 23.59 -80.08
CA VAL I 168 -38.18 23.31 -80.51
C VAL I 168 -37.64 22.14 -79.68
N THR I 169 -37.00 21.20 -80.35
CA THR I 169 -36.46 20.01 -79.71
C THR I 169 -34.99 19.82 -80.08
N SER I 170 -34.27 19.11 -79.21
CA SER I 170 -32.86 18.78 -79.43
C SER I 170 -32.65 17.29 -79.28
N SER I 171 -31.74 16.75 -80.09
CA SER I 171 -31.47 15.32 -80.10
C SER I 171 -29.98 15.06 -80.20
N GLY I 172 -29.62 13.79 -80.14
CA GLY I 172 -28.26 13.33 -80.30
C GLY I 172 -27.79 13.21 -81.74
N ASP I 173 -28.64 13.59 -82.69
CA ASP I 173 -28.29 13.58 -84.11
C ASP I 173 -27.40 14.75 -84.51
N THR I 174 -26.80 15.45 -83.54
CA THR I 174 -26.01 16.65 -83.77
C THR I 174 -26.82 17.77 -84.40
N THR I 175 -28.15 17.74 -84.24
CA THR I 175 -29.02 18.72 -84.86
C THR I 175 -30.23 18.97 -83.95
N CYS I 176 -30.82 20.15 -84.09
CA CYS I 176 -32.08 20.48 -83.44
C CYS I 176 -33.16 20.71 -84.49
N ALA I 177 -34.41 20.66 -84.04
CA ALA I 177 -35.54 20.72 -84.95
C ALA I 177 -36.59 21.68 -84.43
N LEU I 178 -37.32 22.29 -85.36
CA LEU I 178 -38.47 23.14 -85.06
C LEU I 178 -39.71 22.46 -85.61
N TRP I 179 -40.69 22.24 -84.74
CA TRP I 179 -41.85 21.41 -85.07
C TRP I 179 -43.12 22.26 -85.15
N ASP I 180 -44.12 21.69 -85.82
CA ASP I 180 -45.47 22.24 -85.86
C ASP I 180 -46.40 21.18 -85.31
N ILE I 181 -46.97 21.45 -84.12
CA ILE I 181 -47.73 20.42 -83.40
C ILE I 181 -49.00 20.04 -84.16
N GLU I 182 -49.62 21.02 -84.82
CA GLU I 182 -50.87 20.75 -85.53
C GLU I 182 -50.67 19.73 -86.65
N THR I 183 -49.84 20.08 -87.63
CA THR I 183 -49.59 19.17 -88.75
C THR I 183 -48.76 17.97 -88.30
N GLY I 184 -47.74 18.20 -87.49
CA GLY I 184 -46.85 17.16 -87.05
C GLY I 184 -45.57 17.03 -87.84
N GLN I 185 -45.30 17.92 -88.77
CA GLN I 185 -44.12 17.85 -89.62
C GLN I 185 -43.03 18.77 -89.10
N GLN I 186 -41.78 18.39 -89.39
CA GLN I 186 -40.62 19.16 -88.95
C GLN I 186 -40.47 20.38 -89.85
N THR I 187 -40.90 21.54 -89.35
CA THR I 187 -40.88 22.75 -90.16
C THR I 187 -39.45 23.16 -90.51
N THR I 188 -38.56 23.19 -89.53
CA THR I 188 -37.19 23.62 -89.73
C THR I 188 -36.24 22.67 -89.02
N THR I 189 -35.07 22.46 -89.62
CA THR I 189 -34.01 21.65 -89.05
C THR I 189 -32.74 22.47 -88.99
N PHE I 190 -32.10 22.49 -87.82
CA PHE I 190 -30.89 23.27 -87.61
C PHE I 190 -29.70 22.31 -87.49
N THR I 191 -28.75 22.44 -88.41
CA THR I 191 -27.57 21.59 -88.44
C THR I 191 -26.31 22.42 -88.31
N GLY I 192 -25.23 21.76 -87.93
CA GLY I 192 -23.94 22.42 -87.78
C GLY I 192 -23.10 21.88 -86.65
N HIS I 193 -23.73 21.21 -85.69
CA HIS I 193 -22.99 20.62 -84.58
C HIS I 193 -22.27 19.35 -85.03
N THR I 194 -21.17 19.04 -84.34
CA THR I 194 -20.38 17.84 -84.61
C THR I 194 -20.40 16.90 -83.40
N GLY I 195 -21.49 16.89 -82.67
CA GLY I 195 -21.62 16.03 -81.50
C GLY I 195 -23.04 16.12 -80.97
N ASP I 196 -23.33 15.23 -80.02
CA ASP I 196 -24.67 15.19 -79.45
C ASP I 196 -25.01 16.52 -78.78
N VAL I 197 -26.19 17.03 -79.08
CA VAL I 197 -26.64 18.29 -78.51
C VAL I 197 -27.40 17.99 -77.23
N MET I 198 -26.88 18.50 -76.10
CA MET I 198 -27.37 18.12 -74.79
C MET I 198 -28.38 19.10 -74.20
N SER I 199 -28.44 20.33 -74.69
CA SER I 199 -29.34 21.31 -74.07
C SER I 199 -29.62 22.44 -75.04
N LEU I 200 -30.73 23.13 -74.79
CA LEU I 200 -31.05 24.37 -75.48
C LEU I 200 -31.90 25.22 -74.56
N SER I 201 -31.92 26.52 -74.82
CA SER I 201 -32.71 27.47 -74.06
C SER I 201 -33.28 28.52 -75.00
N LEU I 202 -34.51 28.94 -74.76
CA LEU I 202 -35.18 29.91 -75.61
C LEU I 202 -35.02 31.31 -75.05
N ALA I 203 -34.70 32.26 -75.92
CA ALA I 203 -34.50 33.64 -75.50
C ALA I 203 -35.83 34.26 -75.09
N PRO I 204 -35.79 35.28 -74.22
CA PRO I 204 -37.04 35.94 -73.81
C PRO I 204 -37.83 36.52 -74.98
N ASP I 205 -37.16 37.04 -76.01
CA ASP I 205 -37.85 37.58 -77.17
C ASP I 205 -38.30 36.50 -78.15
N THR I 206 -38.22 35.22 -77.74
CA THR I 206 -38.77 34.07 -78.47
C THR I 206 -38.45 34.09 -79.97
N ARG I 207 -37.33 34.70 -80.35
CA ARG I 207 -36.89 34.74 -81.73
C ARG I 207 -35.51 34.15 -81.95
N LEU I 208 -34.80 33.81 -80.88
CA LEU I 208 -33.48 33.19 -80.99
C LEU I 208 -33.33 32.16 -79.88
N PHE I 209 -32.38 31.25 -80.07
CA PHE I 209 -32.09 30.26 -79.04
C PHE I 209 -30.66 29.75 -79.25
N VAL I 210 -30.09 29.21 -78.18
CA VAL I 210 -28.74 28.69 -78.18
C VAL I 210 -28.78 27.22 -77.75
N SER I 211 -27.96 26.40 -78.38
CA SER I 211 -27.90 24.97 -78.09
C SER I 211 -26.47 24.58 -77.74
N GLY I 212 -26.32 23.86 -76.63
CA GLY I 212 -25.03 23.35 -76.21
C GLY I 212 -24.91 21.87 -76.57
N ALA I 213 -23.82 21.53 -77.24
CA ALA I 213 -23.60 20.19 -77.75
C ALA I 213 -22.36 19.57 -77.10
N CYS I 214 -22.05 18.35 -77.53
CA CYS I 214 -20.94 17.59 -76.99
C CYS I 214 -19.60 17.94 -77.63
N ASP I 215 -19.59 18.80 -78.66
CA ASP I 215 -18.37 19.23 -79.30
C ASP I 215 -17.73 20.42 -78.61
N ALA I 216 -18.08 20.67 -77.34
CA ALA I 216 -17.53 21.77 -76.56
C ALA I 216 -17.76 23.11 -77.25
N SER I 217 -18.94 23.28 -77.84
CA SER I 217 -19.28 24.53 -78.52
C SER I 217 -20.78 24.76 -78.41
N ALA I 218 -21.15 26.01 -78.15
CA ALA I 218 -22.53 26.45 -78.16
C ALA I 218 -22.69 27.55 -79.19
N LYS I 219 -23.69 27.41 -80.05
CA LYS I 219 -23.86 28.31 -81.18
C LYS I 219 -25.28 28.86 -81.24
N LEU I 220 -25.40 30.14 -81.55
CA LEU I 220 -26.67 30.85 -81.57
C LEU I 220 -27.38 30.60 -82.89
N TRP I 221 -28.65 30.23 -82.80
CA TRP I 221 -29.47 29.88 -83.96
C TRP I 221 -30.70 30.79 -84.06
N ASP I 222 -31.15 30.99 -85.30
CA ASP I 222 -32.32 31.80 -85.58
C ASP I 222 -33.50 30.88 -85.88
N VAL I 223 -34.60 31.08 -85.15
CA VAL I 223 -35.78 30.22 -85.33
C VAL I 223 -36.50 30.51 -86.64
N ARG I 224 -36.45 31.75 -87.13
CA ARG I 224 -37.18 32.12 -88.35
C ARG I 224 -36.43 31.73 -89.61
N GLU I 225 -35.11 31.89 -89.62
CA GLU I 225 -34.31 31.62 -90.82
C GLU I 225 -33.56 30.30 -90.78
N GLY I 226 -33.40 29.70 -89.61
CA GLY I 226 -32.61 28.48 -89.50
C GLY I 226 -31.14 28.68 -89.83
N MET I 227 -30.55 29.77 -89.34
CA MET I 227 -29.18 30.13 -89.66
C MET I 227 -28.36 30.20 -88.38
N CYS I 228 -27.16 29.61 -88.40
CA CYS I 228 -26.23 29.69 -87.28
C CYS I 228 -25.59 31.07 -87.30
N ARG I 229 -26.19 32.00 -86.56
CA ARG I 229 -25.72 33.38 -86.58
C ARG I 229 -24.31 33.50 -85.99
N GLN I 230 -24.03 32.80 -84.90
CA GLN I 230 -22.74 32.89 -84.25
C GLN I 230 -22.47 31.60 -83.49
N THR I 231 -21.19 31.33 -83.26
CA THR I 231 -20.75 30.16 -82.50
C THR I 231 -19.82 30.62 -81.38
N PHE I 232 -19.82 29.87 -80.29
CA PHE I 232 -19.07 30.22 -79.09
C PHE I 232 -18.25 29.02 -78.65
N THR I 233 -16.98 29.26 -78.34
CA THR I 233 -16.05 28.21 -77.93
C THR I 233 -15.37 28.61 -76.63
N GLY I 234 -14.59 27.68 -76.08
CA GLY I 234 -13.84 27.95 -74.86
C GLY I 234 -13.84 26.79 -73.88
N HIS I 235 -14.90 26.00 -73.88
CA HIS I 235 -14.98 24.87 -72.97
C HIS I 235 -14.04 23.76 -73.40
N GLU I 236 -13.55 23.00 -72.42
CA GLU I 236 -12.66 21.88 -72.68
C GLU I 236 -13.40 20.55 -72.82
N SER I 237 -14.62 20.45 -72.28
CA SER I 237 -15.39 19.22 -72.38
C SER I 237 -16.78 19.51 -72.93
N ASP I 238 -17.64 18.48 -72.96
CA ASP I 238 -18.97 18.64 -73.52
C ASP I 238 -19.82 19.57 -72.66
N ILE I 239 -20.61 20.41 -73.32
CA ILE I 239 -21.51 21.33 -72.63
C ILE I 239 -22.77 20.57 -72.23
N ASN I 240 -23.17 20.71 -70.96
CA ASN I 240 -24.27 19.95 -70.41
C ASN I 240 -25.53 20.77 -70.16
N ALA I 241 -25.43 22.09 -70.04
CA ALA I 241 -26.59 22.93 -69.77
C ALA I 241 -26.32 24.32 -70.31
N ILE I 242 -27.40 25.09 -70.48
CA ILE I 242 -27.32 26.43 -71.03
C ILE I 242 -28.54 27.21 -70.60
N CYS I 243 -28.38 28.52 -70.44
CA CYS I 243 -29.48 29.41 -70.06
C CYS I 243 -29.09 30.85 -70.35
N PHE I 244 -30.05 31.62 -70.86
CA PHE I 244 -29.82 33.02 -71.20
C PHE I 244 -29.75 33.90 -69.96
N PHE I 245 -29.05 35.02 -70.10
CA PHE I 245 -29.21 36.13 -69.16
C PHE I 245 -30.62 36.68 -69.30
N PRO I 246 -31.21 37.22 -68.23
CA PRO I 246 -32.62 37.64 -68.30
C PRO I 246 -32.93 38.66 -69.39
N ASN I 247 -31.96 39.48 -69.81
CA ASN I 247 -32.22 40.47 -70.85
C ASN I 247 -32.08 39.90 -72.26
N GLY I 248 -31.71 38.63 -72.40
CA GLY I 248 -31.52 38.02 -73.71
C GLY I 248 -30.36 38.58 -74.49
N ASN I 249 -29.28 38.97 -73.81
CA ASN I 249 -28.07 39.43 -74.47
C ASN I 249 -26.83 38.63 -74.08
N ALA I 250 -26.98 37.62 -73.22
CA ALA I 250 -25.87 36.77 -72.80
C ALA I 250 -26.45 35.46 -72.30
N PHE I 251 -25.57 34.46 -72.18
CA PHE I 251 -26.00 33.17 -71.68
C PHE I 251 -24.84 32.51 -70.94
N ALA I 252 -25.19 31.55 -70.09
CA ALA I 252 -24.22 30.82 -69.29
C ALA I 252 -24.33 29.33 -69.58
N THR I 253 -23.19 28.65 -69.62
CA THR I 253 -23.13 27.24 -69.96
C THR I 253 -22.50 26.45 -68.81
N GLY I 254 -22.86 25.18 -68.73
CA GLY I 254 -22.25 24.27 -67.77
C GLY I 254 -21.74 23.02 -68.46
N SER I 255 -20.50 22.64 -68.18
CA SER I 255 -19.84 21.55 -68.89
C SER I 255 -19.35 20.50 -67.89
N ASP I 256 -18.89 19.37 -68.44
CA ASP I 256 -18.22 18.36 -67.63
C ASP I 256 -16.84 18.80 -67.18
N ASP I 257 -16.33 19.93 -67.69
CA ASP I 257 -15.05 20.50 -67.30
C ASP I 257 -15.11 21.11 -65.90
N ALA I 258 -16.24 21.02 -65.21
CA ALA I 258 -16.43 21.61 -63.88
C ALA I 258 -16.24 23.13 -63.90
N THR I 259 -16.55 23.75 -65.03
CA THR I 259 -16.43 25.19 -65.20
C THR I 259 -17.71 25.75 -65.80
N CYS I 260 -18.09 26.94 -65.38
CA CYS I 260 -19.19 27.69 -65.96
C CYS I 260 -18.64 28.95 -66.62
N ARG I 261 -19.25 29.32 -67.75
CA ARG I 261 -18.75 30.43 -68.55
C ARG I 261 -19.93 31.29 -68.99
N LEU I 262 -19.66 32.59 -69.15
CA LEU I 262 -20.66 33.56 -69.56
C LEU I 262 -20.25 34.17 -70.89
N PHE I 263 -21.05 33.93 -71.93
CA PHE I 263 -20.78 34.43 -73.27
C PHE I 263 -21.74 35.55 -73.62
N ASP I 264 -21.24 36.56 -74.32
CA ASP I 264 -22.03 37.71 -74.73
C ASP I 264 -22.32 37.61 -76.22
N LEU I 265 -23.60 37.73 -76.58
CA LEU I 265 -24.00 37.62 -77.97
C LEU I 265 -23.47 38.76 -78.83
N ARG I 266 -23.41 39.98 -78.29
CA ARG I 266 -22.95 41.12 -79.06
C ARG I 266 -21.44 41.16 -79.22
N ALA I 267 -20.69 40.76 -78.18
CA ALA I 267 -19.24 40.78 -78.26
C ALA I 267 -18.66 39.48 -78.82
N ASP I 268 -19.45 38.42 -78.90
CA ASP I 268 -19.03 37.10 -79.39
C ASP I 268 -17.86 36.52 -78.62
N GLN I 269 -17.65 36.94 -77.39
CA GLN I 269 -16.55 36.45 -76.57
C GLN I 269 -17.04 36.18 -75.16
N GLU I 270 -16.47 35.17 -74.52
CA GLU I 270 -16.80 34.87 -73.14
C GLU I 270 -16.36 36.03 -72.23
N LEU I 271 -17.14 36.27 -71.19
CA LEU I 271 -16.85 37.38 -70.28
C LEU I 271 -16.04 36.96 -69.07
N MET I 272 -16.44 35.89 -68.38
CA MET I 272 -15.71 35.40 -67.23
C MET I 272 -16.05 33.94 -67.00
N THR I 273 -15.21 33.29 -66.19
CA THR I 273 -15.35 31.88 -65.85
C THR I 273 -15.71 31.75 -64.38
N TYR I 274 -16.38 30.64 -64.05
CA TYR I 274 -16.90 30.40 -62.71
C TYR I 274 -16.33 29.10 -62.15
N SER I 275 -15.02 28.95 -62.28
CA SER I 275 -14.31 27.77 -61.81
C SER I 275 -13.79 27.98 -60.39
N HIS I 276 -13.90 26.94 -59.57
CA HIS I 276 -13.36 26.93 -58.22
C HIS I 276 -12.44 25.73 -58.07
N ASP I 277 -11.36 25.91 -57.31
CA ASP I 277 -10.36 24.85 -57.19
C ASP I 277 -10.90 23.62 -56.50
N ASN I 278 -11.91 23.78 -55.63
CA ASN I 278 -12.46 22.64 -54.90
C ASN I 278 -13.47 21.85 -55.72
N ILE I 279 -13.86 22.33 -56.89
CA ILE I 279 -14.85 21.66 -57.72
C ILE I 279 -14.15 20.68 -58.65
N ILE I 280 -14.59 19.43 -58.65
CA ILE I 280 -14.02 18.38 -59.49
C ILE I 280 -15.01 17.93 -60.56
N CYS I 281 -16.25 17.67 -60.16
CA CYS I 281 -17.26 17.13 -61.05
C CYS I 281 -17.90 18.24 -61.88
N GLY I 282 -18.44 17.85 -63.05
CA GLY I 282 -19.02 18.80 -63.98
C GLY I 282 -20.40 19.28 -63.58
N ILE I 283 -20.82 20.35 -64.25
CA ILE I 283 -22.11 20.99 -64.02
C ILE I 283 -23.19 20.23 -64.78
N THR I 284 -24.34 20.04 -64.14
CA THR I 284 -25.49 19.40 -64.77
C THR I 284 -26.54 20.38 -65.24
N SER I 285 -26.85 21.41 -64.45
CA SER I 285 -27.89 22.37 -64.79
C SER I 285 -27.38 23.78 -64.55
N VAL I 286 -27.94 24.72 -65.31
CA VAL I 286 -27.58 26.14 -65.19
C VAL I 286 -28.86 26.96 -65.21
N SER I 287 -28.95 27.92 -64.29
CA SER I 287 -30.13 28.78 -64.20
C SER I 287 -29.70 30.15 -63.69
N PHE I 288 -30.53 31.14 -63.97
CA PHE I 288 -30.29 32.52 -63.57
C PHE I 288 -31.41 32.99 -62.66
N SER I 289 -31.11 34.05 -61.90
CA SER I 289 -32.13 34.68 -61.07
C SER I 289 -32.90 35.70 -61.91
N LYS I 290 -33.96 36.26 -61.30
CA LYS I 290 -34.78 37.24 -62.01
C LYS I 290 -34.00 38.51 -62.32
N SER I 291 -33.01 38.85 -61.48
CA SER I 291 -32.22 40.05 -61.68
C SER I 291 -31.03 39.84 -62.61
N GLY I 292 -30.49 38.63 -62.67
CA GLY I 292 -29.31 38.37 -63.46
C GLY I 292 -28.03 38.61 -62.67
N ARG I 293 -28.04 38.22 -61.41
CA ARG I 293 -26.89 38.39 -60.54
C ARG I 293 -26.41 37.09 -59.91
N LEU I 294 -27.33 36.20 -59.54
CA LEU I 294 -26.99 34.90 -58.96
C LEU I 294 -27.14 33.85 -60.05
N LEU I 295 -26.04 33.16 -60.35
CA LEU I 295 -26.02 32.10 -61.34
C LEU I 295 -26.01 30.77 -60.60
N LEU I 296 -27.17 30.13 -60.53
CA LEU I 296 -27.28 28.85 -59.85
C LEU I 296 -26.88 27.72 -60.80
N ALA I 297 -26.10 26.78 -60.27
CA ALA I 297 -25.60 25.67 -61.07
C ALA I 297 -25.63 24.40 -60.24
N GLY I 298 -26.13 23.32 -60.84
CA GLY I 298 -26.17 22.02 -60.19
C GLY I 298 -24.94 21.20 -60.58
N TYR I 299 -24.37 20.52 -59.59
CA TYR I 299 -23.14 19.76 -59.77
C TYR I 299 -23.38 18.30 -59.48
N ASP I 300 -22.43 17.46 -59.89
CA ASP I 300 -22.56 16.03 -59.69
C ASP I 300 -22.20 15.58 -58.28
N ASP I 301 -21.63 16.47 -57.46
CA ASP I 301 -21.29 16.14 -56.09
C ASP I 301 -22.43 16.43 -55.11
N PHE I 302 -23.67 16.36 -55.58
CA PHE I 302 -24.90 16.31 -54.79
C PHE I 302 -25.34 17.67 -54.25
N ASN I 303 -24.59 18.75 -54.52
CA ASN I 303 -24.94 20.06 -53.99
C ASN I 303 -24.88 21.11 -55.09
N CYS I 304 -25.72 22.12 -54.97
CA CYS I 304 -25.75 23.24 -55.91
C CYS I 304 -25.02 24.44 -55.31
N ASN I 305 -24.35 25.20 -56.17
CA ASN I 305 -23.62 26.39 -55.75
C ASN I 305 -24.26 27.62 -56.37
N VAL I 306 -24.22 28.73 -55.64
CA VAL I 306 -24.74 30.01 -56.10
C VAL I 306 -23.54 30.90 -56.41
N TRP I 307 -23.42 31.31 -57.68
CA TRP I 307 -22.31 32.14 -58.12
C TRP I 307 -22.79 33.57 -58.37
N ASP I 308 -22.06 34.53 -57.83
CA ASP I 308 -22.30 35.93 -58.13
C ASP I 308 -21.81 36.16 -59.56
N ALA I 309 -22.76 36.34 -60.48
CA ALA I 309 -22.48 36.30 -61.91
C ALA I 309 -21.58 37.46 -62.37
N LEU I 310 -21.32 38.42 -61.48
CA LEU I 310 -20.47 39.55 -61.83
C LEU I 310 -19.08 39.49 -61.23
N LYS I 311 -18.88 38.75 -60.15
CA LYS I 311 -17.57 38.66 -59.51
C LYS I 311 -17.04 37.24 -59.38
N ALA I 312 -17.78 36.24 -59.85
CA ALA I 312 -17.37 34.84 -59.81
C ALA I 312 -17.03 34.41 -58.37
N ASP I 313 -17.83 34.87 -57.42
CA ASP I 313 -17.67 34.52 -56.01
C ASP I 313 -18.81 33.61 -55.59
N ARG I 314 -18.48 32.52 -54.88
CA ARG I 314 -19.49 31.61 -54.40
C ARG I 314 -20.31 32.26 -53.29
N ALA I 315 -21.53 32.69 -53.63
CA ALA I 315 -22.41 33.35 -52.67
C ALA I 315 -23.35 32.36 -52.00
N GLY I 316 -22.80 31.31 -51.42
CA GLY I 316 -23.58 30.33 -50.69
C GLY I 316 -23.69 29.03 -51.44
N VAL I 317 -24.16 28.01 -50.70
CA VAL I 317 -24.33 26.66 -51.24
C VAL I 317 -25.66 26.13 -50.74
N LEU I 318 -26.42 25.50 -51.65
CA LEU I 318 -27.72 24.94 -51.32
C LEU I 318 -27.62 23.62 -50.56
N ALA I 319 -26.87 22.66 -51.10
CA ALA I 319 -26.68 21.35 -50.48
C ALA I 319 -28.02 20.65 -50.25
N GLY I 320 -28.07 19.76 -49.27
CA GLY I 320 -29.32 19.10 -48.90
C GLY I 320 -29.64 17.80 -49.62
N HIS I 321 -29.41 17.77 -50.93
CA HIS I 321 -29.75 16.59 -51.72
C HIS I 321 -28.78 15.45 -51.42
N ASP I 322 -29.26 14.23 -51.66
CA ASP I 322 -28.48 13.03 -51.40
C ASP I 322 -27.78 12.48 -52.63
N ASN I 323 -28.29 12.77 -53.83
CA ASN I 323 -27.67 12.26 -55.06
C ASN I 323 -27.44 13.40 -56.05
N ARG I 324 -27.01 13.05 -57.26
CA ARG I 324 -26.68 14.07 -58.26
C ARG I 324 -27.90 14.92 -58.58
N VAL I 325 -27.70 16.24 -58.58
CA VAL I 325 -28.75 17.20 -58.94
C VAL I 325 -28.83 17.24 -60.45
N SER I 326 -29.99 16.84 -60.99
CA SER I 326 -30.12 16.69 -62.43
C SER I 326 -30.88 17.81 -63.11
N CYS I 327 -31.56 18.67 -62.36
CA CYS I 327 -32.35 19.74 -62.96
C CYS I 327 -32.48 20.90 -62.00
N LEU I 328 -32.51 22.11 -62.56
CA LEU I 328 -32.68 23.34 -61.80
C LEU I 328 -33.85 24.13 -62.39
N GLY I 329 -34.45 24.96 -61.55
CA GLY I 329 -35.56 25.79 -62.00
C GLY I 329 -35.82 26.98 -61.11
N VAL I 330 -35.95 28.16 -61.72
CA VAL I 330 -36.26 29.39 -61.03
C VAL I 330 -37.58 29.93 -61.56
N THR I 331 -38.47 30.30 -60.65
CA THR I 331 -39.79 30.79 -61.04
C THR I 331 -39.67 32.07 -61.85
N ASP I 332 -40.75 32.39 -62.58
CA ASP I 332 -40.77 33.59 -63.40
C ASP I 332 -40.65 34.84 -62.55
N ASP I 333 -41.34 34.87 -61.41
CA ASP I 333 -41.23 35.99 -60.49
C ASP I 333 -39.99 35.94 -59.61
N GLY I 334 -39.21 34.86 -59.69
CA GLY I 334 -37.99 34.74 -58.93
C GLY I 334 -38.18 34.49 -57.45
N MET I 335 -39.35 34.01 -57.04
CA MET I 335 -39.64 33.82 -55.63
C MET I 335 -38.97 32.59 -55.04
N ALA I 336 -38.69 31.57 -55.85
CA ALA I 336 -38.17 30.31 -55.32
C ALA I 336 -37.33 29.62 -56.38
N VAL I 337 -36.55 28.63 -55.93
CA VAL I 337 -35.73 27.80 -56.79
C VAL I 337 -36.06 26.35 -56.51
N ALA I 338 -36.35 25.59 -57.57
CA ALA I 338 -36.68 24.18 -57.47
C ALA I 338 -35.51 23.35 -57.98
N THR I 339 -35.16 22.30 -57.23
CA THR I 339 -34.08 21.41 -57.59
C THR I 339 -34.57 19.96 -57.57
N GLY I 340 -34.10 19.19 -58.54
CA GLY I 340 -34.40 17.78 -58.58
C GLY I 340 -33.13 16.96 -58.70
N SER I 341 -33.18 15.76 -58.13
CA SER I 341 -32.01 14.90 -58.05
C SER I 341 -32.41 13.46 -58.31
N TRP I 342 -31.40 12.58 -58.34
CA TRP I 342 -31.61 11.16 -58.58
C TRP I 342 -32.15 10.42 -57.37
N ASP I 343 -32.25 11.09 -56.22
CA ASP I 343 -32.80 10.46 -55.02
C ASP I 343 -34.33 10.52 -54.98
N SER I 344 -34.98 10.93 -56.07
CA SER I 344 -36.43 10.95 -56.19
C SER I 344 -37.08 11.95 -55.24
N PHE I 345 -36.49 13.14 -55.14
CA PHE I 345 -37.02 14.21 -54.31
C PHE I 345 -36.85 15.55 -55.02
N LEU I 346 -37.89 16.38 -54.97
CA LEU I 346 -37.80 17.76 -55.40
C LEU I 346 -37.82 18.67 -54.17
N LYS I 347 -36.92 19.64 -54.15
CA LYS I 347 -36.82 20.57 -53.03
C LYS I 347 -36.93 21.99 -53.54
N ILE I 348 -37.70 22.80 -52.83
CA ILE I 348 -37.97 24.19 -53.20
C ILE I 348 -37.28 25.09 -52.20
N TRP I 349 -36.42 25.98 -52.70
CA TRP I 349 -35.58 26.82 -51.87
C TRP I 349 -35.99 28.28 -52.01
N ASN I 350 -35.65 29.06 -50.99
CA ASN I 350 -35.96 30.49 -50.99
C ASN I 350 -34.98 31.24 -50.08
N ILE J 9 -15.43 16.46 -100.69
CA ILE J 9 -15.31 17.70 -101.45
C ILE J 9 -16.62 18.47 -101.39
N ALA J 10 -17.73 17.76 -101.24
CA ALA J 10 -19.05 18.35 -101.15
C ALA J 10 -19.52 18.54 -99.71
N GLN J 11 -18.70 18.16 -98.73
CA GLN J 11 -19.07 18.28 -97.32
C GLN J 11 -18.51 19.54 -96.67
N ALA J 12 -17.27 19.91 -96.98
CA ALA J 12 -16.65 21.10 -96.41
C ALA J 12 -16.93 22.36 -97.22
N ARG J 13 -17.64 22.24 -98.34
CA ARG J 13 -17.99 23.43 -99.12
C ARG J 13 -18.90 24.35 -98.32
N LYS J 14 -19.86 23.78 -97.59
CA LYS J 14 -20.75 24.58 -96.77
C LYS J 14 -20.05 25.06 -95.50
N LEU J 15 -18.96 24.40 -95.10
CA LEU J 15 -18.26 24.78 -93.88
C LEU J 15 -17.65 26.17 -94.02
N VAL J 16 -16.97 26.44 -95.15
CA VAL J 16 -16.39 27.76 -95.35
C VAL J 16 -17.48 28.81 -95.55
N GLU J 17 -18.62 28.40 -96.12
CA GLU J 17 -19.73 29.33 -96.28
C GLU J 17 -20.25 29.81 -94.94
N GLN J 18 -20.37 28.89 -93.97
CA GLN J 18 -20.81 29.28 -92.63
C GLN J 18 -19.82 30.22 -91.97
N LEU J 19 -18.51 29.94 -92.13
CA LEU J 19 -17.49 30.82 -91.54
C LEU J 19 -17.50 32.20 -92.18
N LYS J 20 -17.92 32.28 -93.45
CA LYS J 20 -18.01 33.58 -94.11
C LYS J 20 -19.07 34.46 -93.45
N MET J 21 -20.22 33.87 -93.11
CA MET J 21 -21.26 34.64 -92.43
C MET J 21 -20.91 34.92 -90.98
N GLU J 22 -20.23 33.99 -90.31
CA GLU J 22 -19.85 34.18 -88.92
C GLU J 22 -18.76 35.22 -88.73
N ALA J 23 -18.01 35.55 -89.77
CA ALA J 23 -16.96 36.56 -89.67
C ALA J 23 -17.48 37.97 -89.86
N ASN J 24 -18.55 38.15 -90.62
CA ASN J 24 -19.13 39.47 -90.88
C ASN J 24 -20.19 39.75 -89.82
N ILE J 25 -19.72 40.08 -88.63
CA ILE J 25 -20.59 40.39 -87.50
C ILE J 25 -20.19 41.74 -86.93
N ASP J 26 -21.15 42.63 -86.73
CA ASP J 26 -20.91 43.94 -86.14
C ASP J 26 -20.66 43.75 -84.65
N ARG J 27 -19.39 43.65 -84.27
CA ARG J 27 -19.01 43.35 -82.90
C ARG J 27 -18.92 44.61 -82.06
N ILE J 28 -19.06 44.45 -80.76
CA ILE J 28 -19.02 45.54 -79.80
C ILE J 28 -17.97 45.25 -78.75
N LYS J 29 -17.26 46.30 -78.32
CA LYS J 29 -16.23 46.14 -77.30
C LYS J 29 -16.82 45.53 -76.03
N VAL J 30 -16.05 44.64 -75.40
CA VAL J 30 -16.52 43.99 -74.18
C VAL J 30 -16.67 45.00 -73.06
N SER J 31 -15.94 46.12 -73.13
CA SER J 31 -16.06 47.16 -72.11
C SER J 31 -17.47 47.72 -72.08
N LYS J 32 -18.05 47.99 -73.25
CA LYS J 32 -19.43 48.45 -73.30
C LYS J 32 -20.40 47.33 -72.94
N ALA J 33 -20.14 46.11 -73.41
CA ALA J 33 -21.03 44.99 -73.11
C ALA J 33 -21.05 44.68 -71.61
N ALA J 34 -19.88 44.76 -70.96
CA ALA J 34 -19.83 44.50 -69.52
C ALA J 34 -20.63 45.53 -68.74
N ALA J 35 -20.56 46.81 -69.14
CA ALA J 35 -21.33 47.84 -68.47
C ALA J 35 -22.82 47.64 -68.66
N ASP J 36 -23.23 47.22 -69.87
CA ASP J 36 -24.65 47.02 -70.15
C ASP J 36 -25.23 45.90 -69.28
N LEU J 37 -24.48 44.80 -69.12
CA LEU J 37 -24.95 43.73 -68.25
C LEU J 37 -24.93 44.15 -66.79
N MET J 38 -24.01 45.04 -66.42
CA MET J 38 -23.98 45.56 -65.05
C MET J 38 -25.18 46.46 -64.78
N ALA J 39 -25.58 47.27 -65.77
CA ALA J 39 -26.70 48.17 -65.58
C ALA J 39 -28.01 47.41 -65.38
N TYR J 40 -28.22 46.34 -66.15
CA TYR J 40 -29.46 45.59 -66.06
C TYR J 40 -29.60 44.92 -64.69
N CYS J 41 -28.51 44.30 -64.20
CA CYS J 41 -28.56 43.64 -62.92
C CYS J 41 -28.70 44.62 -61.76
N GLU J 42 -28.31 45.88 -61.97
CA GLU J 42 -28.47 46.90 -60.95
C GLU J 42 -29.84 47.58 -61.03
N ALA J 43 -30.35 47.79 -62.24
CA ALA J 43 -31.68 48.36 -62.41
C ALA J 43 -32.75 47.44 -61.83
N HIS J 44 -32.86 46.22 -62.37
CA HIS J 44 -33.83 45.25 -61.88
C HIS J 44 -33.29 44.49 -60.68
N ALA J 45 -32.80 45.21 -59.67
CA ALA J 45 -32.27 44.59 -58.47
C ALA J 45 -33.23 44.63 -57.29
N LYS J 46 -34.15 45.59 -57.26
CA LYS J 46 -35.14 45.68 -56.20
C LYS J 46 -36.25 44.64 -56.34
N GLU J 47 -36.36 43.98 -57.49
CA GLU J 47 -37.42 43.02 -57.76
C GLU J 47 -36.90 41.59 -57.79
N ASP J 48 -35.82 41.32 -57.05
CA ASP J 48 -35.25 39.97 -56.97
C ASP J 48 -35.46 39.42 -55.57
N PRO J 49 -36.42 38.52 -55.35
CA PRO J 49 -36.62 37.97 -54.01
C PRO J 49 -35.55 36.99 -53.56
N LEU J 50 -34.56 36.72 -54.41
CA LEU J 50 -33.46 35.82 -54.08
C LEU J 50 -32.20 36.56 -53.67
N LEU J 51 -31.84 37.62 -54.40
CA LEU J 51 -30.70 38.44 -54.02
C LEU J 51 -30.93 39.12 -52.67
N THR J 52 -32.12 39.67 -52.47
CA THR J 52 -32.51 40.27 -51.20
C THR J 52 -33.69 39.50 -50.65
N PRO J 53 -33.61 38.96 -49.44
CA PRO J 53 -34.71 38.14 -48.92
C PRO J 53 -36.02 38.92 -48.86
N VAL J 54 -37.11 38.24 -49.22
CA VAL J 54 -38.44 38.84 -49.18
C VAL J 54 -38.92 38.84 -47.74
N PRO J 55 -39.73 39.81 -47.32
CA PRO J 55 -40.31 39.75 -45.97
C PRO J 55 -41.15 38.51 -45.79
N ALA J 56 -41.16 38.00 -44.55
CA ALA J 56 -41.88 36.76 -44.25
C ALA J 56 -43.38 36.89 -44.48
N SER J 57 -43.93 38.10 -44.44
CA SER J 57 -45.34 38.31 -44.72
C SER J 57 -45.66 38.30 -46.21
N GLU J 58 -44.65 38.38 -47.07
CA GLU J 58 -44.82 38.33 -48.52
C GLU J 58 -44.14 37.12 -49.12
N ASN J 59 -44.03 36.04 -48.35
CA ASN J 59 -43.35 34.82 -48.80
C ASN J 59 -44.38 33.72 -49.00
N PRO J 60 -44.74 33.40 -50.25
CA PRO J 60 -45.70 32.29 -50.46
C PRO J 60 -45.17 30.94 -50.04
N PHE J 61 -43.86 30.79 -49.87
CA PHE J 61 -43.27 29.51 -49.49
C PHE J 61 -42.80 29.53 -48.04
#